data_1TFU
# 
_entry.id   1TFU 
# 
_audit_conform.dict_name       mmcif_pdbx.dic 
_audit_conform.dict_version    5.386 
_audit_conform.dict_location   http://mmcif.pdb.org/dictionaries/ascii/mmcif_pdbx.dic 
# 
loop_
_database_2.database_id 
_database_2.database_code 
_database_2.pdbx_database_accession 
_database_2.pdbx_DOI 
PDB   1TFU         pdb_00001tfu 10.2210/pdb1tfu/pdb 
RCSB  RCSB022611   ?            ?                   
WWPDB D_1000022611 ?            ?                   
# 
loop_
_pdbx_audit_revision_history.ordinal 
_pdbx_audit_revision_history.data_content_type 
_pdbx_audit_revision_history.major_revision 
_pdbx_audit_revision_history.minor_revision 
_pdbx_audit_revision_history.revision_date 
1 'Structure model' 1 0 2004-09-14 
2 'Structure model' 1 1 2008-04-30 
3 'Structure model' 1 2 2011-07-13 
4 'Structure model' 1 3 2011-11-16 
5 'Structure model' 1 4 2024-02-14 
# 
_pdbx_audit_revision_details.ordinal             1 
_pdbx_audit_revision_details.revision_ordinal    1 
_pdbx_audit_revision_details.data_content_type   'Structure model' 
_pdbx_audit_revision_details.provider            repository 
_pdbx_audit_revision_details.type                'Initial release' 
_pdbx_audit_revision_details.description         ? 
_pdbx_audit_revision_details.details             ? 
# 
loop_
_pdbx_audit_revision_group.ordinal 
_pdbx_audit_revision_group.revision_ordinal 
_pdbx_audit_revision_group.data_content_type 
_pdbx_audit_revision_group.group 
1 2 'Structure model' 'Version format compliance' 
2 3 'Structure model' 'Derived calculations'      
3 3 'Structure model' 'Version format compliance' 
4 4 'Structure model' 'Atomic model'              
5 5 'Structure model' 'Data collection'           
6 5 'Structure model' 'Database references'       
# 
loop_
_pdbx_audit_revision_category.ordinal 
_pdbx_audit_revision_category.revision_ordinal 
_pdbx_audit_revision_category.data_content_type 
_pdbx_audit_revision_category.category 
1 5 'Structure model' chem_comp_atom 
2 5 'Structure model' chem_comp_bond 
3 5 'Structure model' database_2     
# 
loop_
_pdbx_audit_revision_item.ordinal 
_pdbx_audit_revision_item.revision_ordinal 
_pdbx_audit_revision_item.data_content_type 
_pdbx_audit_revision_item.item 
1 5 'Structure model' '_database_2.pdbx_DOI'                
2 5 'Structure model' '_database_2.pdbx_database_accession' 
# 
_pdbx_database_status.status_code                     REL 
_pdbx_database_status.entry_id                        1TFU 
_pdbx_database_status.recvd_initial_deposition_date   2004-05-27 
_pdbx_database_status.deposit_site                    RCSB 
_pdbx_database_status.process_site                    RCSB 
_pdbx_database_status.SG_entry                        Y 
_pdbx_database_status.status_code_sf                  ? 
_pdbx_database_status.status_code_mr                  ? 
_pdbx_database_status.pdb_format_compatible           Y 
_pdbx_database_status.status_code_cs                  ? 
_pdbx_database_status.status_code_nmr_data            ? 
_pdbx_database_status.methods_development_category    ? 
# 
_pdbx_database_related.db_name        TargetDB 
_pdbx_database_related.db_id          Rv2965c 
_pdbx_database_related.details        . 
_pdbx_database_related.content_type   unspecified 
# 
loop_
_audit_author.name 
_audit_author.pdbx_ordinal 
'Morris, V.K.'                              1 
'Izard, T.'                                 2 
'TB Structural Genomics Consortium (TBSGC)' 3 
# 
_citation.id                        primary 
_citation.title                     
;Substrate-induced asymmetry and channel closure revealed by the apoenzyme structure of Mycobacterium tuberculosis phosphopantetheine adenylyltransferase.
;
_citation.journal_abbrev            'Protein Sci.' 
_citation.journal_volume            13 
_citation.page_first                2547 
_citation.page_last                 2552 
_citation.year                      2004 
_citation.journal_id_ASTM           PRCIEI 
_citation.country                   US 
_citation.journal_id_ISSN           0961-8368 
_citation.journal_id_CSD            0795 
_citation.book_publisher            ? 
_citation.pdbx_database_id_PubMed   15322293 
_citation.pdbx_database_id_DOI      10.1110/ps.04816904 
# 
loop_
_citation_author.citation_id 
_citation_author.name 
_citation_author.ordinal 
_citation_author.identifier_ORCID 
primary 'Morris, V.K.' 1 ? 
primary 'Izard, T.'    2 ? 
# 
loop_
_entity.id 
_entity.type 
_entity.src_method 
_entity.pdbx_description 
_entity.formula_weight 
_entity.pdbx_number_of_molecules 
_entity.pdbx_ec 
_entity.pdbx_mutation 
_entity.pdbx_fragment 
_entity.details 
1 polymer man 'Phosphopantetheine adenylyltransferase' 17159.738 1   2.7.7.3 ? ? ? 
2 water   nat water                                    18.015    132 ?       ? ? ? 
# 
_entity_name_com.entity_id   1 
_entity_name_com.name        'Pantetheine- phosphate adenylyltransferase, PPAT, Dephospho-CoA pyrophosphorylase' 
# 
_entity_poly.entity_id                      1 
_entity_poly.type                           'polypeptide(L)' 
_entity_poly.nstd_linkage                   no 
_entity_poly.nstd_monomer                   no 
_entity_poly.pdbx_seq_one_letter_code       
;MTGAVCPGSFDPVTLGHVDIFERAAAQFDEVVVAILVNPAKTGMFDLDERIAMVKESTTHLPNLRVQVGHGLVVDFVRSC
GMTAIVKGLRTGTDFEYELQMAQMNKHIAGVDTFFVATAPRYSFVSSSLAKEVAMLGGDVSELLPEPVNRRLRDRLN
;
_entity_poly.pdbx_seq_one_letter_code_can   
;MTGAVCPGSFDPVTLGHVDIFERAAAQFDEVVVAILVNPAKTGMFDLDERIAMVKESTTHLPNLRVQVGHGLVVDFVRSC
GMTAIVKGLRTGTDFEYELQMAQMNKHIAGVDTFFVATAPRYSFVSSSLAKEVAMLGGDVSELLPEPVNRRLRDRLN
;
_entity_poly.pdbx_strand_id                 A 
_entity_poly.pdbx_target_identifier         Rv2965c 
# 
_pdbx_entity_nonpoly.entity_id   2 
_pdbx_entity_nonpoly.name        water 
_pdbx_entity_nonpoly.comp_id     HOH 
# 
loop_
_entity_poly_seq.entity_id 
_entity_poly_seq.num 
_entity_poly_seq.mon_id 
_entity_poly_seq.hetero 
1 1   MET n 
1 2   THR n 
1 3   GLY n 
1 4   ALA n 
1 5   VAL n 
1 6   CYS n 
1 7   PRO n 
1 8   GLY n 
1 9   SER n 
1 10  PHE n 
1 11  ASP n 
1 12  PRO n 
1 13  VAL n 
1 14  THR n 
1 15  LEU n 
1 16  GLY n 
1 17  HIS n 
1 18  VAL n 
1 19  ASP n 
1 20  ILE n 
1 21  PHE n 
1 22  GLU n 
1 23  ARG n 
1 24  ALA n 
1 25  ALA n 
1 26  ALA n 
1 27  GLN n 
1 28  PHE n 
1 29  ASP n 
1 30  GLU n 
1 31  VAL n 
1 32  VAL n 
1 33  VAL n 
1 34  ALA n 
1 35  ILE n 
1 36  LEU n 
1 37  VAL n 
1 38  ASN n 
1 39  PRO n 
1 40  ALA n 
1 41  LYS n 
1 42  THR n 
1 43  GLY n 
1 44  MET n 
1 45  PHE n 
1 46  ASP n 
1 47  LEU n 
1 48  ASP n 
1 49  GLU n 
1 50  ARG n 
1 51  ILE n 
1 52  ALA n 
1 53  MET n 
1 54  VAL n 
1 55  LYS n 
1 56  GLU n 
1 57  SER n 
1 58  THR n 
1 59  THR n 
1 60  HIS n 
1 61  LEU n 
1 62  PRO n 
1 63  ASN n 
1 64  LEU n 
1 65  ARG n 
1 66  VAL n 
1 67  GLN n 
1 68  VAL n 
1 69  GLY n 
1 70  HIS n 
1 71  GLY n 
1 72  LEU n 
1 73  VAL n 
1 74  VAL n 
1 75  ASP n 
1 76  PHE n 
1 77  VAL n 
1 78  ARG n 
1 79  SER n 
1 80  CYS n 
1 81  GLY n 
1 82  MET n 
1 83  THR n 
1 84  ALA n 
1 85  ILE n 
1 86  VAL n 
1 87  LYS n 
1 88  GLY n 
1 89  LEU n 
1 90  ARG n 
1 91  THR n 
1 92  GLY n 
1 93  THR n 
1 94  ASP n 
1 95  PHE n 
1 96  GLU n 
1 97  TYR n 
1 98  GLU n 
1 99  LEU n 
1 100 GLN n 
1 101 MET n 
1 102 ALA n 
1 103 GLN n 
1 104 MET n 
1 105 ASN n 
1 106 LYS n 
1 107 HIS n 
1 108 ILE n 
1 109 ALA n 
1 110 GLY n 
1 111 VAL n 
1 112 ASP n 
1 113 THR n 
1 114 PHE n 
1 115 PHE n 
1 116 VAL n 
1 117 ALA n 
1 118 THR n 
1 119 ALA n 
1 120 PRO n 
1 121 ARG n 
1 122 TYR n 
1 123 SER n 
1 124 PHE n 
1 125 VAL n 
1 126 SER n 
1 127 SER n 
1 128 SER n 
1 129 LEU n 
1 130 ALA n 
1 131 LYS n 
1 132 GLU n 
1 133 VAL n 
1 134 ALA n 
1 135 MET n 
1 136 LEU n 
1 137 GLY n 
1 138 GLY n 
1 139 ASP n 
1 140 VAL n 
1 141 SER n 
1 142 GLU n 
1 143 LEU n 
1 144 LEU n 
1 145 PRO n 
1 146 GLU n 
1 147 PRO n 
1 148 VAL n 
1 149 ASN n 
1 150 ARG n 
1 151 ARG n 
1 152 LEU n 
1 153 ARG n 
1 154 ASP n 
1 155 ARG n 
1 156 LEU n 
1 157 ASN n 
# 
_entity_src_gen.entity_id                          1 
_entity_src_gen.pdbx_src_id                        1 
_entity_src_gen.pdbx_alt_source_flag               sample 
_entity_src_gen.pdbx_seq_type                      ? 
_entity_src_gen.pdbx_beg_seq_num                   ? 
_entity_src_gen.pdbx_end_seq_num                   ? 
_entity_src_gen.gene_src_common_name               ? 
_entity_src_gen.gene_src_genus                     Mycobacterium 
_entity_src_gen.pdbx_gene_src_gene                 'COAD, KDTB, RV2965C, MT3043, MTCY349.22, U0002E, MB2989C' 
_entity_src_gen.gene_src_species                   ? 
_entity_src_gen.gene_src_strain                    ? 
_entity_src_gen.gene_src_tissue                    ? 
_entity_src_gen.gene_src_tissue_fraction           ? 
_entity_src_gen.gene_src_details                   ? 
_entity_src_gen.pdbx_gene_src_fragment             ? 
_entity_src_gen.pdbx_gene_src_scientific_name      'Mycobacterium tuberculosis' 
_entity_src_gen.pdbx_gene_src_ncbi_taxonomy_id     1773 
_entity_src_gen.pdbx_gene_src_variant              ? 
_entity_src_gen.pdbx_gene_src_cell_line            ? 
_entity_src_gen.pdbx_gene_src_atcc                 ? 
_entity_src_gen.pdbx_gene_src_organ                ? 
_entity_src_gen.pdbx_gene_src_organelle            ? 
_entity_src_gen.pdbx_gene_src_cell                 ? 
_entity_src_gen.pdbx_gene_src_cellular_location    ? 
_entity_src_gen.host_org_common_name               ? 
_entity_src_gen.pdbx_host_org_scientific_name      'Escherichia coli' 
_entity_src_gen.pdbx_host_org_ncbi_taxonomy_id     562 
_entity_src_gen.host_org_genus                     Escherichia 
_entity_src_gen.pdbx_host_org_gene                 ? 
_entity_src_gen.pdbx_host_org_organ                ? 
_entity_src_gen.host_org_species                   ? 
_entity_src_gen.pdbx_host_org_tissue               ? 
_entity_src_gen.pdbx_host_org_tissue_fraction      ? 
_entity_src_gen.pdbx_host_org_strain               ? 
_entity_src_gen.pdbx_host_org_variant              ? 
_entity_src_gen.pdbx_host_org_cell_line            'BL21 (DE3)' 
_entity_src_gen.pdbx_host_org_atcc                 ? 
_entity_src_gen.pdbx_host_org_culture_collection   ? 
_entity_src_gen.pdbx_host_org_cell                 ? 
_entity_src_gen.pdbx_host_org_organelle            ? 
_entity_src_gen.pdbx_host_org_cellular_location    ? 
_entity_src_gen.pdbx_host_org_vector_type          ? 
_entity_src_gen.pdbx_host_org_vector               pET3d 
_entity_src_gen.host_org_details                   ? 
_entity_src_gen.expression_system_id               ? 
_entity_src_gen.plasmid_name                       ? 
_entity_src_gen.plasmid_details                    ? 
_entity_src_gen.pdbx_description                   ? 
# 
loop_
_chem_comp.id 
_chem_comp.type 
_chem_comp.mon_nstd_flag 
_chem_comp.name 
_chem_comp.pdbx_synonyms 
_chem_comp.formula 
_chem_comp.formula_weight 
ALA 'L-peptide linking' y ALANINE         ? 'C3 H7 N O2'     89.093  
ARG 'L-peptide linking' y ARGININE        ? 'C6 H15 N4 O2 1' 175.209 
ASN 'L-peptide linking' y ASPARAGINE      ? 'C4 H8 N2 O3'    132.118 
ASP 'L-peptide linking' y 'ASPARTIC ACID' ? 'C4 H7 N O4'     133.103 
CYS 'L-peptide linking' y CYSTEINE        ? 'C3 H7 N O2 S'   121.158 
GLN 'L-peptide linking' y GLUTAMINE       ? 'C5 H10 N2 O3'   146.144 
GLU 'L-peptide linking' y 'GLUTAMIC ACID' ? 'C5 H9 N O4'     147.129 
GLY 'peptide linking'   y GLYCINE         ? 'C2 H5 N O2'     75.067  
HIS 'L-peptide linking' y HISTIDINE       ? 'C6 H10 N3 O2 1' 156.162 
HOH non-polymer         . WATER           ? 'H2 O'           18.015  
ILE 'L-peptide linking' y ISOLEUCINE      ? 'C6 H13 N O2'    131.173 
LEU 'L-peptide linking' y LEUCINE         ? 'C6 H13 N O2'    131.173 
LYS 'L-peptide linking' y LYSINE          ? 'C6 H15 N2 O2 1' 147.195 
MET 'L-peptide linking' y METHIONINE      ? 'C5 H11 N O2 S'  149.211 
PHE 'L-peptide linking' y PHENYLALANINE   ? 'C9 H11 N O2'    165.189 
PRO 'L-peptide linking' y PROLINE         ? 'C5 H9 N O2'     115.130 
SER 'L-peptide linking' y SERINE          ? 'C3 H7 N O3'     105.093 
THR 'L-peptide linking' y THREONINE       ? 'C4 H9 N O3'     119.119 
TYR 'L-peptide linking' y TYROSINE        ? 'C9 H11 N O3'    181.189 
VAL 'L-peptide linking' y VALINE          ? 'C5 H11 N O2'    117.146 
# 
loop_
_pdbx_poly_seq_scheme.asym_id 
_pdbx_poly_seq_scheme.entity_id 
_pdbx_poly_seq_scheme.seq_id 
_pdbx_poly_seq_scheme.mon_id 
_pdbx_poly_seq_scheme.ndb_seq_num 
_pdbx_poly_seq_scheme.pdb_seq_num 
_pdbx_poly_seq_scheme.auth_seq_num 
_pdbx_poly_seq_scheme.pdb_mon_id 
_pdbx_poly_seq_scheme.auth_mon_id 
_pdbx_poly_seq_scheme.pdb_strand_id 
_pdbx_poly_seq_scheme.pdb_ins_code 
_pdbx_poly_seq_scheme.hetero 
A 1 1   MET 1   1   1   MET MET A . n 
A 1 2   THR 2   2   2   THR THR A . n 
A 1 3   GLY 3   3   3   GLY GLY A . n 
A 1 4   ALA 4   4   4   ALA ALA A . n 
A 1 5   VAL 5   5   5   VAL VAL A . n 
A 1 6   CYS 6   6   6   CYS CYS A . n 
A 1 7   PRO 7   7   7   PRO PRO A . n 
A 1 8   GLY 8   8   8   GLY GLY A . n 
A 1 9   SER 9   9   9   SER SER A . n 
A 1 10  PHE 10  10  10  PHE PHE A . n 
A 1 11  ASP 11  11  11  ASP ASP A . n 
A 1 12  PRO 12  12  12  PRO CPR A . n 
A 1 13  VAL 13  13  13  VAL VAL A . n 
A 1 14  THR 14  14  14  THR THR A . n 
A 1 15  LEU 15  15  15  LEU LEU A . n 
A 1 16  GLY 16  16  16  GLY GLY A . n 
A 1 17  HIS 17  17  17  HIS HIS A . n 
A 1 18  VAL 18  18  18  VAL VAL A . n 
A 1 19  ASP 19  19  19  ASP ASP A . n 
A 1 20  ILE 20  20  20  ILE ILE A . n 
A 1 21  PHE 21  21  21  PHE PHE A . n 
A 1 22  GLU 22  22  22  GLU GLU A . n 
A 1 23  ARG 23  23  23  ARG ARG A . n 
A 1 24  ALA 24  24  24  ALA ALA A . n 
A 1 25  ALA 25  25  25  ALA ALA A . n 
A 1 26  ALA 26  26  26  ALA ALA A . n 
A 1 27  GLN 27  27  27  GLN GLN A . n 
A 1 28  PHE 28  28  28  PHE PHE A . n 
A 1 29  ASP 29  29  29  ASP ASP A . n 
A 1 30  GLU 30  30  30  GLU GLU A . n 
A 1 31  VAL 31  31  31  VAL VAL A . n 
A 1 32  VAL 32  32  32  VAL VAL A . n 
A 1 33  VAL 33  33  33  VAL VAL A . n 
A 1 34  ALA 34  34  34  ALA ALA A . n 
A 1 35  ILE 35  35  35  ILE ILE A . n 
A 1 36  LEU 36  36  36  LEU LEU A . n 
A 1 37  VAL 37  37  37  VAL VAL A . n 
A 1 38  ASN 38  38  38  ASN ASN A . n 
A 1 39  PRO 39  39  39  PRO PRO A . n 
A 1 40  ALA 40  40  40  ALA ALA A . n 
A 1 41  LYS 41  41  41  LYS LYS A . n 
A 1 42  THR 42  42  42  THR THR A . n 
A 1 43  GLY 43  43  43  GLY GLY A . n 
A 1 44  MET 44  44  44  MET MET A . n 
A 1 45  PHE 45  45  45  PHE PHE A . n 
A 1 46  ASP 46  46  46  ASP ASP A . n 
A 1 47  LEU 47  47  47  LEU LEU A . n 
A 1 48  ASP 48  48  48  ASP ASP A . n 
A 1 49  GLU 49  49  49  GLU GLU A . n 
A 1 50  ARG 50  50  50  ARG ARG A . n 
A 1 51  ILE 51  51  51  ILE ILE A . n 
A 1 52  ALA 52  52  52  ALA ALA A . n 
A 1 53  MET 53  53  53  MET MET A . n 
A 1 54  VAL 54  54  54  VAL VAL A . n 
A 1 55  LYS 55  55  55  LYS LYS A . n 
A 1 56  GLU 56  56  56  GLU GLU A . n 
A 1 57  SER 57  57  57  SER SER A . n 
A 1 58  THR 58  58  58  THR THR A . n 
A 1 59  THR 59  59  59  THR THR A . n 
A 1 60  HIS 60  60  60  HIS HIS A . n 
A 1 61  LEU 61  61  61  LEU LEU A . n 
A 1 62  PRO 62  62  62  PRO PRO A . n 
A 1 63  ASN 63  63  63  ASN ASN A . n 
A 1 64  LEU 64  64  64  LEU LEU A . n 
A 1 65  ARG 65  65  65  ARG ARG A . n 
A 1 66  VAL 66  66  66  VAL VAL A . n 
A 1 67  GLN 67  67  67  GLN GLN A . n 
A 1 68  VAL 68  68  68  VAL VAL A . n 
A 1 69  GLY 69  69  69  GLY GLY A . n 
A 1 70  HIS 70  70  70  HIS HIS A . n 
A 1 71  GLY 71  71  71  GLY GLY A . n 
A 1 72  LEU 72  72  72  LEU LEU A . n 
A 1 73  VAL 73  73  73  VAL VAL A . n 
A 1 74  VAL 74  74  74  VAL VAL A . n 
A 1 75  ASP 75  75  75  ASP ASP A . n 
A 1 76  PHE 76  76  76  PHE PHE A . n 
A 1 77  VAL 77  77  77  VAL VAL A . n 
A 1 78  ARG 78  78  78  ARG ARG A . n 
A 1 79  SER 79  79  79  SER SER A . n 
A 1 80  CYS 80  80  80  CYS CYS A . n 
A 1 81  GLY 81  81  81  GLY GLY A . n 
A 1 82  MET 82  82  82  MET MET A . n 
A 1 83  THR 83  83  83  THR THR A . n 
A 1 84  ALA 84  84  84  ALA ALA A . n 
A 1 85  ILE 85  85  85  ILE ILE A . n 
A 1 86  VAL 86  86  86  VAL VAL A . n 
A 1 87  LYS 87  87  87  LYS LYS A . n 
A 1 88  GLY 88  88  88  GLY GLY A . n 
A 1 89  LEU 89  89  89  LEU LEU A . n 
A 1 90  ARG 90  90  90  ARG ARG A . n 
A 1 91  THR 91  91  91  THR THR A . n 
A 1 92  GLY 92  92  92  GLY GLY A . n 
A 1 93  THR 93  93  93  THR THR A . n 
A 1 94  ASP 94  94  94  ASP ASP A . n 
A 1 95  PHE 95  95  95  PHE PHE A . n 
A 1 96  GLU 96  96  96  GLU GLU A . n 
A 1 97  TYR 97  97  97  TYR TYR A . n 
A 1 98  GLU 98  98  98  GLU GLU A . n 
A 1 99  LEU 99  99  99  LEU LEU A . n 
A 1 100 GLN 100 100 100 GLN GLN A . n 
A 1 101 MET 101 101 101 MET MET A . n 
A 1 102 ALA 102 102 102 ALA ALA A . n 
A 1 103 GLN 103 103 103 GLN GLN A . n 
A 1 104 MET 104 104 104 MET MET A . n 
A 1 105 ASN 105 105 105 ASN ASN A . n 
A 1 106 LYS 106 106 106 LYS LYS A . n 
A 1 107 HIS 107 107 107 HIS HIS A . n 
A 1 108 ILE 108 108 108 ILE ILE A . n 
A 1 109 ALA 109 109 109 ALA ALA A . n 
A 1 110 GLY 110 110 110 GLY GLY A . n 
A 1 111 VAL 111 111 111 VAL VAL A . n 
A 1 112 ASP 112 112 112 ASP ASP A . n 
A 1 113 THR 113 113 113 THR THR A . n 
A 1 114 PHE 114 114 114 PHE PHE A . n 
A 1 115 PHE 115 115 115 PHE PHE A . n 
A 1 116 VAL 116 116 116 VAL VAL A . n 
A 1 117 ALA 117 117 117 ALA ALA A . n 
A 1 118 THR 118 118 118 THR THR A . n 
A 1 119 ALA 119 119 119 ALA ALA A . n 
A 1 120 PRO 120 120 120 PRO PRO A . n 
A 1 121 ARG 121 121 121 ARG ARG A . n 
A 1 122 TYR 122 122 122 TYR TYR A . n 
A 1 123 SER 123 123 123 SER SER A . n 
A 1 124 PHE 124 124 124 PHE PHE A . n 
A 1 125 VAL 125 125 125 VAL VAL A . n 
A 1 126 SER 126 126 126 SER SER A . n 
A 1 127 SER 127 127 127 SER SER A . n 
A 1 128 SER 128 128 128 SER SER A . n 
A 1 129 LEU 129 129 129 LEU LEU A . n 
A 1 130 ALA 130 130 130 ALA ALA A . n 
A 1 131 LYS 131 131 131 LYS LYS A . n 
A 1 132 GLU 132 132 132 GLU GLU A . n 
A 1 133 VAL 133 133 133 VAL VAL A . n 
A 1 134 ALA 134 134 134 ALA ALA A . n 
A 1 135 MET 135 135 135 MET MET A . n 
A 1 136 LEU 136 136 136 LEU LEU A . n 
A 1 137 GLY 137 137 137 GLY GLY A . n 
A 1 138 GLY 138 138 138 GLY GLY A . n 
A 1 139 ASP 139 139 139 ASP ASP A . n 
A 1 140 VAL 140 140 140 VAL VAL A . n 
A 1 141 SER 141 141 141 SER SER A . n 
A 1 142 GLU 142 142 142 GLU GLU A . n 
A 1 143 LEU 143 143 143 LEU LEU A . n 
A 1 144 LEU 144 144 144 LEU LEU A . n 
A 1 145 PRO 145 145 145 PRO PRO A . n 
A 1 146 GLU 146 146 146 GLU GLU A . n 
A 1 147 PRO 147 147 147 PRO PRO A . n 
A 1 148 VAL 148 148 148 VAL VAL A . n 
A 1 149 ASN 149 149 149 ASN ASN A . n 
A 1 150 ARG 150 150 150 ARG ARG A . n 
A 1 151 ARG 151 151 151 ARG ARG A . n 
A 1 152 LEU 152 152 152 LEU LEU A . n 
A 1 153 ARG 153 153 153 ARG ARG A . n 
A 1 154 ASP 154 154 154 ASP ASP A . n 
A 1 155 ARG 155 155 155 ARG ARG A . n 
A 1 156 LEU 156 156 156 LEU LEU A . n 
A 1 157 ASN 157 157 157 ASN ASN A . n 
# 
loop_
_pdbx_nonpoly_scheme.asym_id 
_pdbx_nonpoly_scheme.entity_id 
_pdbx_nonpoly_scheme.mon_id 
_pdbx_nonpoly_scheme.ndb_seq_num 
_pdbx_nonpoly_scheme.pdb_seq_num 
_pdbx_nonpoly_scheme.auth_seq_num 
_pdbx_nonpoly_scheme.pdb_mon_id 
_pdbx_nonpoly_scheme.auth_mon_id 
_pdbx_nonpoly_scheme.pdb_strand_id 
_pdbx_nonpoly_scheme.pdb_ins_code 
B 2 HOH 1   158 1   HOH TIP A . 
B 2 HOH 2   159 2   HOH TIP A . 
B 2 HOH 3   160 3   HOH TIP A . 
B 2 HOH 4   161 4   HOH TIP A . 
B 2 HOH 5   162 5   HOH TIP A . 
B 2 HOH 6   163 6   HOH TIP A . 
B 2 HOH 7   164 7   HOH TIP A . 
B 2 HOH 8   165 8   HOH TIP A . 
B 2 HOH 9   166 9   HOH TIP A . 
B 2 HOH 10  167 10  HOH TIP A . 
B 2 HOH 11  168 11  HOH TIP A . 
B 2 HOH 12  169 12  HOH TIP A . 
B 2 HOH 13  170 13  HOH TIP A . 
B 2 HOH 14  171 14  HOH TIP A . 
B 2 HOH 15  172 15  HOH TIP A . 
B 2 HOH 16  173 16  HOH TIP A . 
B 2 HOH 17  174 17  HOH TIP A . 
B 2 HOH 18  175 18  HOH TIP A . 
B 2 HOH 19  176 19  HOH TIP A . 
B 2 HOH 20  177 20  HOH TIP A . 
B 2 HOH 21  178 21  HOH TIP A . 
B 2 HOH 22  179 22  HOH TIP A . 
B 2 HOH 23  180 23  HOH TIP A . 
B 2 HOH 24  181 24  HOH TIP A . 
B 2 HOH 25  182 25  HOH TIP A . 
B 2 HOH 26  183 26  HOH TIP A . 
B 2 HOH 27  184 27  HOH TIP A . 
B 2 HOH 28  185 28  HOH TIP A . 
B 2 HOH 29  186 29  HOH TIP A . 
B 2 HOH 30  187 30  HOH TIP A . 
B 2 HOH 31  188 31  HOH TIP A . 
B 2 HOH 32  189 32  HOH TIP A . 
B 2 HOH 33  190 33  HOH TIP A . 
B 2 HOH 34  191 34  HOH TIP A . 
B 2 HOH 35  192 35  HOH TIP A . 
B 2 HOH 36  193 36  HOH TIP A . 
B 2 HOH 37  194 37  HOH TIP A . 
B 2 HOH 38  195 38  HOH TIP A . 
B 2 HOH 39  196 39  HOH TIP A . 
B 2 HOH 40  197 40  HOH TIP A . 
B 2 HOH 41  198 41  HOH TIP A . 
B 2 HOH 42  199 42  HOH TIP A . 
B 2 HOH 43  200 43  HOH TIP A . 
B 2 HOH 44  201 44  HOH TIP A . 
B 2 HOH 45  202 45  HOH TIP A . 
B 2 HOH 46  203 46  HOH TIP A . 
B 2 HOH 47  204 47  HOH TIP A . 
B 2 HOH 48  205 48  HOH TIP A . 
B 2 HOH 49  206 49  HOH TIP A . 
B 2 HOH 50  207 50  HOH TIP A . 
B 2 HOH 51  208 51  HOH TIP A . 
B 2 HOH 52  209 52  HOH TIP A . 
B 2 HOH 53  210 53  HOH TIP A . 
B 2 HOH 54  211 54  HOH TIP A . 
B 2 HOH 55  212 55  HOH TIP A . 
B 2 HOH 56  213 56  HOH TIP A . 
B 2 HOH 57  214 57  HOH TIP A . 
B 2 HOH 58  215 58  HOH TIP A . 
B 2 HOH 59  216 59  HOH TIP A . 
B 2 HOH 60  217 60  HOH TIP A . 
B 2 HOH 61  218 61  HOH TIP A . 
B 2 HOH 62  219 62  HOH TIP A . 
B 2 HOH 63  220 63  HOH TIP A . 
B 2 HOH 64  221 64  HOH TIP A . 
B 2 HOH 65  222 65  HOH TIP A . 
B 2 HOH 66  223 66  HOH TIP A . 
B 2 HOH 67  224 67  HOH TIP A . 
B 2 HOH 68  225 68  HOH TIP A . 
B 2 HOH 69  226 69  HOH TIP A . 
B 2 HOH 70  227 70  HOH TIP A . 
B 2 HOH 71  228 71  HOH TIP A . 
B 2 HOH 72  229 72  HOH TIP A . 
B 2 HOH 73  230 73  HOH TIP A . 
B 2 HOH 74  231 74  HOH TIP A . 
B 2 HOH 75  232 75  HOH TIP A . 
B 2 HOH 76  233 76  HOH TIP A . 
B 2 HOH 77  234 77  HOH TIP A . 
B 2 HOH 78  235 78  HOH TIP A . 
B 2 HOH 79  236 79  HOH TIP A . 
B 2 HOH 80  237 80  HOH TIP A . 
B 2 HOH 81  238 81  HOH TIP A . 
B 2 HOH 82  239 82  HOH TIP A . 
B 2 HOH 83  240 83  HOH TIP A . 
B 2 HOH 84  241 84  HOH TIP A . 
B 2 HOH 85  242 85  HOH TIP A . 
B 2 HOH 86  243 86  HOH TIP A . 
B 2 HOH 87  244 87  HOH TIP A . 
B 2 HOH 88  245 88  HOH TIP A . 
B 2 HOH 89  246 89  HOH TIP A . 
B 2 HOH 90  247 90  HOH TIP A . 
B 2 HOH 91  248 91  HOH TIP A . 
B 2 HOH 92  249 92  HOH TIP A . 
B 2 HOH 93  250 93  HOH TIP A . 
B 2 HOH 94  251 94  HOH TIP A . 
B 2 HOH 95  252 95  HOH TIP A . 
B 2 HOH 96  253 96  HOH TIP A . 
B 2 HOH 97  254 97  HOH TIP A . 
B 2 HOH 98  255 98  HOH TIP A . 
B 2 HOH 99  256 99  HOH TIP A . 
B 2 HOH 100 257 100 HOH TIP A . 
B 2 HOH 101 258 101 HOH TIP A . 
B 2 HOH 102 259 102 HOH TIP A . 
B 2 HOH 103 260 103 HOH TIP A . 
B 2 HOH 104 261 104 HOH TIP A . 
B 2 HOH 105 262 105 HOH TIP A . 
B 2 HOH 106 263 106 HOH TIP A . 
B 2 HOH 107 264 107 HOH TIP A . 
B 2 HOH 108 265 108 HOH TIP A . 
B 2 HOH 109 266 109 HOH TIP A . 
B 2 HOH 110 267 110 HOH TIP A . 
B 2 HOH 111 268 111 HOH TIP A . 
B 2 HOH 112 269 112 HOH TIP A . 
B 2 HOH 113 270 113 HOH TIP A . 
B 2 HOH 114 271 114 HOH TIP A . 
B 2 HOH 115 272 115 HOH TIP A . 
B 2 HOH 116 273 116 HOH TIP A . 
B 2 HOH 117 274 117 HOH TIP A . 
B 2 HOH 118 275 118 HOH TIP A . 
B 2 HOH 119 276 119 HOH TIP A . 
B 2 HOH 120 277 120 HOH TIP A . 
B 2 HOH 121 278 121 HOH TIP A . 
B 2 HOH 122 279 122 HOH TIP A . 
B 2 HOH 123 280 123 HOH TIP A . 
B 2 HOH 124 281 124 HOH TIP A . 
B 2 HOH 125 282 125 HOH TIP A . 
B 2 HOH 126 283 126 HOH TIP A . 
B 2 HOH 127 284 127 HOH TIP A . 
B 2 HOH 128 285 128 HOH TIP A . 
B 2 HOH 129 286 129 HOH TIP A . 
B 2 HOH 130 287 130 HOH TIP A . 
B 2 HOH 131 288 131 HOH TIP A . 
B 2 HOH 132 289 132 HOH TIP A . 
# 
loop_
_pdbx_unobs_or_zero_occ_atoms.id 
_pdbx_unobs_or_zero_occ_atoms.PDB_model_num 
_pdbx_unobs_or_zero_occ_atoms.polymer_flag 
_pdbx_unobs_or_zero_occ_atoms.occupancy_flag 
_pdbx_unobs_or_zero_occ_atoms.auth_asym_id 
_pdbx_unobs_or_zero_occ_atoms.auth_comp_id 
_pdbx_unobs_or_zero_occ_atoms.auth_seq_id 
_pdbx_unobs_or_zero_occ_atoms.PDB_ins_code 
_pdbx_unobs_or_zero_occ_atoms.auth_atom_id 
_pdbx_unobs_or_zero_occ_atoms.label_alt_id 
_pdbx_unobs_or_zero_occ_atoms.label_asym_id 
_pdbx_unobs_or_zero_occ_atoms.label_comp_id 
_pdbx_unobs_or_zero_occ_atoms.label_seq_id 
_pdbx_unobs_or_zero_occ_atoms.label_atom_id 
1 1 Y 0 A ARG 78  ? CZ  ? A ARG 78  CZ  
2 1 Y 0 A ARG 78  ? NH1 ? A ARG 78  NH1 
3 1 Y 0 A ARG 78  ? NH2 ? A ARG 78  NH2 
4 1 Y 0 A GLU 96  ? CG  ? A GLU 96  CG  
5 1 Y 0 A GLU 96  ? CD  ? A GLU 96  CD  
6 1 Y 0 A GLU 96  ? OE1 ? A GLU 96  OE1 
7 1 Y 0 A GLU 96  ? OE2 ? A GLU 96  OE2 
8 1 Y 0 A ASP 154 ? OD1 ? A ASP 154 OD1 
9 1 Y 0 A ASP 154 ? OD2 ? A ASP 154 OD2 
# 
_software.name             CNS 
_software.classification   refinement 
_software.version          1.1 
_software.citation_id      ? 
_software.pdbx_ordinal     1 
# 
_cell.entry_id           1TFU 
_cell.length_a           98.623 
_cell.length_b           98.623 
_cell.length_c           114.811 
_cell.angle_alpha        90.00 
_cell.angle_beta         90.00 
_cell.angle_gamma        120.00 
_cell.Z_PDB              18 
_cell.pdbx_unique_axis   ? 
# 
_symmetry.entry_id                         1TFU 
_symmetry.space_group_name_H-M             'H 3 2' 
_symmetry.pdbx_full_space_group_name_H-M   ? 
_symmetry.cell_setting                     ? 
_symmetry.Int_Tables_number                155 
_symmetry.space_group_name_Hall            ? 
# 
_exptl.entry_id          1TFU 
_exptl.method            'X-RAY DIFFRACTION' 
_exptl.crystals_number   ? 
# 
_exptl_crystal.id                    1 
_exptl_crystal.density_meas          ? 
_exptl_crystal.density_Matthews      3.13 
_exptl_crystal.density_percent_sol   60.72 
_exptl_crystal.description           ? 
_exptl_crystal.F_000                 ? 
_exptl_crystal.preparation           ? 
# 
_diffrn.id                     1 
_diffrn.ambient_temp           ? 
_diffrn.ambient_temp_details   ? 
_diffrn.crystal_id             1 
# 
_diffrn_radiation.diffrn_id                        1 
_diffrn_radiation.wavelength_id                    1 
_diffrn_radiation.pdbx_monochromatic_or_laue_m_l   M 
_diffrn_radiation.monochromator                    ? 
_diffrn_radiation.pdbx_diffrn_protocol             'SINGLE WAVELENGTH' 
_diffrn_radiation.pdbx_scattering_type             x-ray 
# 
_diffrn_radiation_wavelength.id           1 
_diffrn_radiation_wavelength.wavelength   . 
_diffrn_radiation_wavelength.wt           1.0 
# 
_reflns.entry_id                     1TFU 
_reflns.observed_criterion_sigma_I   ? 
_reflns.observed_criterion_sigma_F   ? 
_reflns.d_resolution_low             20 
_reflns.d_resolution_high            1.99 
_reflns.number_obs                   14805 
_reflns.number_all                   ? 
_reflns.percent_possible_obs         ? 
_reflns.pdbx_Rmerge_I_obs            ? 
_reflns.pdbx_Rsym_value              ? 
_reflns.pdbx_netI_over_sigmaI        44.9 
_reflns.B_iso_Wilson_estimate        18.6 
_reflns.pdbx_redundancy              28.2 
_reflns.R_free_details               ? 
_reflns.limit_h_max                  ? 
_reflns.limit_h_min                  ? 
_reflns.limit_k_max                  ? 
_reflns.limit_k_min                  ? 
_reflns.limit_l_max                  ? 
_reflns.limit_l_min                  ? 
_reflns.observed_criterion_F_max     ? 
_reflns.observed_criterion_F_min     ? 
_reflns.pdbx_chi_squared             ? 
_reflns.pdbx_scaling_rejects         ? 
_reflns.pdbx_ordinal                 1 
_reflns.pdbx_diffrn_id               1 
# 
_refine.entry_id                                 1TFU 
_refine.ls_number_reflns_obs                     14805 
_refine.ls_number_reflns_all                     15554 
_refine.pdbx_ls_sigma_I                          ? 
_refine.pdbx_ls_sigma_F                          0.0 
_refine.pdbx_data_cutoff_high_absF               3002981.79 
_refine.pdbx_data_cutoff_low_absF                0.000000 
_refine.pdbx_data_cutoff_high_rms_absF           ? 
_refine.ls_d_res_low                             14.91 
_refine.ls_d_res_high                            1.99 
_refine.ls_percent_reflns_obs                    99.2 
_refine.ls_R_factor_obs                          0.229 
_refine.ls_R_factor_all                          0.229 
_refine.ls_R_factor_R_work                       0.229 
_refine.ls_R_factor_R_free                       0.258 
_refine.ls_R_factor_R_free_error                 0.009 
_refine.ls_R_factor_R_free_error_details         ? 
_refine.ls_percent_reflns_R_free                 5.1 
_refine.ls_number_reflns_R_free                  749 
_refine.ls_number_parameters                     ? 
_refine.ls_number_restraints                     ? 
_refine.occupancy_min                            ? 
_refine.occupancy_max                            ? 
_refine.correlation_coeff_Fo_to_Fc               ? 
_refine.correlation_coeff_Fo_to_Fc_free          ? 
_refine.B_iso_mean                               30.5 
_refine.aniso_B[1][1]                            0.08 
_refine.aniso_B[2][2]                            0.08 
_refine.aniso_B[3][3]                            -0.15 
_refine.aniso_B[1][2]                            -0.75 
_refine.aniso_B[1][3]                            0.00 
_refine.aniso_B[2][3]                            0.00 
_refine.solvent_model_details                    'FLAT MODEL' 
_refine.solvent_model_param_ksol                 0.355011 
_refine.solvent_model_param_bsol                 72.4071 
_refine.pdbx_solvent_vdw_probe_radii             ? 
_refine.pdbx_solvent_ion_probe_radii             ? 
_refine.pdbx_solvent_shrinkage_radii             ? 
_refine.pdbx_ls_cross_valid_method               THROUGHOUT 
_refine.details                                  ? 
_refine.pdbx_starting_model                      ? 
_refine.pdbx_method_to_determine_struct          'MOLECULAR REPLACEMENT' 
_refine.pdbx_isotropic_thermal_model             RESTRAINED 
_refine.pdbx_stereochemistry_target_values       ? 
_refine.pdbx_stereochem_target_val_spec_case     ? 
_refine.pdbx_R_Free_selection_details            RANDOM 
_refine.pdbx_overall_ESU_R                       ? 
_refine.pdbx_overall_ESU_R_Free                  ? 
_refine.overall_SU_ML                            ? 
_refine.overall_SU_B                             ? 
_refine.ls_redundancy_reflns_obs                 ? 
_refine.B_iso_min                                ? 
_refine.B_iso_max                                ? 
_refine.overall_SU_R_Cruickshank_DPI             ? 
_refine.overall_SU_R_free                        ? 
_refine.ls_wR_factor_R_free                      ? 
_refine.ls_wR_factor_R_work                      ? 
_refine.overall_FOM_free_R_set                   ? 
_refine.overall_FOM_work_R_set                   ? 
_refine.pdbx_refine_id                           'X-RAY DIFFRACTION' 
_refine.pdbx_diffrn_id                           1 
_refine.pdbx_TLS_residual_ADP_flag               ? 
_refine.pdbx_overall_phase_error                 ? 
_refine.pdbx_overall_SU_R_free_Cruickshank_DPI   ? 
_refine.pdbx_overall_SU_R_Blow_DPI               ? 
_refine.pdbx_overall_SU_R_free_Blow_DPI          ? 
# 
_refine_analyze.entry_id                        1TFU 
_refine_analyze.Luzzati_coordinate_error_obs    0.25 
_refine_analyze.Luzzati_sigma_a_obs             0.23 
_refine_analyze.Luzzati_d_res_low_obs           5.00 
_refine_analyze.Luzzati_coordinate_error_free   0.31 
_refine_analyze.Luzzati_sigma_a_free            0.29 
_refine_analyze.Luzzati_d_res_low_free          ? 
_refine_analyze.number_disordered_residues      ? 
_refine_analyze.occupancy_sum_hydrogen          ? 
_refine_analyze.occupancy_sum_non_hydrogen      ? 
_refine_analyze.pdbx_Luzzati_d_res_high_obs     ? 
_refine_analyze.pdbx_refine_id                  'X-RAY DIFFRACTION' 
# 
_refine_hist.pdbx_refine_id                   'X-RAY DIFFRACTION' 
_refine_hist.cycle_id                         LAST 
_refine_hist.pdbx_number_atoms_protein        1201 
_refine_hist.pdbx_number_atoms_nucleic_acid   0 
_refine_hist.pdbx_number_atoms_ligand         0 
_refine_hist.number_atoms_solvent             132 
_refine_hist.number_atoms_total               1333 
_refine_hist.d_res_high                       1.99 
_refine_hist.d_res_low                        14.91 
# 
loop_
_refine_ls_restr.type 
_refine_ls_restr.dev_ideal 
_refine_ls_restr.dev_ideal_target 
_refine_ls_restr.weight 
_refine_ls_restr.number 
_refine_ls_restr.pdbx_refine_id 
_refine_ls_restr.pdbx_restraint_function 
c_bond_d                0.006 ?    ? ? 'X-RAY DIFFRACTION' ? 
c_bond_d_na             ?     ?    ? ? 'X-RAY DIFFRACTION' ? 
c_bond_d_prot           ?     ?    ? ? 'X-RAY DIFFRACTION' ? 
c_angle_d               ?     ?    ? ? 'X-RAY DIFFRACTION' ? 
c_angle_d_na            ?     ?    ? ? 'X-RAY DIFFRACTION' ? 
c_angle_d_prot          ?     ?    ? ? 'X-RAY DIFFRACTION' ? 
c_angle_deg             1.2   ?    ? ? 'X-RAY DIFFRACTION' ? 
c_angle_deg_na          ?     ?    ? ? 'X-RAY DIFFRACTION' ? 
c_angle_deg_prot        ?     ?    ? ? 'X-RAY DIFFRACTION' ? 
c_dihedral_angle_d      23.2  ?    ? ? 'X-RAY DIFFRACTION' ? 
c_dihedral_angle_d_na   ?     ?    ? ? 'X-RAY DIFFRACTION' ? 
c_dihedral_angle_d_prot ?     ?    ? ? 'X-RAY DIFFRACTION' ? 
c_improper_angle_d      0.76  ?    ? ? 'X-RAY DIFFRACTION' ? 
c_improper_angle_d_na   ?     ?    ? ? 'X-RAY DIFFRACTION' ? 
c_improper_angle_d_prot ?     ?    ? ? 'X-RAY DIFFRACTION' ? 
c_mcbond_it             0.68  1.50 ? ? 'X-RAY DIFFRACTION' ? 
c_mcangle_it            1.23  2.00 ? ? 'X-RAY DIFFRACTION' ? 
c_scbond_it             0.85  2.00 ? ? 'X-RAY DIFFRACTION' ? 
c_scangle_it            1.36  2.50 ? ? 'X-RAY DIFFRACTION' ? 
# 
_refine_ls_shell.pdbx_total_number_of_bins_used   6 
_refine_ls_shell.d_res_high                       1.99 
_refine_ls_shell.d_res_low                        2.11 
_refine_ls_shell.number_reflns_R_work             2204 
_refine_ls_shell.R_factor_R_work                  0.289 
_refine_ls_shell.percent_reflns_obs               96.1 
_refine_ls_shell.R_factor_R_free                  0.32 
_refine_ls_shell.R_factor_R_free_error            0.027 
_refine_ls_shell.percent_reflns_R_free            5.9 
_refine_ls_shell.number_reflns_R_free             138 
_refine_ls_shell.number_reflns_obs                ? 
_refine_ls_shell.redundancy_reflns_obs            ? 
_refine_ls_shell.number_reflns_all                ? 
_refine_ls_shell.pdbx_refine_id                   'X-RAY DIFFRACTION' 
_refine_ls_shell.R_factor_all                     ? 
# 
loop_
_pdbx_xplor_file.serial_no 
_pdbx_xplor_file.param_file 
_pdbx_xplor_file.topol_file 
_pdbx_xplor_file.pdbx_refine_id 
1 PROTEIN_REP.PARAM PROTEIN.TOP     'X-RAY DIFFRACTION' 
2 WATER_REP.PARAM   ION.TOP         'X-RAY DIFFRACTION' 
3 ION.PARAM         WATER_REP.PARAM 'X-RAY DIFFRACTION' 
4 MPD.PAR           ?               'X-RAY DIFFRACTION' 
5 CAC.PAR           ?               'X-RAY DIFFRACTION' 
# 
_struct.entry_id                  1TFU 
_struct.title                     'phosphopantetheine adenylyltransferase from Mycobacterium tuberculosis' 
_struct.pdbx_model_details        ? 
_struct.pdbx_CASP_flag            ? 
_struct.pdbx_model_type_details   ? 
# 
_struct_keywords.entry_id        1TFU 
_struct_keywords.pdbx_keywords   TRANSFERASE 
_struct_keywords.text            
'TRANSPORT PROTEIN, Structural Genomics, PSI, Protein Structure Initiative, TB Structural Genomics Consortium, TBSGC, TRANSFERASE' 
# 
loop_
_struct_asym.id 
_struct_asym.pdbx_blank_PDB_chainid_flag 
_struct_asym.pdbx_modified 
_struct_asym.entity_id 
_struct_asym.details 
A N N 1 ? 
B N N 2 ? 
# 
_struct_ref.id                         1 
_struct_ref.db_name                    UNP 
_struct_ref.db_code                    COAD_MYCTU 
_struct_ref.pdbx_db_accession          P0A530 
_struct_ref.entity_id                  1 
_struct_ref.pdbx_seq_one_letter_code   
;MTGAVCPGSFDPVTLGHVDIFERAAAQFDEVVVAILVNPAKTGMFDLDERIAMVKESTTHLPNLRVQVGHGLVVDFVRSC
GMTAIVKGLRTGTDFEYELQMAQMNKHIAGVDTFFVATAPRYSFVSSSLAKEVAMLGGDVSELLPEPVNRRLRDRLN
;
_struct_ref.pdbx_align_begin           1 
_struct_ref.pdbx_db_isoform            ? 
# 
_struct_ref_seq.align_id                      1 
_struct_ref_seq.ref_id                        1 
_struct_ref_seq.pdbx_PDB_id_code              1TFU 
_struct_ref_seq.pdbx_strand_id                A 
_struct_ref_seq.seq_align_beg                 1 
_struct_ref_seq.pdbx_seq_align_beg_ins_code   ? 
_struct_ref_seq.seq_align_end                 157 
_struct_ref_seq.pdbx_seq_align_end_ins_code   ? 
_struct_ref_seq.pdbx_db_accession             P0A530 
_struct_ref_seq.db_align_beg                  1 
_struct_ref_seq.pdbx_db_align_beg_ins_code    ? 
_struct_ref_seq.db_align_end                  157 
_struct_ref_seq.pdbx_db_align_end_ins_code    ? 
_struct_ref_seq.pdbx_auth_seq_align_beg       1 
_struct_ref_seq.pdbx_auth_seq_align_end       157 
# 
_pdbx_struct_assembly.id                   1 
_pdbx_struct_assembly.details              author_and_software_defined_assembly 
_pdbx_struct_assembly.method_details       PISA,PQS 
_pdbx_struct_assembly.oligomeric_details   hexameric 
_pdbx_struct_assembly.oligomeric_count     6 
# 
loop_
_pdbx_struct_assembly_prop.biol_id 
_pdbx_struct_assembly_prop.type 
_pdbx_struct_assembly_prop.value 
_pdbx_struct_assembly_prop.details 
1 'ABSA (A^2)' 13340 ? 
1 MORE         -106  ? 
1 'SSA (A^2)'  38140 ? 
# 
_pdbx_struct_assembly_gen.assembly_id       1 
_pdbx_struct_assembly_gen.oper_expression   1,2,3,4,5,6 
_pdbx_struct_assembly_gen.asym_id_list      A,B 
# 
loop_
_pdbx_struct_oper_list.id 
_pdbx_struct_oper_list.type 
_pdbx_struct_oper_list.name 
_pdbx_struct_oper_list.symmetry_operation 
_pdbx_struct_oper_list.matrix[1][1] 
_pdbx_struct_oper_list.matrix[1][2] 
_pdbx_struct_oper_list.matrix[1][3] 
_pdbx_struct_oper_list.vector[1] 
_pdbx_struct_oper_list.matrix[2][1] 
_pdbx_struct_oper_list.matrix[2][2] 
_pdbx_struct_oper_list.matrix[2][3] 
_pdbx_struct_oper_list.vector[2] 
_pdbx_struct_oper_list.matrix[3][1] 
_pdbx_struct_oper_list.matrix[3][2] 
_pdbx_struct_oper_list.matrix[3][3] 
_pdbx_struct_oper_list.vector[3] 
1 'identity operation'         1_555 x,y,z      1.0000000000  0.0000000000  0.0000000000  0.0000000000   0.0000000000  1.0000000000  0.0000000000  0.0000000000  0.0000000000  0.0000000000  1.0000000000  0.0000000000  
2 'crystal symmetry operation' 2_555 -y,x-y,z   0.5360040212  0.8165507799  0.2143467125  -16.1066829092 0.4858159559  -0.0906967831 -0.8693428268 28.9679622056 -0.6904220059 0.5701043040  -0.4453072381 9.1450531298  
3 'crystal symmetry operation' 3_555 -x+y,-x,z  0.5360040212  0.4858159559  -0.6904220059 0.8740944861   0.8165507799  -0.0906967831 0.5701043040  10.5655913263 0.2143467125  -0.8693428268 -0.4453072381 32.7078630330 
4 'crystal symmetry operation' 4_555 y,x,-z     -0.9674129668 0.0395756012  0.2500918299  8.4694037149   0.0395756012  -0.9519370726 0.3037261622  35.8093067581 0.2500918299  0.3037261622  0.9193500395  -6.7701835093 
5 'crystal symmetry operation' 5_555 x-y,-y,-z  -0.6719796848 -0.6509527636 -0.3531342561 27.4847452049  -0.6509527636 0.2918087105  0.7007911072  10.3737898479 -0.3531342561 0.7007911072  -0.6198290258 6.4074996316  
6 'crystal symmetry operation' 6_555 -x,-x+y,-z -0.4326153909 -0.6909895733 0.5791177196  16.2219023211  -0.6909895733 -0.1584780716 -0.7052787466 35.7203552072 0.5791177196  -0.7052787466 -0.4089065375 26.7274420550 
# 
_struct_biol.id                    1 
_struct_biol.pdbx_parent_biol_id   ? 
_struct_biol.details               ? 
# 
loop_
_struct_conf.conf_type_id 
_struct_conf.id 
_struct_conf.pdbx_PDB_helix_id 
_struct_conf.beg_label_comp_id 
_struct_conf.beg_label_asym_id 
_struct_conf.beg_label_seq_id 
_struct_conf.pdbx_beg_PDB_ins_code 
_struct_conf.end_label_comp_id 
_struct_conf.end_label_asym_id 
_struct_conf.end_label_seq_id 
_struct_conf.pdbx_end_PDB_ins_code 
_struct_conf.beg_auth_comp_id 
_struct_conf.beg_auth_asym_id 
_struct_conf.beg_auth_seq_id 
_struct_conf.end_auth_comp_id 
_struct_conf.end_auth_asym_id 
_struct_conf.end_auth_seq_id 
_struct_conf.pdbx_PDB_helix_class 
_struct_conf.details 
_struct_conf.pdbx_PDB_helix_length 
HELX_P HELX_P1 1 THR A 14  ? PHE A 28  ? THR A 14  PHE A 28  1 ? 15 
HELX_P HELX_P2 2 ASP A 46  ? THR A 58  ? ASP A 46  THR A 58  1 ? 13 
HELX_P HELX_P3 3 LEU A 72  ? CYS A 80  ? LEU A 72  CYS A 80  1 ? 9  
HELX_P HELX_P4 4 ASP A 94  ? GLY A 110 ? ASP A 94  GLY A 110 1 ? 17 
HELX_P HELX_P5 5 ALA A 119 ? SER A 123 ? ALA A 119 SER A 123 5 ? 5  
HELX_P HELX_P6 6 SER A 126 ? LEU A 136 ? SER A 126 LEU A 136 1 ? 11 
HELX_P HELX_P7 7 VAL A 140 ? LEU A 144 ? VAL A 140 LEU A 144 5 ? 5  
HELX_P HELX_P8 8 PRO A 145 ? LEU A 156 ? PRO A 145 LEU A 156 1 ? 12 
# 
_struct_conf_type.id          HELX_P 
_struct_conf_type.criteria    ? 
_struct_conf_type.reference   ? 
# 
_struct_mon_prot_cis.pdbx_id                1 
_struct_mon_prot_cis.label_comp_id          ASP 
_struct_mon_prot_cis.label_seq_id           11 
_struct_mon_prot_cis.label_asym_id          A 
_struct_mon_prot_cis.label_alt_id           . 
_struct_mon_prot_cis.pdbx_PDB_ins_code      ? 
_struct_mon_prot_cis.auth_comp_id           ASP 
_struct_mon_prot_cis.auth_seq_id            11 
_struct_mon_prot_cis.auth_asym_id           A 
_struct_mon_prot_cis.pdbx_label_comp_id_2   PRO 
_struct_mon_prot_cis.pdbx_label_seq_id_2    12 
_struct_mon_prot_cis.pdbx_label_asym_id_2   A 
_struct_mon_prot_cis.pdbx_PDB_ins_code_2    ? 
_struct_mon_prot_cis.pdbx_auth_comp_id_2    PRO 
_struct_mon_prot_cis.pdbx_auth_seq_id_2     12 
_struct_mon_prot_cis.pdbx_auth_asym_id_2    A 
_struct_mon_prot_cis.pdbx_PDB_model_num     1 
_struct_mon_prot_cis.pdbx_omega_angle       0.07 
# 
loop_
_struct_sheet.id 
_struct_sheet.type 
_struct_sheet.number_strands 
_struct_sheet.details 
A ? 3 ? 
B ? 2 ? 
# 
loop_
_struct_sheet_order.sheet_id 
_struct_sheet_order.range_id_1 
_struct_sheet_order.range_id_2 
_struct_sheet_order.offset 
_struct_sheet_order.sense 
A 1 2 ? parallel 
A 2 3 ? parallel 
B 1 2 ? parallel 
# 
loop_
_struct_sheet_range.sheet_id 
_struct_sheet_range.id 
_struct_sheet_range.beg_label_comp_id 
_struct_sheet_range.beg_label_asym_id 
_struct_sheet_range.beg_label_seq_id 
_struct_sheet_range.pdbx_beg_PDB_ins_code 
_struct_sheet_range.end_label_comp_id 
_struct_sheet_range.end_label_asym_id 
_struct_sheet_range.end_label_seq_id 
_struct_sheet_range.pdbx_end_PDB_ins_code 
_struct_sheet_range.beg_auth_comp_id 
_struct_sheet_range.beg_auth_asym_id 
_struct_sheet_range.beg_auth_seq_id 
_struct_sheet_range.end_auth_comp_id 
_struct_sheet_range.end_auth_asym_id 
_struct_sheet_range.end_auth_seq_id 
A 1 GLY A 3   ? GLY A 8   ? GLY A 3   GLY A 8   
A 2 GLU A 30  ? LEU A 36  ? GLU A 30  LEU A 36  
A 3 LEU A 64  ? GLY A 69  ? LEU A 64  GLY A 69  
B 1 ALA A 84  ? LEU A 89  ? ALA A 84  LEU A 89  
B 2 ASP A 112 ? ALA A 117 ? ASP A 112 ALA A 117 
# 
loop_
_pdbx_struct_sheet_hbond.sheet_id 
_pdbx_struct_sheet_hbond.range_id_1 
_pdbx_struct_sheet_hbond.range_id_2 
_pdbx_struct_sheet_hbond.range_1_label_atom_id 
_pdbx_struct_sheet_hbond.range_1_label_comp_id 
_pdbx_struct_sheet_hbond.range_1_label_asym_id 
_pdbx_struct_sheet_hbond.range_1_label_seq_id 
_pdbx_struct_sheet_hbond.range_1_PDB_ins_code 
_pdbx_struct_sheet_hbond.range_1_auth_atom_id 
_pdbx_struct_sheet_hbond.range_1_auth_comp_id 
_pdbx_struct_sheet_hbond.range_1_auth_asym_id 
_pdbx_struct_sheet_hbond.range_1_auth_seq_id 
_pdbx_struct_sheet_hbond.range_2_label_atom_id 
_pdbx_struct_sheet_hbond.range_2_label_comp_id 
_pdbx_struct_sheet_hbond.range_2_label_asym_id 
_pdbx_struct_sheet_hbond.range_2_label_seq_id 
_pdbx_struct_sheet_hbond.range_2_PDB_ins_code 
_pdbx_struct_sheet_hbond.range_2_auth_atom_id 
_pdbx_struct_sheet_hbond.range_2_auth_comp_id 
_pdbx_struct_sheet_hbond.range_2_auth_asym_id 
_pdbx_struct_sheet_hbond.range_2_auth_seq_id 
A 1 2 N GLY A 8  ? N GLY A 8  O LEU A 36  ? O LEU A 36  
A 2 3 N VAL A 33 ? N VAL A 33 O ARG A 65  ? O ARG A 65  
B 1 2 N ILE A 85 ? N ILE A 85 O PHE A 114 ? O PHE A 114 
# 
loop_
_pdbx_validate_torsion.id 
_pdbx_validate_torsion.PDB_model_num 
_pdbx_validate_torsion.auth_comp_id 
_pdbx_validate_torsion.auth_asym_id 
_pdbx_validate_torsion.auth_seq_id 
_pdbx_validate_torsion.PDB_ins_code 
_pdbx_validate_torsion.label_alt_id 
_pdbx_validate_torsion.phi 
_pdbx_validate_torsion.psi 
1 1 PHE A 10  ? ? 37.80   59.80   
2 1 ALA A 40  ? ? -153.40 -91.34  
3 1 LYS A 41  ? ? -129.60 -123.23 
4 1 THR A 42  ? ? 56.67   -6.88   
5 1 THR A 83  ? ? -141.94 21.53   
6 1 LEU A 156 ? ? -71.02  -152.54 
# 
_pdbx_SG_project.id                    1 
_pdbx_SG_project.project_name          'PSI, Protein Structure Initiative' 
_pdbx_SG_project.full_name_of_center   'TB Structural Genomics Consortium' 
_pdbx_SG_project.initial_of_center     TBSGC 
# 
loop_
_pdbx_struct_special_symmetry.id 
_pdbx_struct_special_symmetry.PDB_model_num 
_pdbx_struct_special_symmetry.auth_asym_id 
_pdbx_struct_special_symmetry.auth_comp_id 
_pdbx_struct_special_symmetry.auth_seq_id 
_pdbx_struct_special_symmetry.PDB_ins_code 
_pdbx_struct_special_symmetry.label_asym_id 
_pdbx_struct_special_symmetry.label_comp_id 
_pdbx_struct_special_symmetry.label_seq_id 
1 1 A HOH 158 ? B HOH . 
2 1 A HOH 172 ? B HOH . 
3 1 A HOH 174 ? B HOH . 
# 
_pdbx_unobs_or_zero_occ_residues.id               1 
_pdbx_unobs_or_zero_occ_residues.PDB_model_num    1 
_pdbx_unobs_or_zero_occ_residues.polymer_flag     Y 
_pdbx_unobs_or_zero_occ_residues.occupancy_flag   0 
_pdbx_unobs_or_zero_occ_residues.auth_asym_id     A 
_pdbx_unobs_or_zero_occ_residues.auth_comp_id     ALA 
_pdbx_unobs_or_zero_occ_residues.auth_seq_id      40 
_pdbx_unobs_or_zero_occ_residues.PDB_ins_code     ? 
_pdbx_unobs_or_zero_occ_residues.label_asym_id    A 
_pdbx_unobs_or_zero_occ_residues.label_comp_id    ALA 
_pdbx_unobs_or_zero_occ_residues.label_seq_id     40 
# 
loop_
_chem_comp_atom.comp_id 
_chem_comp_atom.atom_id 
_chem_comp_atom.type_symbol 
_chem_comp_atom.pdbx_aromatic_flag 
_chem_comp_atom.pdbx_stereo_config 
_chem_comp_atom.pdbx_ordinal 
ALA N    N N N 1   
ALA CA   C N S 2   
ALA C    C N N 3   
ALA O    O N N 4   
ALA CB   C N N 5   
ALA OXT  O N N 6   
ALA H    H N N 7   
ALA H2   H N N 8   
ALA HA   H N N 9   
ALA HB1  H N N 10  
ALA HB2  H N N 11  
ALA HB3  H N N 12  
ALA HXT  H N N 13  
ARG N    N N N 14  
ARG CA   C N S 15  
ARG C    C N N 16  
ARG O    O N N 17  
ARG CB   C N N 18  
ARG CG   C N N 19  
ARG CD   C N N 20  
ARG NE   N N N 21  
ARG CZ   C N N 22  
ARG NH1  N N N 23  
ARG NH2  N N N 24  
ARG OXT  O N N 25  
ARG H    H N N 26  
ARG H2   H N N 27  
ARG HA   H N N 28  
ARG HB2  H N N 29  
ARG HB3  H N N 30  
ARG HG2  H N N 31  
ARG HG3  H N N 32  
ARG HD2  H N N 33  
ARG HD3  H N N 34  
ARG HE   H N N 35  
ARG HH11 H N N 36  
ARG HH12 H N N 37  
ARG HH21 H N N 38  
ARG HH22 H N N 39  
ARG HXT  H N N 40  
ASN N    N N N 41  
ASN CA   C N S 42  
ASN C    C N N 43  
ASN O    O N N 44  
ASN CB   C N N 45  
ASN CG   C N N 46  
ASN OD1  O N N 47  
ASN ND2  N N N 48  
ASN OXT  O N N 49  
ASN H    H N N 50  
ASN H2   H N N 51  
ASN HA   H N N 52  
ASN HB2  H N N 53  
ASN HB3  H N N 54  
ASN HD21 H N N 55  
ASN HD22 H N N 56  
ASN HXT  H N N 57  
ASP N    N N N 58  
ASP CA   C N S 59  
ASP C    C N N 60  
ASP O    O N N 61  
ASP CB   C N N 62  
ASP CG   C N N 63  
ASP OD1  O N N 64  
ASP OD2  O N N 65  
ASP OXT  O N N 66  
ASP H    H N N 67  
ASP H2   H N N 68  
ASP HA   H N N 69  
ASP HB2  H N N 70  
ASP HB3  H N N 71  
ASP HD2  H N N 72  
ASP HXT  H N N 73  
CYS N    N N N 74  
CYS CA   C N R 75  
CYS C    C N N 76  
CYS O    O N N 77  
CYS CB   C N N 78  
CYS SG   S N N 79  
CYS OXT  O N N 80  
CYS H    H N N 81  
CYS H2   H N N 82  
CYS HA   H N N 83  
CYS HB2  H N N 84  
CYS HB3  H N N 85  
CYS HG   H N N 86  
CYS HXT  H N N 87  
GLN N    N N N 88  
GLN CA   C N S 89  
GLN C    C N N 90  
GLN O    O N N 91  
GLN CB   C N N 92  
GLN CG   C N N 93  
GLN CD   C N N 94  
GLN OE1  O N N 95  
GLN NE2  N N N 96  
GLN OXT  O N N 97  
GLN H    H N N 98  
GLN H2   H N N 99  
GLN HA   H N N 100 
GLN HB2  H N N 101 
GLN HB3  H N N 102 
GLN HG2  H N N 103 
GLN HG3  H N N 104 
GLN HE21 H N N 105 
GLN HE22 H N N 106 
GLN HXT  H N N 107 
GLU N    N N N 108 
GLU CA   C N S 109 
GLU C    C N N 110 
GLU O    O N N 111 
GLU CB   C N N 112 
GLU CG   C N N 113 
GLU CD   C N N 114 
GLU OE1  O N N 115 
GLU OE2  O N N 116 
GLU OXT  O N N 117 
GLU H    H N N 118 
GLU H2   H N N 119 
GLU HA   H N N 120 
GLU HB2  H N N 121 
GLU HB3  H N N 122 
GLU HG2  H N N 123 
GLU HG3  H N N 124 
GLU HE2  H N N 125 
GLU HXT  H N N 126 
GLY N    N N N 127 
GLY CA   C N N 128 
GLY C    C N N 129 
GLY O    O N N 130 
GLY OXT  O N N 131 
GLY H    H N N 132 
GLY H2   H N N 133 
GLY HA2  H N N 134 
GLY HA3  H N N 135 
GLY HXT  H N N 136 
HIS N    N N N 137 
HIS CA   C N S 138 
HIS C    C N N 139 
HIS O    O N N 140 
HIS CB   C N N 141 
HIS CG   C Y N 142 
HIS ND1  N Y N 143 
HIS CD2  C Y N 144 
HIS CE1  C Y N 145 
HIS NE2  N Y N 146 
HIS OXT  O N N 147 
HIS H    H N N 148 
HIS H2   H N N 149 
HIS HA   H N N 150 
HIS HB2  H N N 151 
HIS HB3  H N N 152 
HIS HD1  H N N 153 
HIS HD2  H N N 154 
HIS HE1  H N N 155 
HIS HE2  H N N 156 
HIS HXT  H N N 157 
HOH O    O N N 158 
HOH H1   H N N 159 
HOH H2   H N N 160 
ILE N    N N N 161 
ILE CA   C N S 162 
ILE C    C N N 163 
ILE O    O N N 164 
ILE CB   C N S 165 
ILE CG1  C N N 166 
ILE CG2  C N N 167 
ILE CD1  C N N 168 
ILE OXT  O N N 169 
ILE H    H N N 170 
ILE H2   H N N 171 
ILE HA   H N N 172 
ILE HB   H N N 173 
ILE HG12 H N N 174 
ILE HG13 H N N 175 
ILE HG21 H N N 176 
ILE HG22 H N N 177 
ILE HG23 H N N 178 
ILE HD11 H N N 179 
ILE HD12 H N N 180 
ILE HD13 H N N 181 
ILE HXT  H N N 182 
LEU N    N N N 183 
LEU CA   C N S 184 
LEU C    C N N 185 
LEU O    O N N 186 
LEU CB   C N N 187 
LEU CG   C N N 188 
LEU CD1  C N N 189 
LEU CD2  C N N 190 
LEU OXT  O N N 191 
LEU H    H N N 192 
LEU H2   H N N 193 
LEU HA   H N N 194 
LEU HB2  H N N 195 
LEU HB3  H N N 196 
LEU HG   H N N 197 
LEU HD11 H N N 198 
LEU HD12 H N N 199 
LEU HD13 H N N 200 
LEU HD21 H N N 201 
LEU HD22 H N N 202 
LEU HD23 H N N 203 
LEU HXT  H N N 204 
LYS N    N N N 205 
LYS CA   C N S 206 
LYS C    C N N 207 
LYS O    O N N 208 
LYS CB   C N N 209 
LYS CG   C N N 210 
LYS CD   C N N 211 
LYS CE   C N N 212 
LYS NZ   N N N 213 
LYS OXT  O N N 214 
LYS H    H N N 215 
LYS H2   H N N 216 
LYS HA   H N N 217 
LYS HB2  H N N 218 
LYS HB3  H N N 219 
LYS HG2  H N N 220 
LYS HG3  H N N 221 
LYS HD2  H N N 222 
LYS HD3  H N N 223 
LYS HE2  H N N 224 
LYS HE3  H N N 225 
LYS HZ1  H N N 226 
LYS HZ2  H N N 227 
LYS HZ3  H N N 228 
LYS HXT  H N N 229 
MET N    N N N 230 
MET CA   C N S 231 
MET C    C N N 232 
MET O    O N N 233 
MET CB   C N N 234 
MET CG   C N N 235 
MET SD   S N N 236 
MET CE   C N N 237 
MET OXT  O N N 238 
MET H    H N N 239 
MET H2   H N N 240 
MET HA   H N N 241 
MET HB2  H N N 242 
MET HB3  H N N 243 
MET HG2  H N N 244 
MET HG3  H N N 245 
MET HE1  H N N 246 
MET HE2  H N N 247 
MET HE3  H N N 248 
MET HXT  H N N 249 
PHE N    N N N 250 
PHE CA   C N S 251 
PHE C    C N N 252 
PHE O    O N N 253 
PHE CB   C N N 254 
PHE CG   C Y N 255 
PHE CD1  C Y N 256 
PHE CD2  C Y N 257 
PHE CE1  C Y N 258 
PHE CE2  C Y N 259 
PHE CZ   C Y N 260 
PHE OXT  O N N 261 
PHE H    H N N 262 
PHE H2   H N N 263 
PHE HA   H N N 264 
PHE HB2  H N N 265 
PHE HB3  H N N 266 
PHE HD1  H N N 267 
PHE HD2  H N N 268 
PHE HE1  H N N 269 
PHE HE2  H N N 270 
PHE HZ   H N N 271 
PHE HXT  H N N 272 
PRO N    N N N 273 
PRO CA   C N S 274 
PRO C    C N N 275 
PRO O    O N N 276 
PRO CB   C N N 277 
PRO CG   C N N 278 
PRO CD   C N N 279 
PRO OXT  O N N 280 
PRO H    H N N 281 
PRO HA   H N N 282 
PRO HB2  H N N 283 
PRO HB3  H N N 284 
PRO HG2  H N N 285 
PRO HG3  H N N 286 
PRO HD2  H N N 287 
PRO HD3  H N N 288 
PRO HXT  H N N 289 
SER N    N N N 290 
SER CA   C N S 291 
SER C    C N N 292 
SER O    O N N 293 
SER CB   C N N 294 
SER OG   O N N 295 
SER OXT  O N N 296 
SER H    H N N 297 
SER H2   H N N 298 
SER HA   H N N 299 
SER HB2  H N N 300 
SER HB3  H N N 301 
SER HG   H N N 302 
SER HXT  H N N 303 
THR N    N N N 304 
THR CA   C N S 305 
THR C    C N N 306 
THR O    O N N 307 
THR CB   C N R 308 
THR OG1  O N N 309 
THR CG2  C N N 310 
THR OXT  O N N 311 
THR H    H N N 312 
THR H2   H N N 313 
THR HA   H N N 314 
THR HB   H N N 315 
THR HG1  H N N 316 
THR HG21 H N N 317 
THR HG22 H N N 318 
THR HG23 H N N 319 
THR HXT  H N N 320 
TYR N    N N N 321 
TYR CA   C N S 322 
TYR C    C N N 323 
TYR O    O N N 324 
TYR CB   C N N 325 
TYR CG   C Y N 326 
TYR CD1  C Y N 327 
TYR CD2  C Y N 328 
TYR CE1  C Y N 329 
TYR CE2  C Y N 330 
TYR CZ   C Y N 331 
TYR OH   O N N 332 
TYR OXT  O N N 333 
TYR H    H N N 334 
TYR H2   H N N 335 
TYR HA   H N N 336 
TYR HB2  H N N 337 
TYR HB3  H N N 338 
TYR HD1  H N N 339 
TYR HD2  H N N 340 
TYR HE1  H N N 341 
TYR HE2  H N N 342 
TYR HH   H N N 343 
TYR HXT  H N N 344 
VAL N    N N N 345 
VAL CA   C N S 346 
VAL C    C N N 347 
VAL O    O N N 348 
VAL CB   C N N 349 
VAL CG1  C N N 350 
VAL CG2  C N N 351 
VAL OXT  O N N 352 
VAL H    H N N 353 
VAL H2   H N N 354 
VAL HA   H N N 355 
VAL HB   H N N 356 
VAL HG11 H N N 357 
VAL HG12 H N N 358 
VAL HG13 H N N 359 
VAL HG21 H N N 360 
VAL HG22 H N N 361 
VAL HG23 H N N 362 
VAL HXT  H N N 363 
# 
loop_
_chem_comp_bond.comp_id 
_chem_comp_bond.atom_id_1 
_chem_comp_bond.atom_id_2 
_chem_comp_bond.value_order 
_chem_comp_bond.pdbx_aromatic_flag 
_chem_comp_bond.pdbx_stereo_config 
_chem_comp_bond.pdbx_ordinal 
ALA N   CA   sing N N 1   
ALA N   H    sing N N 2   
ALA N   H2   sing N N 3   
ALA CA  C    sing N N 4   
ALA CA  CB   sing N N 5   
ALA CA  HA   sing N N 6   
ALA C   O    doub N N 7   
ALA C   OXT  sing N N 8   
ALA CB  HB1  sing N N 9   
ALA CB  HB2  sing N N 10  
ALA CB  HB3  sing N N 11  
ALA OXT HXT  sing N N 12  
ARG N   CA   sing N N 13  
ARG N   H    sing N N 14  
ARG N   H2   sing N N 15  
ARG CA  C    sing N N 16  
ARG CA  CB   sing N N 17  
ARG CA  HA   sing N N 18  
ARG C   O    doub N N 19  
ARG C   OXT  sing N N 20  
ARG CB  CG   sing N N 21  
ARG CB  HB2  sing N N 22  
ARG CB  HB3  sing N N 23  
ARG CG  CD   sing N N 24  
ARG CG  HG2  sing N N 25  
ARG CG  HG3  sing N N 26  
ARG CD  NE   sing N N 27  
ARG CD  HD2  sing N N 28  
ARG CD  HD3  sing N N 29  
ARG NE  CZ   sing N N 30  
ARG NE  HE   sing N N 31  
ARG CZ  NH1  sing N N 32  
ARG CZ  NH2  doub N N 33  
ARG NH1 HH11 sing N N 34  
ARG NH1 HH12 sing N N 35  
ARG NH2 HH21 sing N N 36  
ARG NH2 HH22 sing N N 37  
ARG OXT HXT  sing N N 38  
ASN N   CA   sing N N 39  
ASN N   H    sing N N 40  
ASN N   H2   sing N N 41  
ASN CA  C    sing N N 42  
ASN CA  CB   sing N N 43  
ASN CA  HA   sing N N 44  
ASN C   O    doub N N 45  
ASN C   OXT  sing N N 46  
ASN CB  CG   sing N N 47  
ASN CB  HB2  sing N N 48  
ASN CB  HB3  sing N N 49  
ASN CG  OD1  doub N N 50  
ASN CG  ND2  sing N N 51  
ASN ND2 HD21 sing N N 52  
ASN ND2 HD22 sing N N 53  
ASN OXT HXT  sing N N 54  
ASP N   CA   sing N N 55  
ASP N   H    sing N N 56  
ASP N   H2   sing N N 57  
ASP CA  C    sing N N 58  
ASP CA  CB   sing N N 59  
ASP CA  HA   sing N N 60  
ASP C   O    doub N N 61  
ASP C   OXT  sing N N 62  
ASP CB  CG   sing N N 63  
ASP CB  HB2  sing N N 64  
ASP CB  HB3  sing N N 65  
ASP CG  OD1  doub N N 66  
ASP CG  OD2  sing N N 67  
ASP OD2 HD2  sing N N 68  
ASP OXT HXT  sing N N 69  
CYS N   CA   sing N N 70  
CYS N   H    sing N N 71  
CYS N   H2   sing N N 72  
CYS CA  C    sing N N 73  
CYS CA  CB   sing N N 74  
CYS CA  HA   sing N N 75  
CYS C   O    doub N N 76  
CYS C   OXT  sing N N 77  
CYS CB  SG   sing N N 78  
CYS CB  HB2  sing N N 79  
CYS CB  HB3  sing N N 80  
CYS SG  HG   sing N N 81  
CYS OXT HXT  sing N N 82  
GLN N   CA   sing N N 83  
GLN N   H    sing N N 84  
GLN N   H2   sing N N 85  
GLN CA  C    sing N N 86  
GLN CA  CB   sing N N 87  
GLN CA  HA   sing N N 88  
GLN C   O    doub N N 89  
GLN C   OXT  sing N N 90  
GLN CB  CG   sing N N 91  
GLN CB  HB2  sing N N 92  
GLN CB  HB3  sing N N 93  
GLN CG  CD   sing N N 94  
GLN CG  HG2  sing N N 95  
GLN CG  HG3  sing N N 96  
GLN CD  OE1  doub N N 97  
GLN CD  NE2  sing N N 98  
GLN NE2 HE21 sing N N 99  
GLN NE2 HE22 sing N N 100 
GLN OXT HXT  sing N N 101 
GLU N   CA   sing N N 102 
GLU N   H    sing N N 103 
GLU N   H2   sing N N 104 
GLU CA  C    sing N N 105 
GLU CA  CB   sing N N 106 
GLU CA  HA   sing N N 107 
GLU C   O    doub N N 108 
GLU C   OXT  sing N N 109 
GLU CB  CG   sing N N 110 
GLU CB  HB2  sing N N 111 
GLU CB  HB3  sing N N 112 
GLU CG  CD   sing N N 113 
GLU CG  HG2  sing N N 114 
GLU CG  HG3  sing N N 115 
GLU CD  OE1  doub N N 116 
GLU CD  OE2  sing N N 117 
GLU OE2 HE2  sing N N 118 
GLU OXT HXT  sing N N 119 
GLY N   CA   sing N N 120 
GLY N   H    sing N N 121 
GLY N   H2   sing N N 122 
GLY CA  C    sing N N 123 
GLY CA  HA2  sing N N 124 
GLY CA  HA3  sing N N 125 
GLY C   O    doub N N 126 
GLY C   OXT  sing N N 127 
GLY OXT HXT  sing N N 128 
HIS N   CA   sing N N 129 
HIS N   H    sing N N 130 
HIS N   H2   sing N N 131 
HIS CA  C    sing N N 132 
HIS CA  CB   sing N N 133 
HIS CA  HA   sing N N 134 
HIS C   O    doub N N 135 
HIS C   OXT  sing N N 136 
HIS CB  CG   sing N N 137 
HIS CB  HB2  sing N N 138 
HIS CB  HB3  sing N N 139 
HIS CG  ND1  sing Y N 140 
HIS CG  CD2  doub Y N 141 
HIS ND1 CE1  doub Y N 142 
HIS ND1 HD1  sing N N 143 
HIS CD2 NE2  sing Y N 144 
HIS CD2 HD2  sing N N 145 
HIS CE1 NE2  sing Y N 146 
HIS CE1 HE1  sing N N 147 
HIS NE2 HE2  sing N N 148 
HIS OXT HXT  sing N N 149 
HOH O   H1   sing N N 150 
HOH O   H2   sing N N 151 
ILE N   CA   sing N N 152 
ILE N   H    sing N N 153 
ILE N   H2   sing N N 154 
ILE CA  C    sing N N 155 
ILE CA  CB   sing N N 156 
ILE CA  HA   sing N N 157 
ILE C   O    doub N N 158 
ILE C   OXT  sing N N 159 
ILE CB  CG1  sing N N 160 
ILE CB  CG2  sing N N 161 
ILE CB  HB   sing N N 162 
ILE CG1 CD1  sing N N 163 
ILE CG1 HG12 sing N N 164 
ILE CG1 HG13 sing N N 165 
ILE CG2 HG21 sing N N 166 
ILE CG2 HG22 sing N N 167 
ILE CG2 HG23 sing N N 168 
ILE CD1 HD11 sing N N 169 
ILE CD1 HD12 sing N N 170 
ILE CD1 HD13 sing N N 171 
ILE OXT HXT  sing N N 172 
LEU N   CA   sing N N 173 
LEU N   H    sing N N 174 
LEU N   H2   sing N N 175 
LEU CA  C    sing N N 176 
LEU CA  CB   sing N N 177 
LEU CA  HA   sing N N 178 
LEU C   O    doub N N 179 
LEU C   OXT  sing N N 180 
LEU CB  CG   sing N N 181 
LEU CB  HB2  sing N N 182 
LEU CB  HB3  sing N N 183 
LEU CG  CD1  sing N N 184 
LEU CG  CD2  sing N N 185 
LEU CG  HG   sing N N 186 
LEU CD1 HD11 sing N N 187 
LEU CD1 HD12 sing N N 188 
LEU CD1 HD13 sing N N 189 
LEU CD2 HD21 sing N N 190 
LEU CD2 HD22 sing N N 191 
LEU CD2 HD23 sing N N 192 
LEU OXT HXT  sing N N 193 
LYS N   CA   sing N N 194 
LYS N   H    sing N N 195 
LYS N   H2   sing N N 196 
LYS CA  C    sing N N 197 
LYS CA  CB   sing N N 198 
LYS CA  HA   sing N N 199 
LYS C   O    doub N N 200 
LYS C   OXT  sing N N 201 
LYS CB  CG   sing N N 202 
LYS CB  HB2  sing N N 203 
LYS CB  HB3  sing N N 204 
LYS CG  CD   sing N N 205 
LYS CG  HG2  sing N N 206 
LYS CG  HG3  sing N N 207 
LYS CD  CE   sing N N 208 
LYS CD  HD2  sing N N 209 
LYS CD  HD3  sing N N 210 
LYS CE  NZ   sing N N 211 
LYS CE  HE2  sing N N 212 
LYS CE  HE3  sing N N 213 
LYS NZ  HZ1  sing N N 214 
LYS NZ  HZ2  sing N N 215 
LYS NZ  HZ3  sing N N 216 
LYS OXT HXT  sing N N 217 
MET N   CA   sing N N 218 
MET N   H    sing N N 219 
MET N   H2   sing N N 220 
MET CA  C    sing N N 221 
MET CA  CB   sing N N 222 
MET CA  HA   sing N N 223 
MET C   O    doub N N 224 
MET C   OXT  sing N N 225 
MET CB  CG   sing N N 226 
MET CB  HB2  sing N N 227 
MET CB  HB3  sing N N 228 
MET CG  SD   sing N N 229 
MET CG  HG2  sing N N 230 
MET CG  HG3  sing N N 231 
MET SD  CE   sing N N 232 
MET CE  HE1  sing N N 233 
MET CE  HE2  sing N N 234 
MET CE  HE3  sing N N 235 
MET OXT HXT  sing N N 236 
PHE N   CA   sing N N 237 
PHE N   H    sing N N 238 
PHE N   H2   sing N N 239 
PHE CA  C    sing N N 240 
PHE CA  CB   sing N N 241 
PHE CA  HA   sing N N 242 
PHE C   O    doub N N 243 
PHE C   OXT  sing N N 244 
PHE CB  CG   sing N N 245 
PHE CB  HB2  sing N N 246 
PHE CB  HB3  sing N N 247 
PHE CG  CD1  doub Y N 248 
PHE CG  CD2  sing Y N 249 
PHE CD1 CE1  sing Y N 250 
PHE CD1 HD1  sing N N 251 
PHE CD2 CE2  doub Y N 252 
PHE CD2 HD2  sing N N 253 
PHE CE1 CZ   doub Y N 254 
PHE CE1 HE1  sing N N 255 
PHE CE2 CZ   sing Y N 256 
PHE CE2 HE2  sing N N 257 
PHE CZ  HZ   sing N N 258 
PHE OXT HXT  sing N N 259 
PRO N   CA   sing N N 260 
PRO N   CD   sing N N 261 
PRO N   H    sing N N 262 
PRO CA  C    sing N N 263 
PRO CA  CB   sing N N 264 
PRO CA  HA   sing N N 265 
PRO C   O    doub N N 266 
PRO C   OXT  sing N N 267 
PRO CB  CG   sing N N 268 
PRO CB  HB2  sing N N 269 
PRO CB  HB3  sing N N 270 
PRO CG  CD   sing N N 271 
PRO CG  HG2  sing N N 272 
PRO CG  HG3  sing N N 273 
PRO CD  HD2  sing N N 274 
PRO CD  HD3  sing N N 275 
PRO OXT HXT  sing N N 276 
SER N   CA   sing N N 277 
SER N   H    sing N N 278 
SER N   H2   sing N N 279 
SER CA  C    sing N N 280 
SER CA  CB   sing N N 281 
SER CA  HA   sing N N 282 
SER C   O    doub N N 283 
SER C   OXT  sing N N 284 
SER CB  OG   sing N N 285 
SER CB  HB2  sing N N 286 
SER CB  HB3  sing N N 287 
SER OG  HG   sing N N 288 
SER OXT HXT  sing N N 289 
THR N   CA   sing N N 290 
THR N   H    sing N N 291 
THR N   H2   sing N N 292 
THR CA  C    sing N N 293 
THR CA  CB   sing N N 294 
THR CA  HA   sing N N 295 
THR C   O    doub N N 296 
THR C   OXT  sing N N 297 
THR CB  OG1  sing N N 298 
THR CB  CG2  sing N N 299 
THR CB  HB   sing N N 300 
THR OG1 HG1  sing N N 301 
THR CG2 HG21 sing N N 302 
THR CG2 HG22 sing N N 303 
THR CG2 HG23 sing N N 304 
THR OXT HXT  sing N N 305 
TYR N   CA   sing N N 306 
TYR N   H    sing N N 307 
TYR N   H2   sing N N 308 
TYR CA  C    sing N N 309 
TYR CA  CB   sing N N 310 
TYR CA  HA   sing N N 311 
TYR C   O    doub N N 312 
TYR C   OXT  sing N N 313 
TYR CB  CG   sing N N 314 
TYR CB  HB2  sing N N 315 
TYR CB  HB3  sing N N 316 
TYR CG  CD1  doub Y N 317 
TYR CG  CD2  sing Y N 318 
TYR CD1 CE1  sing Y N 319 
TYR CD1 HD1  sing N N 320 
TYR CD2 CE2  doub Y N 321 
TYR CD2 HD2  sing N N 322 
TYR CE1 CZ   doub Y N 323 
TYR CE1 HE1  sing N N 324 
TYR CE2 CZ   sing Y N 325 
TYR CE2 HE2  sing N N 326 
TYR CZ  OH   sing N N 327 
TYR OH  HH   sing N N 328 
TYR OXT HXT  sing N N 329 
VAL N   CA   sing N N 330 
VAL N   H    sing N N 331 
VAL N   H2   sing N N 332 
VAL CA  C    sing N N 333 
VAL CA  CB   sing N N 334 
VAL CA  HA   sing N N 335 
VAL C   O    doub N N 336 
VAL C   OXT  sing N N 337 
VAL CB  CG1  sing N N 338 
VAL CB  CG2  sing N N 339 
VAL CB  HB   sing N N 340 
VAL CG1 HG11 sing N N 341 
VAL CG1 HG12 sing N N 342 
VAL CG1 HG13 sing N N 343 
VAL CG2 HG21 sing N N 344 
VAL CG2 HG22 sing N N 345 
VAL CG2 HG23 sing N N 346 
VAL OXT HXT  sing N N 347 
# 
_atom_sites.entry_id                    1TFU 
_atom_sites.fract_transf_matrix[1][1]   0.00187492 
_atom_sites.fract_transf_matrix[1][2]   -0.00648092 
_atom_sites.fract_transf_matrix[1][3]   -0.00956929 
_atom_sites.fract_transf_matrix[2][1]   -0.00446320 
_atom_sites.fract_transf_matrix[2][2]   0.00333682 
_atom_sites.fract_transf_matrix[2][3]   -0.01029674 
_atom_sites.fract_transf_matrix[3][1]   0.00723858 
_atom_sites.fract_transf_matrix[3][2]   0.00454983 
_atom_sites.fract_transf_matrix[3][3]   -0.00166317 
_atom_sites.fract_transf_vector[1]      0.228425 
_atom_sites.fract_transf_vector[2]      0.077015 
_atom_sites.fract_transf_vector[3]      -0.117746 
# 
loop_
_atom_type.symbol 
C 
N 
O 
S 
# 
loop_
_atom_site.group_PDB 
_atom_site.id 
_atom_site.type_symbol 
_atom_site.label_atom_id 
_atom_site.label_alt_id 
_atom_site.label_comp_id 
_atom_site.label_asym_id 
_atom_site.label_entity_id 
_atom_site.label_seq_id 
_atom_site.pdbx_PDB_ins_code 
_atom_site.Cartn_x 
_atom_site.Cartn_y 
_atom_site.Cartn_z 
_atom_site.occupancy 
_atom_site.B_iso_or_equiv 
_atom_site.pdbx_formal_charge 
_atom_site.auth_seq_id 
_atom_site.auth_comp_id 
_atom_site.auth_asym_id 
_atom_site.auth_atom_id 
_atom_site.pdbx_PDB_model_num 
ATOM   1    N N   . MET A 1 1   ? 20.126  -11.630 -1.543  1.00 43.03 ? 1   MET A N   1 
ATOM   2    C CA  . MET A 1 1   ? 19.369  -11.945 -0.294  1.00 42.64 ? 1   MET A CA  1 
ATOM   3    C C   . MET A 1 1   ? 18.509  -10.773 0.191   1.00 41.48 ? 1   MET A C   1 
ATOM   4    O O   . MET A 1 1   ? 18.175  -10.692 1.377   1.00 41.66 ? 1   MET A O   1 
ATOM   5    C CB  . MET A 1 1   ? 20.348  -12.350 0.818   1.00 44.21 ? 1   MET A CB  1 
ATOM   6    C CG  . MET A 1 1   ? 21.822  -11.971 0.580   1.00 45.64 ? 1   MET A CG  1 
ATOM   7    S SD  . MET A 1 1   ? 22.154  -10.206 0.286   1.00 48.43 ? 1   MET A SD  1 
ATOM   8    C CE  . MET A 1 1   ? 22.141  -9.524  1.991   1.00 46.94 ? 1   MET A CE  1 
ATOM   9    N N   . THR A 1 2   ? 18.128  -9.881  -0.720  1.00 39.68 ? 2   THR A N   1 
ATOM   10   C CA  . THR A 1 2   ? 17.352  -8.701  -0.338  1.00 37.77 ? 2   THR A CA  1 
ATOM   11   C C   . THR A 1 2   ? 15.856  -8.745  -0.636  1.00 36.07 ? 2   THR A C   1 
ATOM   12   O O   . THR A 1 2   ? 15.422  -9.307  -1.640  1.00 35.61 ? 2   THR A O   1 
ATOM   13   C CB  . THR A 1 2   ? 17.941  -7.433  -0.993  1.00 37.98 ? 2   THR A CB  1 
ATOM   14   O OG1 . THR A 1 2   ? 17.675  -7.447  -2.400  1.00 38.56 ? 2   THR A OG1 1 
ATOM   15   C CG2 . THR A 1 2   ? 19.449  -7.383  -0.790  1.00 38.04 ? 2   THR A CG2 1 
ATOM   16   N N   . GLY A 1 3   ? 15.075  -8.132  0.252   1.00 34.46 ? 3   GLY A N   1 
ATOM   17   C CA  . GLY A 1 3   ? 13.633  -8.086  0.088   1.00 32.06 ? 3   GLY A CA  1 
ATOM   18   C C   . GLY A 1 3   ? 12.995  -7.031  0.977   1.00 30.85 ? 3   GLY A C   1 
ATOM   19   O O   . GLY A 1 3   ? 13.533  -6.689  2.035   1.00 30.95 ? 3   GLY A O   1 
ATOM   20   N N   . ALA A 1 4   ? 11.853  -6.499  0.552   1.00 29.01 ? 4   ALA A N   1 
ATOM   21   C CA  . ALA A 1 4   ? 11.157  -5.492  1.345   1.00 27.67 ? 4   ALA A CA  1 
ATOM   22   C C   . ALA A 1 4   ? 9.656   -5.724  1.321   1.00 26.36 ? 4   ALA A C   1 
ATOM   23   O O   . ALA A 1 4   ? 9.120   -6.281  0.369   1.00 26.30 ? 4   ALA A O   1 
ATOM   24   C CB  . ALA A 1 4   ? 11.474  -4.089  0.823   1.00 27.32 ? 4   ALA A CB  1 
ATOM   25   N N   . VAL A 1 5   ? 8.980   -5.296  2.380   1.00 25.06 ? 5   VAL A N   1 
ATOM   26   C CA  . VAL A 1 5   ? 7.531   -5.440  2.465   1.00 23.69 ? 5   VAL A CA  1 
ATOM   27   C C   . VAL A 1 5   ? 6.876   -4.048  2.437   1.00 23.32 ? 5   VAL A C   1 
ATOM   28   O O   . VAL A 1 5   ? 7.363   -3.111  3.073   1.00 22.67 ? 5   VAL A O   1 
ATOM   29   C CB  . VAL A 1 5   ? 7.118   -6.169  3.774   1.00 23.52 ? 5   VAL A CB  1 
ATOM   30   C CG1 . VAL A 1 5   ? 5.606   -6.226  3.888   1.00 23.33 ? 5   VAL A CG1 1 
ATOM   31   C CG2 . VAL A 1 5   ? 7.703   -7.575  3.801   1.00 22.61 ? 5   VAL A CG2 1 
ATOM   32   N N   . CYS A 1 6   ? 5.794   -3.912  1.674   1.00 22.52 ? 6   CYS A N   1 
ATOM   33   C CA  . CYS A 1 6   ? 5.053   -2.652  1.596   1.00 22.22 ? 6   CYS A CA  1 
ATOM   34   C C   . CYS A 1 6   ? 3.678   -2.963  2.180   1.00 22.13 ? 6   CYS A C   1 
ATOM   35   O O   . CYS A 1 6   ? 2.803   -3.486  1.489   1.00 22.02 ? 6   CYS A O   1 
ATOM   36   C CB  . CYS A 1 6   ? 4.913   -2.176  0.142   1.00 22.04 ? 6   CYS A CB  1 
ATOM   37   S SG  . CYS A 1 6   ? 6.470   -1.755  -0.702  1.00 23.12 ? 6   CYS A SG  1 
ATOM   38   N N   . PRO A 1 7   ? 3.478   -2.661  3.472   1.00 21.96 ? 7   PRO A N   1 
ATOM   39   C CA  . PRO A 1 7   ? 2.216   -2.911  4.167   1.00 22.13 ? 7   PRO A CA  1 
ATOM   40   C C   . PRO A 1 7   ? 1.201   -1.783  4.027   1.00 22.16 ? 7   PRO A C   1 
ATOM   41   O O   . PRO A 1 7   ? 1.568   -0.619  3.861   1.00 22.38 ? 7   PRO A O   1 
ATOM   42   C CB  . PRO A 1 7   ? 2.667   -3.093  5.607   1.00 22.22 ? 7   PRO A CB  1 
ATOM   43   C CG  . PRO A 1 7   ? 3.714   -2.016  5.719   1.00 22.24 ? 7   PRO A CG  1 
ATOM   44   C CD  . PRO A 1 7   ? 4.484   -2.106  4.401   1.00 22.09 ? 7   PRO A CD  1 
ATOM   45   N N   . GLY A 1 8   ? -0.077  -2.137  4.092   1.00 21.99 ? 8   GLY A N   1 
ATOM   46   C CA  . GLY A 1 8   ? -1.134  -1.144  3.986   1.00 22.43 ? 8   GLY A CA  1 
ATOM   47   C C   . GLY A 1 8   ? -2.503  -1.786  3.856   1.00 22.82 ? 8   GLY A C   1 
ATOM   48   O O   . GLY A 1 8   ? -2.612  -3.002  3.698   1.00 22.94 ? 8   GLY A O   1 
ATOM   49   N N   . SER A 1 9   ? -3.555  -0.975  3.922   1.00 22.66 ? 9   SER A N   1 
ATOM   50   C CA  . SER A 1 9   ? -4.905  -1.499  3.786   1.00 23.35 ? 9   SER A CA  1 
ATOM   51   C C   . SER A 1 9   ? -5.313  -1.491  2.312   1.00 23.05 ? 9   SER A C   1 
ATOM   52   O O   . SER A 1 9   ? -6.191  -2.242  1.900   1.00 23.61 ? 9   SER A O   1 
ATOM   53   C CB  . SER A 1 9   ? -5.879  -0.662  4.617   1.00 23.64 ? 9   SER A CB  1 
ATOM   54   O OG  . SER A 1 9   ? -5.711  0.718   4.341   1.00 24.50 ? 9   SER A OG  1 
ATOM   55   N N   . PHE A 1 10  ? -4.661  -0.640  1.523   1.00 23.10 ? 10  PHE A N   1 
ATOM   56   C CA  . PHE A 1 10  ? -4.928  -0.532  0.088   1.00 22.70 ? 10  PHE A CA  1 
ATOM   57   C C   . PHE A 1 10  ? -6.404  -0.677  -0.245  1.00 22.55 ? 10  PHE A C   1 
ATOM   58   O O   . PHE A 1 10  ? -6.811  -1.575  -0.998  1.00 22.20 ? 10  PHE A O   1 
ATOM   59   C CB  . PHE A 1 10  ? -4.112  -1.584  -0.664  1.00 22.87 ? 10  PHE A CB  1 
ATOM   60   C CG  . PHE A 1 10  ? -2.652  -1.547  -0.335  1.00 22.93 ? 10  PHE A CG  1 
ATOM   61   C CD1 . PHE A 1 10  ? -2.071  -2.549  0.438   1.00 22.63 ? 10  PHE A CD1 1 
ATOM   62   C CD2 . PHE A 1 10  ? -1.863  -0.478  -0.754  1.00 22.72 ? 10  PHE A CD2 1 
ATOM   63   C CE1 . PHE A 1 10  ? -0.725  -2.488  0.793   1.00 22.23 ? 10  PHE A CE1 1 
ATOM   64   C CE2 . PHE A 1 10  ? -0.514  -0.406  -0.404  1.00 22.97 ? 10  PHE A CE2 1 
ATOM   65   C CZ  . PHE A 1 10  ? 0.055   -1.421  0.374   1.00 22.56 ? 10  PHE A CZ  1 
ATOM   66   N N   . ASP A 1 11  ? -7.199  0.225   0.321   1.00 22.30 ? 11  ASP A N   1 
ATOM   67   C CA  . ASP A 1 11  ? -8.643  0.219   0.127   1.00 22.39 ? 11  ASP A CA  1 
ATOM   68   C C   . ASP A 1 11  ? -9.169  1.527   -0.482  1.00 21.72 ? 11  ASP A C   1 
ATOM   69   O O   . ASP A 1 11  ? -9.789  2.332   0.202   1.00 22.23 ? 11  ASP A O   1 
ATOM   70   C CB  . ASP A 1 11  ? -9.318  -0.038  1.475   1.00 22.73 ? 11  ASP A CB  1 
ATOM   71   C CG  . ASP A 1 11  ? -10.825 -0.075  1.377   1.00 23.06 ? 11  ASP A CG  1 
ATOM   72   O OD1 . ASP A 1 11  ? -11.353 -0.779  0.486   1.00 23.59 ? 11  ASP A OD1 1 
ATOM   73   O OD2 . ASP A 1 11  ? -11.480 0.593   2.199   1.00 23.60 ? 11  ASP A OD2 1 
ATOM   74   N N   . PRO A 1 12  ? -8.923  1.759   -1.781  1.00 21.49 ? 12  PRO A N   1 
ATOM   75   C CA  . PRO A 1 12  ? -8.198  0.906   -2.725  1.00 20.93 ? 12  PRO A CA  1 
ATOM   76   C C   . PRO A 1 12  ? -6.763  1.394   -2.925  1.00 20.47 ? 12  PRO A C   1 
ATOM   77   O O   . PRO A 1 12  ? -6.382  2.463   -2.437  1.00 20.08 ? 12  PRO A O   1 
ATOM   78   C CB  . PRO A 1 12  ? -9.005  1.069   -3.998  1.00 21.02 ? 12  PRO A CB  1 
ATOM   79   C CG  . PRO A 1 12  ? -9.273  2.566   -3.970  1.00 21.24 ? 12  PRO A CG  1 
ATOM   80   C CD  . PRO A 1 12  ? -9.645  2.828   -2.502  1.00 21.35 ? 12  PRO A CD  1 
ATOM   81   N N   . VAL A 1 13  ? -5.980  0.606   -3.654  1.00 20.02 ? 13  VAL A N   1 
ATOM   82   C CA  . VAL A 1 13  ? -4.605  0.976   -3.968  1.00 19.70 ? 13  VAL A CA  1 
ATOM   83   C C   . VAL A 1 13  ? -4.701  2.201   -4.888  1.00 19.48 ? 13  VAL A C   1 
ATOM   84   O O   . VAL A 1 13  ? -5.626  2.299   -5.697  1.00 20.04 ? 13  VAL A O   1 
ATOM   85   C CB  . VAL A 1 13  ? -3.881  -0.181  -4.702  1.00 19.75 ? 13  VAL A CB  1 
ATOM   86   C CG1 . VAL A 1 13  ? -4.572  -0.469  -6.043  1.00 19.96 ? 13  VAL A CG1 1 
ATOM   87   C CG2 . VAL A 1 13  ? -2.420  0.165   -4.920  1.00 19.56 ? 13  VAL A CG2 1 
ATOM   88   N N   . THR A 1 14  ? -3.773  3.142   -4.752  1.00 19.02 ? 14  THR A N   1 
ATOM   89   C CA  . THR A 1 14  ? -3.783  4.346   -5.582  1.00 18.45 ? 14  THR A CA  1 
ATOM   90   C C   . THR A 1 14  ? -2.533  4.347   -6.453  1.00 18.17 ? 14  THR A C   1 
ATOM   91   O O   . THR A 1 14  ? -1.700  3.452   -6.336  1.00 17.83 ? 14  THR A O   1 
ATOM   92   C CB  . THR A 1 14  ? -3.752  5.620   -4.715  1.00 18.45 ? 14  THR A CB  1 
ATOM   93   O OG1 . THR A 1 14  ? -2.458  5.745   -4.107  1.00 18.01 ? 14  THR A OG1 1 
ATOM   94   C CG2 . THR A 1 14  ? -4.802  5.546   -3.619  1.00 17.91 ? 14  THR A CG2 1 
ATOM   95   N N   . LEU A 1 15  ? -2.388  5.342   -7.325  1.00 18.12 ? 15  LEU A N   1 
ATOM   96   C CA  . LEU A 1 15  ? -1.184  5.397   -8.155  1.00 18.56 ? 15  LEU A CA  1 
ATOM   97   C C   . LEU A 1 15  ? 0.016   5.829   -7.314  1.00 18.79 ? 15  LEU A C   1 
ATOM   98   O O   . LEU A 1 15  ? 1.168   5.653   -7.714  1.00 18.92 ? 15  LEU A O   1 
ATOM   99   C CB  . LEU A 1 15  ? -1.380  6.342   -9.342  1.00 18.88 ? 15  LEU A CB  1 
ATOM   100  C CG  . LEU A 1 15  ? -2.333  5.816   -10.428 1.00 18.68 ? 15  LEU A CG  1 
ATOM   101  C CD1 . LEU A 1 15  ? -2.571  6.882   -11.483 1.00 19.40 ? 15  LEU A CD1 1 
ATOM   102  C CD2 . LEU A 1 15  ? -1.747  4.564   -11.057 1.00 18.88 ? 15  LEU A CD2 1 
ATOM   103  N N   . GLY A 1 16  ? -0.258  6.402   -6.146  1.00 19.03 ? 16  GLY A N   1 
ATOM   104  C CA  . GLY A 1 16  ? 0.825   6.806   -5.264  1.00 18.84 ? 16  GLY A CA  1 
ATOM   105  C C   . GLY A 1 16  ? 1.462   5.543   -4.712  1.00 18.91 ? 16  GLY A C   1 
ATOM   106  O O   . GLY A 1 16  ? 2.685   5.445   -4.601  1.00 19.03 ? 16  GLY A O   1 
ATOM   107  N N   . HIS A 1 17  ? 0.621   4.566   -4.370  1.00 18.67 ? 17  HIS A N   1 
ATOM   108  C CA  . HIS A 1 17  ? 1.086   3.280   -3.847  1.00 19.09 ? 17  HIS A CA  1 
ATOM   109  C C   . HIS A 1 17  ? 1.876   2.540   -4.918  1.00 19.14 ? 17  HIS A C   1 
ATOM   110  O O   . HIS A 1 17  ? 2.945   1.991   -4.652  1.00 19.31 ? 17  HIS A O   1 
ATOM   111  C CB  . HIS A 1 17  ? -0.105  2.415   -3.432  1.00 18.43 ? 17  HIS A CB  1 
ATOM   112  C CG  . HIS A 1 17  ? -0.865  2.959   -2.268  1.00 18.70 ? 17  HIS A CG  1 
ATOM   113  N ND1 . HIS A 1 17  ? -2.236  2.863   -2.167  1.00 18.27 ? 17  HIS A ND1 1 
ATOM   114  C CD2 . HIS A 1 17  ? -0.446  3.586   -1.142  1.00 18.69 ? 17  HIS A CD2 1 
ATOM   115  C CE1 . HIS A 1 17  ? -2.629  3.408   -1.030  1.00 18.52 ? 17  HIS A CE1 1 
ATOM   116  N NE2 . HIS A 1 17  ? -1.563  3.853   -0.388  1.00 18.64 ? 17  HIS A NE2 1 
ATOM   117  N N   . VAL A 1 18  ? 1.334   2.525   -6.132  1.00 18.88 ? 18  VAL A N   1 
ATOM   118  C CA  . VAL A 1 18  ? 1.986   1.845   -7.237  1.00 19.32 ? 18  VAL A CA  1 
ATOM   119  C C   . VAL A 1 18  ? 3.371   2.434   -7.479  1.00 19.17 ? 18  VAL A C   1 
ATOM   120  O O   . VAL A 1 18  ? 4.315   1.698   -7.736  1.00 19.20 ? 18  VAL A O   1 
ATOM   121  C CB  . VAL A 1 18  ? 1.133   1.934   -8.509  1.00 19.84 ? 18  VAL A CB  1 
ATOM   122  C CG1 . VAL A 1 18  ? 1.872   1.303   -9.689  1.00 20.37 ? 18  VAL A CG1 1 
ATOM   123  C CG2 . VAL A 1 18  ? -0.201  1.211   -8.274  1.00 19.93 ? 18  VAL A CG2 1 
ATOM   124  N N   . ASP A 1 19  ? 3.488   3.758   -7.394  1.00 19.21 ? 19  ASP A N   1 
ATOM   125  C CA  . ASP A 1 19  ? 4.778   4.428   -7.576  1.00 19.47 ? 19  ASP A CA  1 
ATOM   126  C C   . ASP A 1 19  ? 5.762   3.886   -6.535  1.00 19.14 ? 19  ASP A C   1 
ATOM   127  O O   . ASP A 1 19  ? 6.924   3.609   -6.841  1.00 19.01 ? 19  ASP A O   1 
ATOM   128  C CB  . ASP A 1 19  ? 4.617   5.946   -7.396  1.00 20.18 ? 19  ASP A CB  1 
ATOM   129  C CG  . ASP A 1 19  ? 5.945   6.689   -7.452  1.00 21.01 ? 19  ASP A CG  1 
ATOM   130  O OD1 . ASP A 1 19  ? 6.259   7.432   -6.496  1.00 21.13 ? 19  ASP A OD1 1 
ATOM   131  O OD2 . ASP A 1 19  ? 6.676   6.535   -8.452  1.00 21.47 ? 19  ASP A OD2 1 
ATOM   132  N N   . ILE A 1 20  ? 5.293   3.736   -5.300  1.00 18.91 ? 20  ILE A N   1 
ATOM   133  C CA  . ILE A 1 20  ? 6.147   3.213   -4.236  1.00 19.36 ? 20  ILE A CA  1 
ATOM   134  C C   . ILE A 1 20  ? 6.527   1.755   -4.537  1.00 19.25 ? 20  ILE A C   1 
ATOM   135  O O   . ILE A 1 20  ? 7.673   1.354   -4.339  1.00 18.92 ? 20  ILE A O   1 
ATOM   136  C CB  . ILE A 1 20  ? 5.443   3.284   -2.854  1.00 19.59 ? 20  ILE A CB  1 
ATOM   137  C CG1 . ILE A 1 20  ? 5.097   4.742   -2.511  1.00 20.24 ? 20  ILE A CG1 1 
ATOM   138  C CG2 . ILE A 1 20  ? 6.329   2.666   -1.784  1.00 19.64 ? 20  ILE A CG2 1 
ATOM   139  C CD1 . ILE A 1 20  ? 6.252   5.720   -2.634  1.00 20.27 ? 20  ILE A CD1 1 
ATOM   140  N N   . PHE A 1 21  ? 5.561   0.969   -5.016  1.00 19.56 ? 21  PHE A N   1 
ATOM   141  C CA  . PHE A 1 21  ? 5.811   -0.437  -5.344  1.00 19.74 ? 21  PHE A CA  1 
ATOM   142  C C   . PHE A 1 21  ? 6.907   -0.538  -6.402  1.00 20.08 ? 21  PHE A C   1 
ATOM   143  O O   . PHE A 1 21  ? 7.809   -1.374  -6.308  1.00 19.40 ? 21  PHE A O   1 
ATOM   144  C CB  . PHE A 1 21  ? 4.551   -1.112  -5.909  1.00 19.47 ? 21  PHE A CB  1 
ATOM   145  C CG  . PHE A 1 21  ? 3.404   -1.233  -4.932  1.00 18.81 ? 21  PHE A CG  1 
ATOM   146  C CD1 . PHE A 1 21  ? 2.127   -1.541  -5.398  1.00 18.63 ? 21  PHE A CD1 1 
ATOM   147  C CD2 . PHE A 1 21  ? 3.588   -1.049  -3.570  1.00 19.02 ? 21  PHE A CD2 1 
ATOM   148  C CE1 . PHE A 1 21  ? 1.056   -1.663  -4.524  1.00 18.90 ? 21  PHE A CE1 1 
ATOM   149  C CE2 . PHE A 1 21  ? 2.520   -1.168  -2.682  1.00 18.81 ? 21  PHE A CE2 1 
ATOM   150  C CZ  . PHE A 1 21  ? 1.252   -1.475  -3.161  1.00 19.00 ? 21  PHE A CZ  1 
ATOM   151  N N   . GLU A 1 22  ? 6.803   0.309   -7.422  1.00 20.61 ? 22  GLU A N   1 
ATOM   152  C CA  . GLU A 1 22  ? 7.765   0.320   -8.518  1.00 21.43 ? 22  GLU A CA  1 
ATOM   153  C C   . GLU A 1 22  ? 9.167   0.652   -8.032  1.00 21.84 ? 22  GLU A C   1 
ATOM   154  O O   . GLU A 1 22  ? 10.141  0.008   -8.418  1.00 21.73 ? 22  GLU A O   1 
ATOM   155  C CB  . GLU A 1 22  ? 7.332   1.335   -9.581  1.00 21.92 ? 22  GLU A CB  1 
ATOM   156  C CG  . GLU A 1 22  ? 6.069   0.927   -10.332 1.00 22.66 ? 22  GLU A CG  1 
ATOM   157  C CD  . GLU A 1 22  ? 5.569   1.996   -11.281 1.00 23.23 ? 22  GLU A CD  1 
ATOM   158  O OE1 . GLU A 1 22  ? 4.636   1.703   -12.058 1.00 23.96 ? 22  GLU A OE1 1 
ATOM   159  O OE2 . GLU A 1 22  ? 6.098   3.127   -11.250 1.00 23.16 ? 22  GLU A OE2 1 
ATOM   160  N N   . ARG A 1 23  ? 9.269   1.648   -7.168  1.00 21.92 ? 23  ARG A N   1 
ATOM   161  C CA  . ARG A 1 23  ? 10.571  2.055   -6.665  1.00 22.47 ? 23  ARG A CA  1 
ATOM   162  C C   . ARG A 1 23  ? 11.183  1.014   -5.728  1.00 22.05 ? 23  ARG A C   1 
ATOM   163  O O   . ARG A 1 23  ? 12.396  0.798   -5.747  1.00 21.29 ? 23  ARG A O   1 
ATOM   164  C CB  . ARG A 1 23  ? 10.442  3.435   -6.013  1.00 23.44 ? 23  ARG A CB  1 
ATOM   165  C CG  . ARG A 1 23  ? 10.107  4.497   -7.073  1.00 25.16 ? 23  ARG A CG  1 
ATOM   166  C CD  . ARG A 1 23  ? 9.357   5.692   -6.533  1.00 26.97 ? 23  ARG A CD  1 
ATOM   167  N NE  . ARG A 1 23  ? 10.219  6.590   -5.793  1.00 29.43 ? 23  ARG A NE  1 
ATOM   168  C CZ  . ARG A 1 23  ? 9.825   7.748   -5.273  1.00 30.86 ? 23  ARG A CZ  1 
ATOM   169  N NH1 . ARG A 1 23  ? 8.567   8.155   -5.413  1.00 31.54 ? 23  ARG A NH1 1 
ATOM   170  N NH2 . ARG A 1 23  ? 10.692  8.499   -4.605  1.00 31.29 ? 23  ARG A NH2 1 
ATOM   171  N N   . ALA A 1 24  ? 10.351  0.356   -4.922  1.00 21.72 ? 24  ALA A N   1 
ATOM   172  C CA  . ALA A 1 24  ? 10.858  -0.678  -4.028  1.00 22.04 ? 24  ALA A CA  1 
ATOM   173  C C   . ALA A 1 24  ? 11.328  -1.841  -4.900  1.00 22.31 ? 24  ALA A C   1 
ATOM   174  O O   . ALA A 1 24  ? 12.382  -2.432  -4.657  1.00 22.30 ? 24  ALA A O   1 
ATOM   175  C CB  . ALA A 1 24  ? 9.759   -1.152  -3.073  1.00 21.57 ? 24  ALA A CB  1 
ATOM   176  N N   . ALA A 1 25  ? 10.542  -2.146  -5.928  1.00 22.56 ? 25  ALA A N   1 
ATOM   177  C CA  . ALA A 1 25  ? 10.846  -3.246  -6.848  1.00 23.03 ? 25  ALA A CA  1 
ATOM   178  C C   . ALA A 1 25  ? 12.154  -3.034  -7.601  1.00 23.26 ? 25  ALA A C   1 
ATOM   179  O O   . ALA A 1 25  ? 12.822  -3.993  -7.981  1.00 23.51 ? 25  ALA A O   1 
ATOM   180  C CB  . ALA A 1 25  ? 9.695   -3.423  -7.844  1.00 22.88 ? 25  ALA A CB  1 
ATOM   181  N N   . ALA A 1 26  ? 12.515  -1.778  -7.822  1.00 23.44 ? 26  ALA A N   1 
ATOM   182  C CA  . ALA A 1 26  ? 13.749  -1.457  -8.537  1.00 23.96 ? 26  ALA A CA  1 
ATOM   183  C C   . ALA A 1 26  ? 14.980  -1.568  -7.639  1.00 24.09 ? 26  ALA A C   1 
ATOM   184  O O   . ALA A 1 26  ? 16.107  -1.713  -8.124  1.00 23.89 ? 26  ALA A O   1 
ATOM   185  C CB  . ALA A 1 26  ? 13.658  -0.035  -9.114  1.00 23.72 ? 26  ALA A CB  1 
ATOM   186  N N   . GLN A 1 27  ? 14.768  -1.511  -6.329  1.00 24.11 ? 27  GLN A N   1 
ATOM   187  C CA  . GLN A 1 27  ? 15.881  -1.547  -5.387  1.00 24.34 ? 27  GLN A CA  1 
ATOM   188  C C   . GLN A 1 27  ? 16.044  -2.831  -4.573  1.00 24.54 ? 27  GLN A C   1 
ATOM   189  O O   . GLN A 1 27  ? 17.082  -3.034  -3.940  1.00 24.87 ? 27  GLN A O   1 
ATOM   190  C CB  . GLN A 1 27  ? 15.769  -0.356  -4.427  1.00 24.26 ? 27  GLN A CB  1 
ATOM   191  C CG  . GLN A 1 27  ? 15.654  1.014   -5.107  1.00 24.62 ? 27  GLN A CG  1 
ATOM   192  C CD  . GLN A 1 27  ? 16.837  1.338   -6.010  1.00 24.42 ? 27  GLN A CD  1 
ATOM   193  O OE1 . GLN A 1 27  ? 17.934  0.808   -5.832  1.00 25.01 ? 27  GLN A OE1 1 
ATOM   194  N NE2 . GLN A 1 27  ? 16.621  2.226   -6.971  1.00 24.28 ? 27  GLN A NE2 1 
ATOM   195  N N   . PHE A 1 28  ? 15.031  -3.690  -4.564  1.00 24.56 ? 28  PHE A N   1 
ATOM   196  C CA  . PHE A 1 28  ? 15.125  -4.935  -3.800  1.00 24.94 ? 28  PHE A CA  1 
ATOM   197  C C   . PHE A 1 28  ? 14.836  -6.128  -4.701  1.00 25.97 ? 28  PHE A C   1 
ATOM   198  O O   . PHE A 1 28  ? 14.000  -6.042  -5.606  1.00 25.23 ? 28  PHE A O   1 
ATOM   199  C CB  . PHE A 1 28  ? 14.136  -4.946  -2.624  1.00 24.46 ? 28  PHE A CB  1 
ATOM   200  C CG  . PHE A 1 28  ? 14.401  -3.889  -1.589  1.00 23.76 ? 28  PHE A CG  1 
ATOM   201  C CD1 . PHE A 1 28  ? 13.968  -2.578  -1.784  1.00 23.89 ? 28  PHE A CD1 1 
ATOM   202  C CD2 . PHE A 1 28  ? 15.109  -4.195  -0.432  1.00 24.02 ? 28  PHE A CD2 1 
ATOM   203  C CE1 . PHE A 1 28  ? 14.241  -1.586  -0.839  1.00 23.37 ? 28  PHE A CE1 1 
ATOM   204  C CE2 . PHE A 1 28  ? 15.386  -3.210  0.522   1.00 23.50 ? 28  PHE A CE2 1 
ATOM   205  C CZ  . PHE A 1 28  ? 14.950  -1.903  0.313   1.00 23.67 ? 28  PHE A CZ  1 
ATOM   206  N N   . ASP A 1 29  ? 15.525  -7.239  -4.449  1.00 26.89 ? 29  ASP A N   1 
ATOM   207  C CA  . ASP A 1 29  ? 15.335  -8.446  -5.248  1.00 28.31 ? 29  ASP A CA  1 
ATOM   208  C C   . ASP A 1 29  ? 13.881  -8.900  -5.218  1.00 28.29 ? 29  ASP A C   1 
ATOM   209  O O   . ASP A 1 29  ? 13.319  -9.302  -6.236  1.00 27.66 ? 29  ASP A O   1 
ATOM   210  C CB  . ASP A 1 29  ? 16.239  -9.566  -4.729  1.00 29.91 ? 29  ASP A CB  1 
ATOM   211  C CG  . ASP A 1 29  ? 17.653  -9.474  -5.271  1.00 31.19 ? 29  ASP A CG  1 
ATOM   212  O OD1 . ASP A 1 29  ? 18.578  -9.947  -4.588  1.00 33.52 ? 29  ASP A OD1 1 
ATOM   213  O OD2 . ASP A 1 29  ? 17.846  -8.941  -6.384  1.00 32.50 ? 29  ASP A OD2 1 
ATOM   214  N N   . GLU A 1 30  ? 13.269  -8.818  -4.045  1.00 28.58 ? 30  GLU A N   1 
ATOM   215  C CA  . GLU A 1 30  ? 11.889  -9.235  -3.906  1.00 29.08 ? 30  GLU A CA  1 
ATOM   216  C C   . GLU A 1 30  ? 11.061  -8.269  -3.069  1.00 28.41 ? 30  GLU A C   1 
ATOM   217  O O   . GLU A 1 30  ? 11.498  -7.803  -2.017  1.00 27.89 ? 30  GLU A O   1 
ATOM   218  C CB  . GLU A 1 30  ? 11.836  -10.631 -3.294  1.00 31.11 ? 30  GLU A CB  1 
ATOM   219  C CG  . GLU A 1 30  ? 10.439  -11.119 -2.990  1.00 34.73 ? 30  GLU A CG  1 
ATOM   220  C CD  . GLU A 1 30  ? 10.405  -12.598 -2.658  1.00 36.65 ? 30  GLU A CD  1 
ATOM   221  O OE1 . GLU A 1 30  ? 10.677  -13.411 -3.571  1.00 38.52 ? 30  GLU A OE1 1 
ATOM   222  O OE2 . GLU A 1 30  ? 10.117  -12.947 -1.491  1.00 37.87 ? 30  GLU A OE2 1 
ATOM   223  N N   . VAL A 1 31  ? 9.861   -7.976  -3.555  1.00 27.23 ? 31  VAL A N   1 
ATOM   224  C CA  . VAL A 1 31  ? 8.943   -7.089  -2.863  1.00 26.45 ? 31  VAL A CA  1 
ATOM   225  C C   . VAL A 1 31  ? 7.639   -7.834  -2.632  1.00 25.91 ? 31  VAL A C   1 
ATOM   226  O O   . VAL A 1 31  ? 7.143   -8.525  -3.517  1.00 25.98 ? 31  VAL A O   1 
ATOM   227  C CB  . VAL A 1 31  ? 8.636   -5.812  -3.695  1.00 26.35 ? 31  VAL A CB  1 
ATOM   228  C CG1 . VAL A 1 31  ? 7.559   -4.973  -2.999  1.00 25.98 ? 31  VAL A CG1 1 
ATOM   229  C CG2 . VAL A 1 31  ? 9.908   -4.993  -3.883  1.00 25.77 ? 31  VAL A CG2 1 
ATOM   230  N N   . VAL A 1 32  ? 7.102   -7.708  -1.426  1.00 25.32 ? 32  VAL A N   1 
ATOM   231  C CA  . VAL A 1 32  ? 5.835   -8.329  -1.079  1.00 24.56 ? 32  VAL A CA  1 
ATOM   232  C C   . VAL A 1 32  ? 4.902   -7.231  -0.601  1.00 24.38 ? 32  VAL A C   1 
ATOM   233  O O   . VAL A 1 32  ? 5.234   -6.486  0.321   1.00 23.81 ? 32  VAL A O   1 
ATOM   234  C CB  . VAL A 1 32  ? 5.974   -9.354  0.067   1.00 24.88 ? 32  VAL A CB  1 
ATOM   235  C CG1 . VAL A 1 32  ? 4.599   -9.873  0.456   1.00 24.64 ? 32  VAL A CG1 1 
ATOM   236  C CG2 . VAL A 1 32  ? 6.881   -10.503 -0.352  1.00 24.59 ? 32  VAL A CG2 1 
ATOM   237  N N   . VAL A 1 33  ? 3.748   -7.112  -1.246  1.00 23.76 ? 33  VAL A N   1 
ATOM   238  C CA  . VAL A 1 33  ? 2.767   -6.126  -0.838  1.00 23.69 ? 33  VAL A CA  1 
ATOM   239  C C   . VAL A 1 33  ? 1.890   -6.858  0.171   1.00 24.22 ? 33  VAL A C   1 
ATOM   240  O O   . VAL A 1 33  ? 1.261   -7.867  -0.157  1.00 23.59 ? 33  VAL A O   1 
ATOM   241  C CB  . VAL A 1 33  ? 1.899   -5.646  -2.032  1.00 23.36 ? 33  VAL A CB  1 
ATOM   242  C CG1 . VAL A 1 33  ? 0.866   -4.643  -1.557  1.00 22.91 ? 33  VAL A CG1 1 
ATOM   243  C CG2 . VAL A 1 33  ? 2.784   -5.022  -3.097  1.00 23.72 ? 33  VAL A CG2 1 
ATOM   244  N N   . ALA A 1 34  ? 1.868   -6.360  1.400   1.00 24.34 ? 34  ALA A N   1 
ATOM   245  C CA  . ALA A 1 34  ? 1.078   -6.974  2.452   1.00 25.59 ? 34  ALA A CA  1 
ATOM   246  C C   . ALA A 1 34  ? -0.211  -6.195  2.687   1.00 26.47 ? 34  ALA A C   1 
ATOM   247  O O   . ALA A 1 34  ? -0.191  -5.074  3.196   1.00 25.83 ? 34  ALA A O   1 
ATOM   248  C CB  . ALA A 1 34  ? 1.892   -7.046  3.735   1.00 25.10 ? 34  ALA A CB  1 
ATOM   249  N N   . ILE A 1 35  ? -1.331  -6.799  2.310   1.00 28.04 ? 35  ILE A N   1 
ATOM   250  C CA  . ILE A 1 35  ? -2.629  -6.168  2.475   1.00 30.17 ? 35  ILE A CA  1 
ATOM   251  C C   . ILE A 1 35  ? -3.168  -6.511  3.850   1.00 32.23 ? 35  ILE A C   1 
ATOM   252  O O   . ILE A 1 35  ? -3.465  -7.673  4.131   1.00 32.11 ? 35  ILE A O   1 
ATOM   253  C CB  . ILE A 1 35  ? -3.614  -6.657  1.401   1.00 29.75 ? 35  ILE A CB  1 
ATOM   254  C CG1 . ILE A 1 35  ? -3.019  -6.405  0.013   1.00 29.54 ? 35  ILE A CG1 1 
ATOM   255  C CG2 . ILE A 1 35  ? -4.948  -5.950  1.562   1.00 29.42 ? 35  ILE A CG2 1 
ATOM   256  C CD1 . ILE A 1 35  ? -3.898  -6.832  -1.136  1.00 30.14 ? 35  ILE A CD1 1 
ATOM   257  N N   . LEU A 1 36  ? -3.287  -5.509  4.715   1.00 34.76 ? 36  LEU A N   1 
ATOM   258  C CA  . LEU A 1 36  ? -3.788  -5.753  6.062   1.00 37.70 ? 36  LEU A CA  1 
ATOM   259  C C   . LEU A 1 36  ? -5.294  -5.963  6.085   1.00 39.64 ? 36  LEU A C   1 
ATOM   260  O O   . LEU A 1 36  ? -6.039  -5.322  5.341   1.00 40.30 ? 36  LEU A O   1 
ATOM   261  C CB  . LEU A 1 36  ? -3.409  -4.609  7.007   1.00 37.95 ? 36  LEU A CB  1 
ATOM   262  C CG  . LEU A 1 36  ? -1.922  -4.475  7.357   1.00 38.40 ? 36  LEU A CG  1 
ATOM   263  C CD1 . LEU A 1 36  ? -1.339  -5.845  7.702   1.00 38.20 ? 36  LEU A CD1 1 
ATOM   264  C CD2 . LEU A 1 36  ? -1.178  -3.881  6.188   1.00 38.84 ? 36  LEU A CD2 1 
ATOM   265  N N   . VAL A 1 37  ? -5.732  -6.872  6.948   1.00 41.62 ? 37  VAL A N   1 
ATOM   266  C CA  . VAL A 1 37  ? -7.144  -7.203  7.080   1.00 43.52 ? 37  VAL A CA  1 
ATOM   267  C C   . VAL A 1 37  ? -7.918  -6.203  7.934   1.00 44.67 ? 37  VAL A C   1 
ATOM   268  O O   . VAL A 1 37  ? -7.336  -5.440  8.706   1.00 44.65 ? 37  VAL A O   1 
ATOM   269  C CB  . VAL A 1 37  ? -7.307  -8.609  7.691   1.00 43.63 ? 37  VAL A CB  1 
ATOM   270  C CG1 . VAL A 1 37  ? -6.642  -9.640  6.794   1.00 43.74 ? 37  VAL A CG1 1 
ATOM   271  C CG2 . VAL A 1 37  ? -6.686  -8.644  9.083   1.00 43.80 ? 37  VAL A CG2 1 
ATOM   272  N N   . ASN A 1 38  ? -9.239  -6.215  7.784   1.00 46.19 ? 38  ASN A N   1 
ATOM   273  C CA  . ASN A 1 38  ? -10.106 -5.323  8.542   1.00 47.78 ? 38  ASN A CA  1 
ATOM   274  C C   . ASN A 1 38  ? -11.010 -6.157  9.457   1.00 48.56 ? 38  ASN A C   1 
ATOM   275  O O   . ASN A 1 38  ? -11.828 -6.954  8.984   1.00 48.77 ? 38  ASN A O   1 
ATOM   276  C CB  . ASN A 1 38  ? -10.960 -4.482  7.586   1.00 48.53 ? 38  ASN A CB  1 
ATOM   277  C CG  . ASN A 1 38  ? -11.576 -3.272  8.264   1.00 49.02 ? 38  ASN A CG  1 
ATOM   278  O OD1 . ASN A 1 38  ? -12.207 -3.388  9.317   1.00 49.44 ? 38  ASN A OD1 1 
ATOM   279  N ND2 . ASN A 1 38  ? -11.396 -2.100  7.660   1.00 49.61 ? 38  ASN A ND2 1 
ATOM   280  N N   . PRO A 1 39  ? -10.871 -5.978  10.784  1.00 49.15 ? 39  PRO A N   1 
ATOM   281  C CA  . PRO A 1 39  ? -11.612 -6.657  11.858  1.00 49.31 ? 39  PRO A CA  1 
ATOM   282  C C   . PRO A 1 39  ? -13.106 -6.890  11.636  1.00 49.35 ? 39  PRO A C   1 
ATOM   283  O O   . PRO A 1 39  ? -13.676 -7.839  12.184  1.00 49.70 ? 39  PRO A O   1 
ATOM   284  C CB  . PRO A 1 39  ? -11.348 -5.764  13.060  1.00 49.42 ? 39  PRO A CB  1 
ATOM   285  C CG  . PRO A 1 39  ? -9.937  -5.342  12.825  1.00 49.61 ? 39  PRO A CG  1 
ATOM   286  C CD  . PRO A 1 39  ? -9.952  -4.975  11.353  1.00 49.44 ? 39  PRO A CD  1 
ATOM   287  N N   . ALA A 1 40  ? -13.743 -6.033  10.846  0.00 48.96 ? 40  ALA A N   1 
ATOM   288  C CA  . ALA A 1 40  ? -15.171 -6.183  10.589  0.00 48.54 ? 40  ALA A CA  1 
ATOM   289  C C   . ALA A 1 40  ? -15.577 -5.585  9.248   0.00 48.23 ? 40  ALA A C   1 
ATOM   290  O O   . ALA A 1 40  ? -15.542 -6.260  8.219   0.00 48.21 ? 40  ALA A O   1 
ATOM   291  C CB  . ALA A 1 40  ? -15.972 -5.534  11.713  0.00 48.56 ? 40  ALA A CB  1 
ATOM   292  N N   . LYS A 1 41  ? -15.964 -4.315  9.268   0.50 47.87 ? 41  LYS A N   1 
ATOM   293  C CA  . LYS A 1 41  ? -16.384 -3.625  8.058   0.50 47.39 ? 41  LYS A CA  1 
ATOM   294  C C   . LYS A 1 41  ? -15.645 -2.301  7.930   0.50 47.06 ? 41  LYS A C   1 
ATOM   295  O O   . LYS A 1 41  ? -14.417 -2.269  7.913   0.50 47.07 ? 41  LYS A O   1 
ATOM   296  C CB  . LYS A 1 41  ? -17.895 -3.375  8.096   0.50 47.50 ? 41  LYS A CB  1 
ATOM   297  C CG  . LYS A 1 41  ? -18.655 -3.969  6.919   0.50 47.41 ? 41  LYS A CG  1 
ATOM   298  C CD  . LYS A 1 41  ? -18.124 -3.438  5.597   0.50 47.18 ? 41  LYS A CD  1 
ATOM   299  C CE  . LYS A 1 41  ? -18.849 -4.066  4.422   0.50 47.08 ? 41  LYS A CE  1 
ATOM   300  N NZ  . LYS A 1 41  ? -18.291 -3.602  3.124   0.50 46.78 ? 41  LYS A NZ  1 
ATOM   301  N N   . THR A 1 42  ? -16.407 -1.214  7.835   1.00 46.59 ? 42  THR A N   1 
ATOM   302  C CA  . THR A 1 42  ? -15.856 0.134   7.717   1.00 46.03 ? 42  THR A CA  1 
ATOM   303  C C   . THR A 1 42  ? -14.906 0.348   6.538   1.00 45.11 ? 42  THR A C   1 
ATOM   304  O O   . THR A 1 42  ? -14.478 1.475   6.279   1.00 45.50 ? 42  THR A O   1 
ATOM   305  C CB  . THR A 1 42  ? -15.139 0.553   9.017   1.00 46.34 ? 42  THR A CB  1 
ATOM   306  O OG1 . THR A 1 42  ? -14.165 -0.438  9.374   1.00 46.65 ? 42  THR A OG1 1 
ATOM   307  C CG2 . THR A 1 42  ? -16.148 0.711   10.152  1.00 46.57 ? 42  THR A CG2 1 
ATOM   308  N N   . GLY A 1 43  ? -14.567 -0.727  5.832   1.00 43.83 ? 43  GLY A N   1 
ATOM   309  C CA  . GLY A 1 43  ? -13.693 -0.604  4.678   1.00 42.11 ? 43  GLY A CA  1 
ATOM   310  C C   . GLY A 1 43  ? -14.576 -0.603  3.446   1.00 40.88 ? 43  GLY A C   1 
ATOM   311  O O   . GLY A 1 43  ? -15.697 -1.105  3.509   1.00 40.77 ? 43  GLY A O   1 
ATOM   312  N N   . MET A 1 44  ? -14.102 -0.054  2.330   1.00 39.51 ? 44  MET A N   1 
ATOM   313  C CA  . MET A 1 44  ? -14.924 -0.026  1.123   1.00 38.36 ? 44  MET A CA  1 
ATOM   314  C C   . MET A 1 44  ? -14.911 -1.321  0.323   1.00 37.72 ? 44  MET A C   1 
ATOM   315  O O   . MET A 1 44  ? -15.962 -1.840  -0.034  1.00 37.72 ? 44  MET A O   1 
ATOM   316  C CB  . MET A 1 44  ? -14.520 1.126   0.202   1.00 38.02 ? 44  MET A CB  1 
ATOM   317  C CG  . MET A 1 44  ? -15.313 1.125   -1.105  1.00 37.71 ? 44  MET A CG  1 
ATOM   318  S SD  . MET A 1 44  ? -15.087 2.581   -2.141  1.00 37.04 ? 44  MET A SD  1 
ATOM   319  C CE  . MET A 1 44  ? -16.158 3.729   -1.329  1.00 37.53 ? 44  MET A CE  1 
ATOM   320  N N   . PHE A 1 45  ? -13.724 -1.837  0.025   1.00 36.99 ? 45  PHE A N   1 
ATOM   321  C CA  . PHE A 1 45  ? -13.615 -3.071  -0.744  1.00 36.37 ? 45  PHE A CA  1 
ATOM   322  C C   . PHE A 1 45  ? -13.195 -4.240  0.147   1.00 36.56 ? 45  PHE A C   1 
ATOM   323  O O   . PHE A 1 45  ? -12.443 -4.051  1.104   1.00 36.15 ? 45  PHE A O   1 
ATOM   324  C CB  . PHE A 1 45  ? -12.600 -2.905  -1.880  1.00 35.36 ? 45  PHE A CB  1 
ATOM   325  C CG  . PHE A 1 45  ? -12.951 -1.817  -2.858  1.00 34.63 ? 45  PHE A CG  1 
ATOM   326  C CD1 . PHE A 1 45  ? -12.583 -0.495  -2.616  1.00 34.06 ? 45  PHE A CD1 1 
ATOM   327  C CD2 . PHE A 1 45  ? -13.652 -2.114  -4.024  1.00 34.14 ? 45  PHE A CD2 1 
ATOM   328  C CE1 . PHE A 1 45  ? -12.907 0.513   -3.519  1.00 33.63 ? 45  PHE A CE1 1 
ATOM   329  C CE2 . PHE A 1 45  ? -13.981 -1.111  -4.935  1.00 33.78 ? 45  PHE A CE2 1 
ATOM   330  C CZ  . PHE A 1 45  ? -13.606 0.205   -4.681  1.00 33.59 ? 45  PHE A CZ  1 
ATOM   331  N N   . ASP A 1 46  ? -13.680 -5.444  -0.160  1.00 36.91 ? 46  ASP A N   1 
ATOM   332  C CA  . ASP A 1 46  ? -13.305 -6.608  0.635   1.00 37.20 ? 46  ASP A CA  1 
ATOM   333  C C   . ASP A 1 46  ? -11.902 -7.063  0.246   1.00 36.71 ? 46  ASP A C   1 
ATOM   334  O O   . ASP A 1 46  ? -11.349 -6.619  -0.765  1.00 36.17 ? 46  ASP A O   1 
ATOM   335  C CB  . ASP A 1 46  ? -14.313 -7.761  0.473   1.00 38.58 ? 46  ASP A CB  1 
ATOM   336  C CG  . ASP A 1 46  ? -14.494 -8.194  -0.965  1.00 40.00 ? 46  ASP A CG  1 
ATOM   337  O OD1 . ASP A 1 46  ? -13.487 -8.256  -1.704  1.00 40.83 ? 46  ASP A OD1 1 
ATOM   338  O OD2 . ASP A 1 46  ? -15.649 -8.492  -1.354  1.00 41.07 ? 46  ASP A OD2 1 
ATOM   339  N N   . LEU A 1 47  ? -11.332 -7.947  1.056   1.00 36.13 ? 47  LEU A N   1 
ATOM   340  C CA  . LEU A 1 47  ? -9.979  -8.437  0.832   1.00 35.85 ? 47  LEU A CA  1 
ATOM   341  C C   . LEU A 1 47  ? -9.722  -8.952  -0.580  1.00 35.41 ? 47  LEU A C   1 
ATOM   342  O O   . LEU A 1 47  ? -8.734  -8.572  -1.214  1.00 34.81 ? 47  LEU A O   1 
ATOM   343  C CB  . LEU A 1 47  ? -9.645  -9.521  1.862   1.00 36.38 ? 47  LEU A CB  1 
ATOM   344  C CG  . LEU A 1 47  ? -8.153  -9.801  2.057   1.00 36.62 ? 47  LEU A CG  1 
ATOM   345  C CD1 . LEU A 1 47  ? -7.425  -8.499  2.389   1.00 36.86 ? 47  LEU A CD1 1 
ATOM   346  C CD2 . LEU A 1 47  ? -7.970  -10.819 3.171   1.00 37.37 ? 47  LEU A CD2 1 
ATOM   347  N N   . ASP A 1 48  ? -10.606 -9.812  -1.077  1.00 35.09 ? 48  ASP A N   1 
ATOM   348  C CA  . ASP A 1 48  ? -10.444 -10.359 -2.419  1.00 34.83 ? 48  ASP A CA  1 
ATOM   349  C C   . ASP A 1 48  ? -10.358 -9.257  -3.467  1.00 33.92 ? 48  ASP A C   1 
ATOM   350  O O   . ASP A 1 48  ? -9.535  -9.328  -4.379  1.00 33.70 ? 48  ASP A O   1 
ATOM   351  C CB  . ASP A 1 48  ? -11.600 -11.306 -2.753  1.00 36.07 ? 48  ASP A CB  1 
ATOM   352  C CG  . ASP A 1 48  ? -11.446 -12.671 -2.095  1.00 37.39 ? 48  ASP A CG  1 
ATOM   353  O OD1 . ASP A 1 48  ? -11.305 -12.730 -0.857  1.00 38.75 ? 48  ASP A OD1 1 
ATOM   354  O OD2 . ASP A 1 48  ? -11.470 -13.691 -2.818  1.00 38.56 ? 48  ASP A OD2 1 
ATOM   355  N N   . GLU A 1 49  ? -11.206 -8.238  -3.339  1.00 33.17 ? 49  GLU A N   1 
ATOM   356  C CA  . GLU A 1 49  ? -11.198 -7.124  -4.290  1.00 32.63 ? 49  GLU A CA  1 
ATOM   357  C C   . GLU A 1 49  ? -9.859  -6.375  -4.219  1.00 31.48 ? 49  GLU A C   1 
ATOM   358  O O   . GLU A 1 49  ? -9.231  -6.105  -5.249  1.00 30.92 ? 49  GLU A O   1 
ATOM   359  C CB  . GLU A 1 49  ? -12.353 -6.151  -3.990  1.00 33.74 ? 49  GLU A CB  1 
ATOM   360  C CG  . GLU A 1 49  ? -13.753 -6.767  -4.065  1.00 35.72 ? 49  GLU A CG  1 
ATOM   361  C CD  . GLU A 1 49  ? -14.869 -5.775  -3.719  1.00 36.83 ? 49  GLU A CD  1 
ATOM   362  O OE1 . GLU A 1 49  ? -15.383 -5.097  -4.636  1.00 38.18 ? 49  GLU A OE1 1 
ATOM   363  O OE2 . GLU A 1 49  ? -15.232 -5.667  -2.527  1.00 37.61 ? 49  GLU A OE2 1 
ATOM   364  N N   . ARG A 1 50  ? -9.434  -6.050  -3.000  1.00 30.35 ? 50  ARG A N   1 
ATOM   365  C CA  . ARG A 1 50  ? -8.174  -5.337  -2.769  1.00 29.63 ? 50  ARG A CA  1 
ATOM   366  C C   . ARG A 1 50  ? -6.990  -6.090  -3.366  1.00 28.78 ? 50  ARG A C   1 
ATOM   367  O O   . ARG A 1 50  ? -6.112  -5.496  -3.995  1.00 28.37 ? 50  ARG A O   1 
ATOM   368  C CB  . ARG A 1 50  ? -7.940  -5.143  -1.270  1.00 29.81 ? 50  ARG A CB  1 
ATOM   369  C CG  . ARG A 1 50  ? -9.050  -4.400  -0.566  1.00 30.60 ? 50  ARG A CG  1 
ATOM   370  C CD  . ARG A 1 50  ? -8.689  -4.103  0.877   1.00 31.72 ? 50  ARG A CD  1 
ATOM   371  N NE  . ARG A 1 50  ? -9.861  -3.713  1.647   1.00 32.88 ? 50  ARG A NE  1 
ATOM   372  C CZ  . ARG A 1 50  ? -9.829  -3.315  2.913   1.00 33.91 ? 50  ARG A CZ  1 
ATOM   373  N NH1 . ARG A 1 50  ? -10.958 -2.982  3.537   1.00 34.27 ? 50  ARG A NH1 1 
ATOM   374  N NH2 . ARG A 1 50  ? -8.668  -3.238  3.553   1.00 34.51 ? 50  ARG A NH2 1 
ATOM   375  N N   . ILE A 1 51  ? -6.966  -7.402  -3.162  1.00 28.00 ? 51  ILE A N   1 
ATOM   376  C CA  . ILE A 1 51  ? -5.900  -8.230  -3.695  1.00 27.19 ? 51  ILE A CA  1 
ATOM   377  C C   . ILE A 1 51  ? -5.911  -8.152  -5.213  1.00 27.05 ? 51  ILE A C   1 
ATOM   378  O O   . ILE A 1 51  ? -4.876  -7.935  -5.843  1.00 27.18 ? 51  ILE A O   1 
ATOM   379  C CB  . ILE A 1 51  ? -6.075  -9.704  -3.271  1.00 27.46 ? 51  ILE A CB  1 
ATOM   380  C CG1 . ILE A 1 51  ? -5.958  -9.822  -1.753  1.00 27.29 ? 51  ILE A CG1 1 
ATOM   381  C CG2 . ILE A 1 51  ? -5.034  -10.574 -3.957  1.00 27.33 ? 51  ILE A CG2 1 
ATOM   382  C CD1 . ILE A 1 51  ? -6.407  -11.163 -1.211  1.00 28.78 ? 51  ILE A CD1 1 
ATOM   383  N N   . ALA A 1 52  ? -7.094  -8.325  -5.796  1.00 26.39 ? 52  ALA A N   1 
ATOM   384  C CA  . ALA A 1 52  ? -7.245  -8.294  -7.244  1.00 25.98 ? 52  ALA A CA  1 
ATOM   385  C C   . ALA A 1 52  ? -6.782  -6.969  -7.825  1.00 25.52 ? 52  ALA A C   1 
ATOM   386  O O   . ALA A 1 52  ? -6.026  -6.938  -8.793  1.00 25.45 ? 52  ALA A O   1 
ATOM   387  C CB  . ALA A 1 52  ? -8.699  -8.546  -7.622  1.00 26.00 ? 52  ALA A CB  1 
ATOM   388  N N   . MET A 1 53  ? -7.240  -5.869  -7.235  1.00 25.28 ? 53  MET A N   1 
ATOM   389  C CA  . MET A 1 53  ? -6.855  -4.556  -7.727  1.00 24.72 ? 53  MET A CA  1 
ATOM   390  C C   . MET A 1 53  ? -5.356  -4.360  -7.672  1.00 24.50 ? 53  MET A C   1 
ATOM   391  O O   . MET A 1 53  ? -4.773  -3.793  -8.597  1.00 24.75 ? 53  MET A O   1 
ATOM   392  C CB  . MET A 1 53  ? -7.579  -3.462  -6.946  1.00 24.78 ? 53  MET A CB  1 
ATOM   393  C CG  . MET A 1 53  ? -9.083  -3.484  -7.185  1.00 25.23 ? 53  MET A CG  1 
ATOM   394  S SD  . MET A 1 53  ? -9.930  -2.070  -6.508  1.00 25.94 ? 53  MET A SD  1 
ATOM   395  C CE  . MET A 1 53  ? -10.032 -2.514  -4.792  1.00 25.20 ? 53  MET A CE  1 
ATOM   396  N N   . VAL A 1 54  ? -4.716  -4.839  -6.608  1.00 24.17 ? 54  VAL A N   1 
ATOM   397  C CA  . VAL A 1 54  ? -3.269  -4.690  -6.518  1.00 24.02 ? 54  VAL A CA  1 
ATOM   398  C C   . VAL A 1 54  ? -2.578  -5.567  -7.566  1.00 24.57 ? 54  VAL A C   1 
ATOM   399  O O   . VAL A 1 54  ? -1.685  -5.104  -8.276  1.00 24.10 ? 54  VAL A O   1 
ATOM   400  C CB  . VAL A 1 54  ? -2.731  -5.048  -5.109  1.00 23.49 ? 54  VAL A CB  1 
ATOM   401  C CG1 . VAL A 1 54  ? -1.209  -4.993  -5.111  1.00 23.16 ? 54  VAL A CG1 1 
ATOM   402  C CG2 . VAL A 1 54  ? -3.275  -4.069  -4.072  1.00 22.75 ? 54  VAL A CG2 1 
ATOM   403  N N   . LYS A 1 55  ? -2.981  -6.832  -7.668  1.00 25.22 ? 55  LYS A N   1 
ATOM   404  C CA  . LYS A 1 55  ? -2.359  -7.718  -8.649  1.00 26.42 ? 55  LYS A CA  1 
ATOM   405  C C   . LYS A 1 55  ? -2.521  -7.173  -10.059 1.00 26.52 ? 55  LYS A C   1 
ATOM   406  O O   . LYS A 1 55  ? -1.566  -7.122  -10.830 1.00 26.44 ? 55  LYS A O   1 
ATOM   407  C CB  . LYS A 1 55  ? -2.971  -9.120  -8.591  1.00 27.70 ? 55  LYS A CB  1 
ATOM   408  C CG  . LYS A 1 55  ? -2.634  -9.928  -7.350  1.00 29.10 ? 55  LYS A CG  1 
ATOM   409  C CD  . LYS A 1 55  ? -3.282  -11.310 -7.440  1.00 30.44 ? 55  LYS A CD  1 
ATOM   410  C CE  . LYS A 1 55  ? -2.885  -12.215 -6.279  1.00 31.50 ? 55  LYS A CE  1 
ATOM   411  N NZ  . LYS A 1 55  ? -1.466  -12.665 -6.372  1.00 32.23 ? 55  LYS A NZ  1 
ATOM   412  N N   . GLU A 1 56  ? -3.740  -6.773  -10.398 1.00 26.87 ? 56  GLU A N   1 
ATOM   413  C CA  . GLU A 1 56  ? -4.012  -6.235  -11.721 1.00 27.51 ? 56  GLU A CA  1 
ATOM   414  C C   . GLU A 1 56  ? -3.217  -4.967  -12.016 1.00 27.48 ? 56  GLU A C   1 
ATOM   415  O O   . GLU A 1 56  ? -2.917  -4.670  -13.172 1.00 27.51 ? 56  GLU A O   1 
ATOM   416  C CB  . GLU A 1 56  ? -5.508  -5.948  -11.864 1.00 28.25 ? 56  GLU A CB  1 
ATOM   417  C CG  . GLU A 1 56  ? -6.362  -7.198  -12.046 1.00 29.45 ? 56  GLU A CG  1 
ATOM   418  C CD  . GLU A 1 56  ? -7.839  -6.905  -11.940 1.00 29.88 ? 56  GLU A CD  1 
ATOM   419  O OE1 . GLU A 1 56  ? -8.245  -5.797  -12.337 1.00 30.19 ? 56  GLU A OE1 1 
ATOM   420  O OE2 . GLU A 1 56  ? -8.597  -7.782  -11.468 1.00 31.00 ? 56  GLU A OE2 1 
ATOM   421  N N   . SER A 1 57  ? -2.864  -4.228  -10.967 1.00 27.06 ? 57  SER A N   1 
ATOM   422  C CA  . SER A 1 57  ? -2.127  -2.978  -11.129 1.00 26.62 ? 57  SER A CA  1 
ATOM   423  C C   . SER A 1 57  ? -0.619  -3.136  -11.066 1.00 26.53 ? 57  SER A C   1 
ATOM   424  O O   . SER A 1 57  ? 0.109   -2.153  -11.206 1.00 26.69 ? 57  SER A O   1 
ATOM   425  C CB  . SER A 1 57  ? -2.552  -1.977  -10.055 1.00 26.60 ? 57  SER A CB  1 
ATOM   426  O OG  . SER A 1 57  ? -3.945  -1.745  -10.079 1.00 25.87 ? 57  SER A OG  1 
ATOM   427  N N   . THR A 1 58  ? -0.143  -4.359  -10.858 1.00 25.96 ? 58  THR A N   1 
ATOM   428  C CA  . THR A 1 58  ? 1.291   -4.590  -10.746 1.00 25.92 ? 58  THR A CA  1 
ATOM   429  C C   . THR A 1 58  ? 1.855   -5.676  -11.666 1.00 26.56 ? 58  THR A C   1 
ATOM   430  O O   . THR A 1 58  ? 2.903   -6.260  -11.381 1.00 25.62 ? 58  THR A O   1 
ATOM   431  C CB  . THR A 1 58  ? 1.663   -4.914  -9.268  1.00 25.49 ? 58  THR A CB  1 
ATOM   432  O OG1 . THR A 1 58  ? 0.823   -5.968  -8.778  1.00 24.80 ? 58  THR A OG1 1 
ATOM   433  C CG2 . THR A 1 58  ? 1.466   -3.680  -8.381  1.00 24.83 ? 58  THR A CG2 1 
ATOM   434  N N   . THR A 1 59  ? 1.176   -5.929  -12.784 1.00 27.30 ? 59  THR A N   1 
ATOM   435  C CA  . THR A 1 59  ? 1.622   -6.953  -13.728 1.00 28.25 ? 59  THR A CA  1 
ATOM   436  C C   . THR A 1 59  ? 2.987   -6.666  -14.339 1.00 28.34 ? 59  THR A C   1 
ATOM   437  O O   . THR A 1 59  ? 3.659   -7.574  -14.820 1.00 28.97 ? 59  THR A O   1 
ATOM   438  C CB  . THR A 1 59  ? 0.604   -7.142  -14.879 1.00 28.59 ? 59  THR A CB  1 
ATOM   439  O OG1 . THR A 1 59  ? 0.350   -5.881  -15.509 1.00 29.26 ? 59  THR A OG1 1 
ATOM   440  C CG2 . THR A 1 59  ? -0.696  -7.703  -14.346 1.00 28.96 ? 59  THR A CG2 1 
ATOM   441  N N   . HIS A 1 60  ? 3.401   -5.405  -14.312 1.00 28.36 ? 60  HIS A N   1 
ATOM   442  C CA  . HIS A 1 60  ? 4.682   -5.009  -14.878 1.00 28.03 ? 60  HIS A CA  1 
ATOM   443  C C   . HIS A 1 60  ? 5.838   -5.146  -13.894 1.00 28.06 ? 60  HIS A C   1 
ATOM   444  O O   . HIS A 1 60  ? 6.970   -4.793  -14.208 1.00 27.87 ? 60  HIS A O   1 
ATOM   445  C CB  . HIS A 1 60  ? 4.599   -3.563  -15.367 1.00 28.19 ? 60  HIS A CB  1 
ATOM   446  C CG  . HIS A 1 60  ? 4.215   -2.587  -14.300 1.00 28.09 ? 60  HIS A CG  1 
ATOM   447  N ND1 . HIS A 1 60  ? 3.078   -2.729  -13.533 1.00 28.37 ? 60  HIS A ND1 1 
ATOM   448  C CD2 . HIS A 1 60  ? 4.813   -1.447  -13.877 1.00 27.94 ? 60  HIS A CD2 1 
ATOM   449  C CE1 . HIS A 1 60  ? 2.994   -1.720  -12.685 1.00 28.33 ? 60  HIS A CE1 1 
ATOM   450  N NE2 . HIS A 1 60  ? 4.034   -0.928  -12.874 1.00 27.58 ? 60  HIS A NE2 1 
ATOM   451  N N   . LEU A 1 61  ? 5.548   -5.655  -12.704 1.00 27.89 ? 61  LEU A N   1 
ATOM   452  C CA  . LEU A 1 61  ? 6.569   -5.832  -11.675 1.00 28.12 ? 61  LEU A CA  1 
ATOM   453  C C   . LEU A 1 61  ? 6.697   -7.322  -11.346 1.00 28.51 ? 61  LEU A C   1 
ATOM   454  O O   . LEU A 1 61  ? 6.075   -7.826  -10.412 1.00 28.56 ? 61  LEU A O   1 
ATOM   455  C CB  . LEU A 1 61  ? 6.185   -5.024  -10.422 1.00 27.66 ? 61  LEU A CB  1 
ATOM   456  C CG  . LEU A 1 61  ? 5.989   -3.521  -10.672 1.00 26.77 ? 61  LEU A CG  1 
ATOM   457  C CD1 . LEU A 1 61  ? 5.559   -2.826  -9.381  1.00 27.55 ? 61  LEU A CD1 1 
ATOM   458  C CD2 . LEU A 1 61  ? 7.276   -2.909  -11.182 1.00 26.79 ? 61  LEU A CD2 1 
ATOM   459  N N   . PRO A 1 62  ? 7.526   -8.044  -12.115 1.00 28.78 ? 62  PRO A N   1 
ATOM   460  C CA  . PRO A 1 62  ? 7.751   -9.483  -11.936 1.00 29.09 ? 62  PRO A CA  1 
ATOM   461  C C   . PRO A 1 62  ? 8.292   -9.941  -10.580 1.00 29.37 ? 62  PRO A C   1 
ATOM   462  O O   . PRO A 1 62  ? 7.965   -11.037 -10.125 1.00 29.35 ? 62  PRO A O   1 
ATOM   463  C CB  . PRO A 1 62  ? 8.700   -9.825  -13.084 1.00 29.37 ? 62  PRO A CB  1 
ATOM   464  C CG  . PRO A 1 62  ? 9.491   -8.556  -13.247 1.00 29.65 ? 62  PRO A CG  1 
ATOM   465  C CD  . PRO A 1 62  ? 8.408   -7.499  -13.161 1.00 29.13 ? 62  PRO A CD  1 
ATOM   466  N N   . ASN A 1 63  ? 9.122   -9.123  -9.934  1.00 29.30 ? 63  ASN A N   1 
ATOM   467  C CA  . ASN A 1 63  ? 9.677   -9.512  -8.641  1.00 29.18 ? 63  ASN A CA  1 
ATOM   468  C C   . ASN A 1 63  ? 8.807   -9.079  -7.467  1.00 29.14 ? 63  ASN A C   1 
ATOM   469  O O   . ASN A 1 63  ? 9.273   -9.032  -6.329  1.00 29.23 ? 63  ASN A O   1 
ATOM   470  C CB  . ASN A 1 63  ? 11.097  -8.954  -8.455  1.00 29.25 ? 63  ASN A CB  1 
ATOM   471  C CG  . ASN A 1 63  ? 11.143  -7.430  -8.462  1.00 29.61 ? 63  ASN A CG  1 
ATOM   472  O OD1 . ASN A 1 63  ? 12.055  -6.822  -7.888  1.00 29.50 ? 63  ASN A OD1 1 
ATOM   473  N ND2 . ASN A 1 63  ? 10.172  -6.807  -9.125  1.00 29.37 ? 63  ASN A ND2 1 
ATOM   474  N N   . LEU A 1 64  ? 7.544   -8.776  -7.737  1.00 28.85 ? 64  LEU A N   1 
ATOM   475  C CA  . LEU A 1 64  ? 6.628   -8.353  -6.681  1.00 28.87 ? 64  LEU A CA  1 
ATOM   476  C C   . LEU A 1 64  ? 5.477   -9.334  -6.532  1.00 29.08 ? 64  LEU A C   1 
ATOM   477  O O   . LEU A 1 64  ? 4.971   -9.857  -7.520  1.00 29.12 ? 64  LEU A O   1 
ATOM   478  C CB  . LEU A 1 64  ? 6.077   -6.951  -6.988  1.00 28.41 ? 64  LEU A CB  1 
ATOM   479  C CG  . LEU A 1 64  ? 5.070   -6.304  -6.025  1.00 28.11 ? 64  LEU A CG  1 
ATOM   480  C CD1 . LEU A 1 64  ? 5.139   -4.795  -6.191  1.00 27.68 ? 64  LEU A CD1 1 
ATOM   481  C CD2 . LEU A 1 64  ? 3.651   -6.816  -6.287  1.00 27.37 ? 64  LEU A CD2 1 
ATOM   482  N N   . ARG A 1 65  ? 5.072   -9.590  -5.293  1.00 29.59 ? 65  ARG A N   1 
ATOM   483  C CA  . ARG A 1 65  ? 3.954   -10.487 -5.049  1.00 30.11 ? 65  ARG A CA  1 
ATOM   484  C C   . ARG A 1 65  ? 3.038   -9.901  -3.979  1.00 30.22 ? 65  ARG A C   1 
ATOM   485  O O   . ARG A 1 65  ? 3.476   -9.112  -3.134  1.00 29.65 ? 65  ARG A O   1 
ATOM   486  C CB  . ARG A 1 65  ? 4.441   -11.892 -4.660  1.00 31.11 ? 65  ARG A CB  1 
ATOM   487  C CG  . ARG A 1 65  ? 4.995   -12.083 -3.259  1.00 32.24 ? 65  ARG A CG  1 
ATOM   488  C CD  . ARG A 1 65  ? 5.136   -13.584 -3.006  1.00 33.80 ? 65  ARG A CD  1 
ATOM   489  N NE  . ARG A 1 65  ? 5.546   -13.932 -1.647  1.00 35.01 ? 65  ARG A NE  1 
ATOM   490  C CZ  . ARG A 1 65  ? 6.779   -13.791 -1.172  1.00 35.94 ? 65  ARG A CZ  1 
ATOM   491  N NH1 . ARG A 1 65  ? 7.742   -13.301 -1.946  1.00 36.17 ? 65  ARG A NH1 1 
ATOM   492  N NH2 . ARG A 1 65  ? 7.054   -14.151 0.077   1.00 36.27 ? 65  ARG A NH2 1 
ATOM   493  N N   . VAL A 1 66  ? 1.761   -10.271 -4.044  1.00 29.91 ? 66  VAL A N   1 
ATOM   494  C CA  . VAL A 1 66  ? 0.759   -9.772  -3.112  1.00 30.03 ? 66  VAL A CA  1 
ATOM   495  C C   . VAL A 1 66  ? 0.331   -10.870 -2.155  1.00 30.58 ? 66  VAL A C   1 
ATOM   496  O O   . VAL A 1 66  ? 0.042   -11.985 -2.573  1.00 30.43 ? 66  VAL A O   1 
ATOM   497  C CB  . VAL A 1 66  ? -0.487  -9.267  -3.870  1.00 29.84 ? 66  VAL A CB  1 
ATOM   498  C CG1 . VAL A 1 66  ? -1.491  -8.674  -2.892  1.00 29.83 ? 66  VAL A CG1 1 
ATOM   499  C CG2 . VAL A 1 66  ? -0.075  -8.244  -4.914  1.00 29.88 ? 66  VAL A CG2 1 
ATOM   500  N N   . GLN A 1 67  ? 0.279   -10.550 -0.870  1.00 31.15 ? 67  GLN A N   1 
ATOM   501  C CA  . GLN A 1 67  ? -0.111  -11.533 0.127   1.00 32.28 ? 67  GLN A CA  1 
ATOM   502  C C   . GLN A 1 67  ? -0.923  -10.815 1.199   1.00 31.97 ? 67  GLN A C   1 
ATOM   503  O O   . GLN A 1 67  ? -0.821  -9.596  1.348   1.00 32.04 ? 67  GLN A O   1 
ATOM   504  C CB  . GLN A 1 67  ? 1.149   -12.178 0.717   1.00 33.67 ? 67  GLN A CB  1 
ATOM   505  C CG  . GLN A 1 67  ? 0.999   -13.652 1.090   1.00 37.03 ? 67  GLN A CG  1 
ATOM   506  C CD  . GLN A 1 67  ? 0.498   -13.852 2.510   1.00 38.66 ? 67  GLN A CD  1 
ATOM   507  O OE1 . GLN A 1 67  ? 0.151   -14.966 2.917   1.00 40.05 ? 67  GLN A OE1 1 
ATOM   508  N NE2 . GLN A 1 67  ? 0.471   -12.773 3.276   1.00 39.89 ? 67  GLN A NE2 1 
ATOM   509  N N   . VAL A 1 68  ? -1.743  -11.563 1.927   1.00 31.47 ? 68  VAL A N   1 
ATOM   510  C CA  . VAL A 1 68  ? -2.563  -10.973 2.979   1.00 31.37 ? 68  VAL A CA  1 
ATOM   511  C C   . VAL A 1 68  ? -1.807  -10.957 4.299   1.00 31.07 ? 68  VAL A C   1 
ATOM   512  O O   . VAL A 1 68  ? -1.289  -11.977 4.744   1.00 30.95 ? 68  VAL A O   1 
ATOM   513  C CB  . VAL A 1 68  ? -3.874  -11.752 3.168   1.00 31.54 ? 68  VAL A CB  1 
ATOM   514  C CG1 . VAL A 1 68  ? -4.709  -11.116 4.275   1.00 31.28 ? 68  VAL A CG1 1 
ATOM   515  C CG2 . VAL A 1 68  ? -4.644  -11.771 1.862   1.00 31.75 ? 68  VAL A CG2 1 
ATOM   516  N N   . GLY A 1 69  ? -1.745  -9.786  4.921   1.00 30.86 ? 69  GLY A N   1 
ATOM   517  C CA  . GLY A 1 69  ? -1.047  -9.662  6.186   1.00 30.66 ? 69  GLY A CA  1 
ATOM   518  C C   . GLY A 1 69  ? -1.953  -9.944  7.368   1.00 30.65 ? 69  GLY A C   1 
ATOM   519  O O   . GLY A 1 69  ? -3.143  -9.614  7.345   1.00 30.33 ? 69  GLY A O   1 
ATOM   520  N N   . HIS A 1 70  ? -1.384  -10.565 8.395   1.00 30.55 ? 70  HIS A N   1 
ATOM   521  C CA  . HIS A 1 70  ? -2.109  -10.900 9.619   1.00 30.79 ? 70  HIS A CA  1 
ATOM   522  C C   . HIS A 1 70  ? -1.215  -10.560 10.817  1.00 30.54 ? 70  HIS A C   1 
ATOM   523  O O   . HIS A 1 70  ? -0.020  -10.869 10.814  1.00 31.39 ? 70  HIS A O   1 
ATOM   524  C CB  . HIS A 1 70  ? -2.442  -12.399 9.650   1.00 30.97 ? 70  HIS A CB  1 
ATOM   525  C CG  . HIS A 1 70  ? -3.294  -12.862 8.510   1.00 30.70 ? 70  HIS A CG  1 
ATOM   526  N ND1 . HIS A 1 70  ? -4.667  -12.729 8.503   1.00 30.53 ? 70  HIS A ND1 1 
ATOM   527  C CD2 . HIS A 1 70  ? -2.968  -13.457 7.338   1.00 30.47 ? 70  HIS A CD2 1 
ATOM   528  C CE1 . HIS A 1 70  ? -5.148  -13.224 7.377   1.00 30.56 ? 70  HIS A CE1 1 
ATOM   529  N NE2 . HIS A 1 70  ? -4.138  -13.671 6.652   1.00 30.60 ? 70  HIS A NE2 1 
ATOM   530  N N   . GLY A 1 71  ? -1.787  -9.916  11.828  1.00 29.88 ? 71  GLY A N   1 
ATOM   531  C CA  . GLY A 1 71  ? -1.021  -9.561  13.010  1.00 28.95 ? 71  GLY A CA  1 
ATOM   532  C C   . GLY A 1 71  ? -0.037  -8.428  12.790  1.00 28.22 ? 71  GLY A C   1 
ATOM   533  O O   . GLY A 1 71  ? -0.219  -7.610  11.885  1.00 28.54 ? 71  GLY A O   1 
ATOM   534  N N   . LEU A 1 72  ? 0.996   -8.377  13.632  1.00 27.21 ? 72  LEU A N   1 
ATOM   535  C CA  . LEU A 1 72  ? 2.036   -7.357  13.546  1.00 26.31 ? 72  LEU A CA  1 
ATOM   536  C C   . LEU A 1 72  ? 2.753   -7.422  12.210  1.00 25.76 ? 72  LEU A C   1 
ATOM   537  O O   . LEU A 1 72  ? 3.095   -8.501  11.733  1.00 25.51 ? 72  LEU A O   1 
ATOM   538  C CB  . LEU A 1 72  ? 3.091   -7.560  14.633  1.00 26.23 ? 72  LEU A CB  1 
ATOM   539  C CG  . LEU A 1 72  ? 2.749   -7.328  16.095  1.00 26.12 ? 72  LEU A CG  1 
ATOM   540  C CD1 . LEU A 1 72  ? 3.886   -7.858  16.936  1.00 26.73 ? 72  LEU A CD1 1 
ATOM   541  C CD2 . LEU A 1 72  ? 2.520   -5.856  16.357  1.00 26.06 ? 72  LEU A CD2 1 
ATOM   542  N N   . VAL A 1 73  ? 3.007   -6.260  11.624  1.00 25.25 ? 73  VAL A N   1 
ATOM   543  C CA  . VAL A 1 73  ? 3.715   -6.200  10.356  1.00 24.48 ? 73  VAL A CA  1 
ATOM   544  C C   . VAL A 1 73  ? 5.089   -6.855  10.502  1.00 24.03 ? 73  VAL A C   1 
ATOM   545  O O   . VAL A 1 73  ? 5.509   -7.619  9.635   1.00 23.63 ? 73  VAL A O   1 
ATOM   546  C CB  . VAL A 1 73  ? 3.900   -4.737  9.889   1.00 24.88 ? 73  VAL A CB  1 
ATOM   547  C CG1 . VAL A 1 73  ? 4.647   -4.695  8.551   1.00 25.29 ? 73  VAL A CG1 1 
ATOM   548  C CG2 . VAL A 1 73  ? 2.552   -4.067  9.759   1.00 25.14 ? 73  VAL A CG2 1 
ATOM   549  N N   . VAL A 1 74  ? 5.791   -6.572  11.597  1.00 23.59 ? 74  VAL A N   1 
ATOM   550  C CA  . VAL A 1 74  ? 7.115   -7.167  11.788  1.00 23.50 ? 74  VAL A CA  1 
ATOM   551  C C   . VAL A 1 74  ? 7.086   -8.694  11.789  1.00 23.50 ? 74  VAL A C   1 
ATOM   552  O O   . VAL A 1 74  ? 8.031   -9.330  11.332  1.00 23.17 ? 74  VAL A O   1 
ATOM   553  C CB  . VAL A 1 74  ? 7.803   -6.679  13.094  1.00 23.28 ? 74  VAL A CB  1 
ATOM   554  C CG1 . VAL A 1 74  ? 8.126   -5.191  12.985  1.00 22.79 ? 74  VAL A CG1 1 
ATOM   555  C CG2 . VAL A 1 74  ? 6.920   -6.948  14.290  1.00 23.01 ? 74  VAL A CG2 1 
ATOM   556  N N   . ASP A 1 75  ? 6.013   -9.288  12.301  1.00 23.86 ? 75  ASP A N   1 
ATOM   557  C CA  . ASP A 1 75  ? 5.915   -10.744 12.313  1.00 24.48 ? 75  ASP A CA  1 
ATOM   558  C C   . ASP A 1 75  ? 5.770   -11.234 10.874  1.00 24.50 ? 75  ASP A C   1 
ATOM   559  O O   . ASP A 1 75  ? 6.355   -12.245 10.494  1.00 24.22 ? 75  ASP A O   1 
ATOM   560  C CB  . ASP A 1 75  ? 4.720   -11.193 13.161  1.00 25.07 ? 75  ASP A CB  1 
ATOM   561  C CG  . ASP A 1 75  ? 5.012   -11.159 14.656  1.00 25.85 ? 75  ASP A CG  1 
ATOM   562  O OD1 . ASP A 1 75  ? 4.055   -11.257 15.449  1.00 26.87 ? 75  ASP A OD1 1 
ATOM   563  O OD2 . ASP A 1 75  ? 6.193   -11.053 15.047  1.00 25.86 ? 75  ASP A OD2 1 
ATOM   564  N N   . PHE A 1 76  ? 4.995   -10.505 10.078  1.00 25.00 ? 76  PHE A N   1 
ATOM   565  C CA  . PHE A 1 76  ? 4.791   -10.850 8.675   1.00 25.74 ? 76  PHE A CA  1 
ATOM   566  C C   . PHE A 1 76  ? 6.125   -10.708 7.950   1.00 25.78 ? 76  PHE A C   1 
ATOM   567  O O   . PHE A 1 76  ? 6.525   -11.576 7.174   1.00 25.35 ? 76  PHE A O   1 
ATOM   568  C CB  . PHE A 1 76  ? 3.770   -9.905  8.031   1.00 26.72 ? 76  PHE A CB  1 
ATOM   569  C CG  . PHE A 1 76  ? 3.491   -10.211 6.580   1.00 27.81 ? 76  PHE A CG  1 
ATOM   570  C CD1 . PHE A 1 76  ? 2.583   -11.206 6.227   1.00 27.99 ? 76  PHE A CD1 1 
ATOM   571  C CD2 . PHE A 1 76  ? 4.170   -9.537  5.569   1.00 28.22 ? 76  PHE A CD2 1 
ATOM   572  C CE1 . PHE A 1 76  ? 2.357   -11.526 4.887   1.00 28.43 ? 76  PHE A CE1 1 
ATOM   573  C CE2 . PHE A 1 76  ? 3.949   -9.853  4.223   1.00 28.67 ? 76  PHE A CE2 1 
ATOM   574  C CZ  . PHE A 1 76  ? 3.037   -10.854 3.885   1.00 28.16 ? 76  PHE A CZ  1 
ATOM   575  N N   . VAL A 1 77  ? 6.815   -9.603  8.214   1.00 25.98 ? 77  VAL A N   1 
ATOM   576  C CA  . VAL A 1 77  ? 8.100   -9.351  7.585   1.00 26.56 ? 77  VAL A CA  1 
ATOM   577  C C   . VAL A 1 77  ? 9.092   -10.475 7.850   1.00 27.08 ? 77  VAL A C   1 
ATOM   578  O O   . VAL A 1 77  ? 9.695   -11.002 6.916   1.00 26.61 ? 77  VAL A O   1 
ATOM   579  C CB  . VAL A 1 77  ? 8.702   -8.007  8.060   1.00 26.53 ? 77  VAL A CB  1 
ATOM   580  C CG1 . VAL A 1 77  ? 10.120  -7.855  7.541   1.00 26.49 ? 77  VAL A CG1 1 
ATOM   581  C CG2 . VAL A 1 77  ? 7.835   -6.849  7.559   1.00 26.24 ? 77  VAL A CG2 1 
ATOM   582  N N   . ARG A 1 78  ? 9.260   -10.849 9.115   1.00 28.15 ? 78  ARG A N   1 
ATOM   583  C CA  . ARG A 1 78  ? 10.199  -11.915 9.451   1.00 29.53 ? 78  ARG A CA  1 
ATOM   584  C C   . ARG A 1 78  ? 9.736   -13.272 8.907   1.00 30.36 ? 78  ARG A C   1 
ATOM   585  O O   . ARG A 1 78  ? 10.555  -14.159 8.642   1.00 30.04 ? 78  ARG A O   1 
ATOM   586  C CB  . ARG A 1 78  ? 10.412  -11.977 10.965  1.00 30.36 ? 78  ARG A CB  1 
ATOM   587  C CG  . ARG A 1 78  ? 10.932  -10.664 11.554  1.00 31.83 ? 78  ARG A CG  1 
ATOM   588  C CD  . ARG A 1 78  ? 11.955  -10.889 12.664  1.00 33.29 ? 78  ARG A CD  1 
ATOM   589  N NE  . ARG A 1 78  ? 13.322  -10.966 12.144  1.00 34.52 ? 78  ARG A NE  1 
ATOM   590  C CZ  . ARG A 1 78  ? 14.403  -11.149 12.896  0.00 34.14 ? 78  ARG A CZ  1 
ATOM   591  N NH1 . ARG A 1 78  ? 14.287  -11.274 14.210  0.00 34.26 ? 78  ARG A NH1 1 
ATOM   592  N NH2 . ARG A 1 78  ? 15.602  -11.206 12.331  0.00 34.26 ? 78  ARG A NH2 1 
ATOM   593  N N   . SER A 1 79  ? 8.425   -13.435 8.734   1.00 31.22 ? 79  SER A N   1 
ATOM   594  C CA  . SER A 1 79  ? 7.896   -14.683 8.183   1.00 32.27 ? 79  SER A CA  1 
ATOM   595  C C   . SER A 1 79  ? 8.267   -14.760 6.701   1.00 32.57 ? 79  SER A C   1 
ATOM   596  O O   . SER A 1 79  ? 8.381   -15.843 6.137   1.00 32.46 ? 79  SER A O   1 
ATOM   597  C CB  . SER A 1 79  ? 6.375   -14.749 8.349   1.00 32.33 ? 79  SER A CB  1 
ATOM   598  O OG  . SER A 1 79  ? 6.025   -14.895 9.715   1.00 32.77 ? 79  SER A OG  1 
ATOM   599  N N   . CYS A 1 80  ? 8.446   -13.596 6.076   1.00 33.32 ? 80  CYS A N   1 
ATOM   600  C CA  . CYS A 1 80  ? 8.837   -13.529 4.669   1.00 34.15 ? 80  CYS A CA  1 
ATOM   601  C C   . CYS A 1 80  ? 10.360  -13.651 4.581   1.00 33.63 ? 80  CYS A C   1 
ATOM   602  O O   . CYS A 1 80  ? 10.936  -13.649 3.492   1.00 34.19 ? 80  CYS A O   1 
ATOM   603  C CB  . CYS A 1 80  ? 8.412   -12.193 4.038   1.00 34.78 ? 80  CYS A CB  1 
ATOM   604  S SG  . CYS A 1 80  ? 6.629   -11.967 3.746   1.00 37.75 ? 80  CYS A SG  1 
ATOM   605  N N   . GLY A 1 81  ? 11.008  -13.752 5.733   1.00 33.00 ? 81  GLY A N   1 
ATOM   606  C CA  . GLY A 1 81  ? 12.455  -13.852 5.749   1.00 32.11 ? 81  GLY A CA  1 
ATOM   607  C C   . GLY A 1 81  ? 13.138  -12.535 5.421   1.00 31.67 ? 81  GLY A C   1 
ATOM   608  O O   . GLY A 1 81  ? 14.264  -12.524 4.927   1.00 31.47 ? 81  GLY A O   1 
ATOM   609  N N   . MET A 1 82  ? 12.463  -11.423 5.700   1.00 30.98 ? 82  MET A N   1 
ATOM   610  C CA  . MET A 1 82  ? 13.023  -10.098 5.434   1.00 30.19 ? 82  MET A CA  1 
ATOM   611  C C   . MET A 1 82  ? 13.147  -9.285  6.720   1.00 29.46 ? 82  MET A C   1 
ATOM   612  O O   . MET A 1 82  ? 12.699  -9.717  7.786   1.00 29.34 ? 82  MET A O   1 
ATOM   613  C CB  . MET A 1 82  ? 12.131  -9.349  4.443   1.00 31.15 ? 82  MET A CB  1 
ATOM   614  C CG  . MET A 1 82  ? 11.906  -10.095 3.139   1.00 31.93 ? 82  MET A CG  1 
ATOM   615  S SD  . MET A 1 82  ? 10.658  -9.343  2.069   1.00 33.67 ? 82  MET A SD  1 
ATOM   616  C CE  . MET A 1 82  ? 10.261  -10.730 0.969   1.00 32.49 ? 82  MET A CE  1 
ATOM   617  N N   . THR A 1 83  ? 13.766  -8.110  6.619   1.00 28.06 ? 83  THR A N   1 
ATOM   618  C CA  . THR A 1 83  ? 13.929  -7.230  7.770   1.00 26.82 ? 83  THR A CA  1 
ATOM   619  C C   . THR A 1 83  ? 13.757  -5.770  7.348   1.00 26.09 ? 83  THR A C   1 
ATOM   620  O O   . THR A 1 83  ? 14.225  -4.858  8.033   1.00 25.88 ? 83  THR A O   1 
ATOM   621  C CB  . THR A 1 83  ? 15.326  -7.386  8.431   1.00 27.10 ? 83  THR A CB  1 
ATOM   622  O OG1 . THR A 1 83  ? 16.346  -7.087  7.469   1.00 26.15 ? 83  THR A OG1 1 
ATOM   623  C CG2 . THR A 1 83  ? 15.512  -8.811  8.973   1.00 27.24 ? 83  THR A CG2 1 
ATOM   624  N N   . ALA A 1 84  ? 13.083  -5.552  6.221   1.00 24.74 ? 84  ALA A N   1 
ATOM   625  C CA  . ALA A 1 84  ? 12.864  -4.196  5.742   1.00 23.84 ? 84  ALA A CA  1 
ATOM   626  C C   . ALA A 1 84  ? 11.425  -3.933  5.338   1.00 23.17 ? 84  ALA A C   1 
ATOM   627  O O   . ALA A 1 84  ? 10.758  -4.784  4.749   1.00 22.81 ? 84  ALA A O   1 
ATOM   628  C CB  . ALA A 1 84  ? 13.800  -3.887  4.565   1.00 23.41 ? 84  ALA A CB  1 
ATOM   629  N N   . ILE A 1 85  ? 10.966  -2.735  5.676   1.00 22.49 ? 85  ILE A N   1 
ATOM   630  C CA  . ILE A 1 85  ? 9.631   -2.268  5.356   1.00 21.77 ? 85  ILE A CA  1 
ATOM   631  C C   . ILE A 1 85  ? 9.860   -1.010  4.540   1.00 21.34 ? 85  ILE A C   1 
ATOM   632  O O   . ILE A 1 85  ? 10.711  -0.196  4.890   1.00 21.30 ? 85  ILE A O   1 
ATOM   633  C CB  . ILE A 1 85  ? 8.844   -1.852  6.625   1.00 21.70 ? 85  ILE A CB  1 
ATOM   634  C CG1 . ILE A 1 85  ? 8.577   -3.066  7.515   1.00 21.34 ? 85  ILE A CG1 1 
ATOM   635  C CG2 . ILE A 1 85  ? 7.544   -1.178  6.225   1.00 21.65 ? 85  ILE A CG2 1 
ATOM   636  C CD1 . ILE A 1 85  ? 7.979   -2.698  8.870   1.00 20.52 ? 85  ILE A CD1 1 
ATOM   637  N N   . VAL A 1 86  ? 9.131   -0.858  3.443   1.00 20.88 ? 86  VAL A N   1 
ATOM   638  C CA  . VAL A 1 86  ? 9.250   0.338   2.621   1.00 21.33 ? 86  VAL A CA  1 
ATOM   639  C C   . VAL A 1 86  ? 7.882   1.006   2.612   1.00 22.19 ? 86  VAL A C   1 
ATOM   640  O O   . VAL A 1 86  ? 6.878   0.364   2.282   1.00 21.87 ? 86  VAL A O   1 
ATOM   641  C CB  . VAL A 1 86  ? 9.684   0.003   1.181   1.00 21.00 ? 86  VAL A CB  1 
ATOM   642  C CG1 . VAL A 1 86  ? 9.548   1.237   0.294   1.00 20.61 ? 86  VAL A CG1 1 
ATOM   643  C CG2 . VAL A 1 86  ? 11.134  -0.478  1.185   1.00 20.79 ? 86  VAL A CG2 1 
ATOM   644  N N   . LYS A 1 87  ? 7.851   2.279   3.000   1.00 22.90 ? 87  LYS A N   1 
ATOM   645  C CA  . LYS A 1 87  ? 6.611   3.059   3.072   1.00 24.13 ? 87  LYS A CA  1 
ATOM   646  C C   . LYS A 1 87  ? 6.806   4.387   2.339   1.00 24.69 ? 87  LYS A C   1 
ATOM   647  O O   . LYS A 1 87  ? 7.879   4.988   2.407   1.00 24.37 ? 87  LYS A O   1 
ATOM   648  C CB  . LYS A 1 87  ? 6.259   3.380   4.539   1.00 24.69 ? 87  LYS A CB  1 
ATOM   649  C CG  . LYS A 1 87  ? 6.240   2.198   5.498   1.00 26.95 ? 87  LYS A CG  1 
ATOM   650  C CD  . LYS A 1 87  ? 4.927   1.438   5.439   1.00 27.90 ? 87  LYS A CD  1 
ATOM   651  C CE  . LYS A 1 87  ? 3.803   2.188   6.147   1.00 27.96 ? 87  LYS A CE  1 
ATOM   652  N NZ  . LYS A 1 87  ? 3.771   1.943   7.616   1.00 28.47 ? 87  LYS A NZ  1 
ATOM   653  N N   . GLY A 1 88  ? 5.770   4.852   1.650   1.00 25.32 ? 88  GLY A N   1 
ATOM   654  C CA  . GLY A 1 88  ? 5.877   6.125   0.966   1.00 26.68 ? 88  GLY A CA  1 
ATOM   655  C C   . GLY A 1 88  ? 5.427   7.240   1.898   1.00 28.18 ? 88  GLY A C   1 
ATOM   656  O O   . GLY A 1 88  ? 4.629   7.010   2.811   1.00 27.89 ? 88  GLY A O   1 
ATOM   657  N N   . LEU A 1 89  ? 5.951   8.443   1.700   1.00 29.23 ? 89  LEU A N   1 
ATOM   658  C CA  . LEU A 1 89  ? 5.541   9.582   2.513   1.00 31.43 ? 89  LEU A CA  1 
ATOM   659  C C   . LEU A 1 89  ? 4.923   10.597  1.553   1.00 32.91 ? 89  LEU A C   1 
ATOM   660  O O   . LEU A 1 89  ? 5.492   10.883  0.500   1.00 33.45 ? 89  LEU A O   1 
ATOM   661  C CB  . LEU A 1 89  ? 6.745   10.184  3.250   1.00 31.45 ? 89  LEU A CB  1 
ATOM   662  C CG  . LEU A 1 89  ? 7.360   9.284   4.329   1.00 31.74 ? 89  LEU A CG  1 
ATOM   663  C CD1 . LEU A 1 89  ? 8.561   9.971   4.964   1.00 32.76 ? 89  LEU A CD1 1 
ATOM   664  C CD2 . LEU A 1 89  ? 6.325   8.963   5.391   1.00 32.06 ? 89  LEU A CD2 1 
ATOM   665  N N   . ARG A 1 90  ? 3.744   11.114  1.889   1.00 34.22 ? 90  ARG A N   1 
ATOM   666  C CA  . ARG A 1 90  ? 3.082   12.080  1.017   1.00 35.33 ? 90  ARG A CA  1 
ATOM   667  C C   . ARG A 1 90  ? 2.264   13.115  1.795   1.00 35.72 ? 90  ARG A C   1 
ATOM   668  O O   . ARG A 1 90  ? 2.183   13.047  3.024   1.00 35.69 ? 90  ARG A O   1 
ATOM   669  C CB  . ARG A 1 90  ? 2.208   11.331  -0.008  1.00 36.17 ? 90  ARG A CB  1 
ATOM   670  C CG  . ARG A 1 90  ? 0.703   11.497  0.144   1.00 37.65 ? 90  ARG A CG  1 
ATOM   671  C CD  . ARG A 1 90  ? 0.125   10.655  1.259   1.00 38.85 ? 90  ARG A CD  1 
ATOM   672  N NE  . ARG A 1 90  ? -0.944  11.370  1.946   1.00 40.21 ? 90  ARG A NE  1 
ATOM   673  C CZ  . ARG A 1 90  ? -1.829  10.801  2.759   1.00 40.63 ? 90  ARG A CZ  1 
ATOM   674  N NH1 . ARG A 1 90  ? -1.785  9.495   2.986   1.00 41.29 ? 90  ARG A NH1 1 
ATOM   675  N NH2 . ARG A 1 90  ? -2.745  11.547  3.360   1.00 40.80 ? 90  ARG A NH2 1 
ATOM   676  N N   . THR A 1 91  ? 1.668   14.074  1.085   1.00 36.16 ? 91  THR A N   1 
ATOM   677  C CA  . THR A 1 91  ? 0.871   15.131  1.725   1.00 36.51 ? 91  THR A CA  1 
ATOM   678  C C   . THR A 1 91  ? -0.303  14.556  2.501   1.00 36.76 ? 91  THR A C   1 
ATOM   679  O O   . THR A 1 91  ? -1.232  14.002  1.915   1.00 37.18 ? 91  THR A O   1 
ATOM   680  C CB  . THR A 1 91  ? 0.305   16.123  0.698   1.00 36.57 ? 91  THR A CB  1 
ATOM   681  O OG1 . THR A 1 91  ? 1.362   16.621  -0.125  1.00 36.80 ? 91  THR A OG1 1 
ATOM   682  C CG2 . THR A 1 91  ? -0.363  17.287  1.414   1.00 36.68 ? 91  THR A CG2 1 
ATOM   683  N N   . GLY A 1 92  ? -0.269  14.706  3.821   1.00 37.10 ? 92  GLY A N   1 
ATOM   684  C CA  . GLY A 1 92  ? -1.338  14.170  4.642   1.00 36.95 ? 92  GLY A CA  1 
ATOM   685  C C   . GLY A 1 92  ? -0.818  13.018  5.480   1.00 36.94 ? 92  GLY A C   1 
ATOM   686  O O   . GLY A 1 92  ? -1.489  12.544  6.400   1.00 36.71 ? 92  GLY A O   1 
ATOM   687  N N   . THR A 1 93  ? 0.384   12.559  5.149   1.00 36.86 ? 93  THR A N   1 
ATOM   688  C CA  . THR A 1 93  ? 1.015   11.472  5.889   1.00 36.88 ? 93  THR A CA  1 
ATOM   689  C C   . THR A 1 93  ? 1.291   11.939  7.313   1.00 37.03 ? 93  THR A C   1 
ATOM   690  O O   . THR A 1 93  ? 1.825   13.026  7.518   1.00 37.26 ? 93  THR A O   1 
ATOM   691  C CB  . THR A 1 93  ? 2.376   11.066  5.273   1.00 36.79 ? 93  THR A CB  1 
ATOM   692  O OG1 . THR A 1 93  ? 2.174   10.444  3.996   1.00 36.66 ? 93  THR A OG1 1 
ATOM   693  C CG2 . THR A 1 93  ? 3.106   10.096  6.199   1.00 36.93 ? 93  THR A CG2 1 
ATOM   694  N N   . ASP A 1 94  ? 0.911   11.133  8.298   1.00 37.22 ? 94  ASP A N   1 
ATOM   695  C CA  . ASP A 1 94  ? 1.194   11.483  9.684   1.00 37.34 ? 94  ASP A CA  1 
ATOM   696  C C   . ASP A 1 94  ? 2.597   10.922  9.909   1.00 37.21 ? 94  ASP A C   1 
ATOM   697  O O   . ASP A 1 94  ? 2.764   9.938   10.633  1.00 37.03 ? 94  ASP A O   1 
ATOM   698  C CB  . ASP A 1 94  ? 0.210   10.798  10.633  1.00 37.79 ? 94  ASP A CB  1 
ATOM   699  C CG  . ASP A 1 94  ? 0.401   11.226  12.087  1.00 38.00 ? 94  ASP A CG  1 
ATOM   700  O OD1 . ASP A 1 94  ? 1.491   11.734  12.432  1.00 37.56 ? 94  ASP A OD1 1 
ATOM   701  O OD2 . ASP A 1 94  ? -0.541  11.041  12.888  1.00 38.78 ? 94  ASP A OD2 1 
ATOM   702  N N   . PHE A 1 95  ? 3.589   11.537  9.266   1.00 36.96 ? 95  PHE A N   1 
ATOM   703  C CA  . PHE A 1 95  ? 4.982   11.094  9.358   1.00 36.48 ? 95  PHE A CA  1 
ATOM   704  C C   . PHE A 1 95  ? 5.557   11.030  10.776  1.00 36.59 ? 95  PHE A C   1 
ATOM   705  O O   . PHE A 1 95  ? 6.560   10.346  11.020  1.00 36.62 ? 95  PHE A O   1 
ATOM   706  C CB  . PHE A 1 95  ? 5.879   11.988  8.505   1.00 36.07 ? 95  PHE A CB  1 
ATOM   707  C CG  . PHE A 1 95  ? 7.335   11.634  8.597   1.00 35.94 ? 95  PHE A CG  1 
ATOM   708  C CD1 . PHE A 1 95  ? 7.793   10.403  8.145   1.00 36.40 ? 95  PHE A CD1 1 
ATOM   709  C CD2 . PHE A 1 95  ? 8.245   12.518  9.162   1.00 36.22 ? 95  PHE A CD2 1 
ATOM   710  C CE1 . PHE A 1 95  ? 9.147   10.056  8.254   1.00 36.26 ? 95  PHE A CE1 1 
ATOM   711  C CE2 . PHE A 1 95  ? 9.598   12.180  9.278   1.00 36.16 ? 95  PHE A CE2 1 
ATOM   712  C CZ  . PHE A 1 95  ? 10.045  10.952  8.823   1.00 36.00 ? 95  PHE A CZ  1 
ATOM   713  N N   . GLU A 1 96  ? 4.949   11.763  11.703  1.00 36.01 ? 96  GLU A N   1 
ATOM   714  C CA  . GLU A 1 96  ? 5.418   11.744  13.076  1.00 35.18 ? 96  GLU A CA  1 
ATOM   715  C C   . GLU A 1 96  ? 5.031   10.387  13.630  1.00 34.57 ? 96  GLU A C   1 
ATOM   716  O O   . GLU A 1 96  ? 5.789   9.775   14.383  1.00 34.06 ? 96  GLU A O   1 
ATOM   717  C CB  . GLU A 1 96  ? 4.760   12.860  13.897  1.00 35.50 ? 96  GLU A CB  1 
ATOM   718  C CG  . GLU A 1 96  ? 5.459   14.213  13.807  0.00 35.29 ? 96  GLU A CG  1 
ATOM   719  C CD  . GLU A 1 96  ? 5.407   14.824  12.420  0.00 35.29 ? 96  GLU A CD  1 
ATOM   720  O OE1 . GLU A 1 96  ? 6.022   15.893  12.220  0.00 35.25 ? 96  GLU A OE1 1 
ATOM   721  O OE2 . GLU A 1 96  ? 4.750   14.245  11.532  0.00 35.25 ? 96  GLU A OE2 1 
ATOM   722  N N   . TYR A 1 97  ? 3.850   9.910   13.243  1.00 33.50 ? 97  TYR A N   1 
ATOM   723  C CA  . TYR A 1 97  ? 3.395   8.612   13.713  1.00 32.88 ? 97  TYR A CA  1 
ATOM   724  C C   . TYR A 1 97  ? 4.186   7.508   13.026  1.00 31.34 ? 97  TYR A C   1 
ATOM   725  O O   . TYR A 1 97  ? 4.498   6.501   13.653  1.00 31.17 ? 97  TYR A O   1 
ATOM   726  C CB  . TYR A 1 97  ? 1.888   8.421   13.470  1.00 34.34 ? 97  TYR A CB  1 
ATOM   727  C CG  . TYR A 1 97  ? 1.344   7.133   14.064  1.00 35.81 ? 97  TYR A CG  1 
ATOM   728  C CD1 . TYR A 1 97  ? 1.545   6.825   15.414  1.00 36.68 ? 97  TYR A CD1 1 
ATOM   729  C CD2 . TYR A 1 97  ? 0.659   6.208   13.276  1.00 36.38 ? 97  TYR A CD2 1 
ATOM   730  C CE1 . TYR A 1 97  ? 1.084   5.626   15.963  1.00 37.16 ? 97  TYR A CE1 1 
ATOM   731  C CE2 . TYR A 1 97  ? 0.189   5.002   13.816  1.00 37.19 ? 97  TYR A CE2 1 
ATOM   732  C CZ  . TYR A 1 97  ? 0.407   4.719   15.158  1.00 37.30 ? 97  TYR A CZ  1 
ATOM   733  O OH  . TYR A 1 97  ? -0.031  3.526   15.691  1.00 38.15 ? 97  TYR A OH  1 
ATOM   734  N N   . GLU A 1 98  ? 4.514   7.693   11.748  1.00 29.54 ? 98  GLU A N   1 
ATOM   735  C CA  . GLU A 1 98  ? 5.289   6.685   11.027  1.00 28.31 ? 98  GLU A CA  1 
ATOM   736  C C   . GLU A 1 98  ? 6.635   6.511   11.719  1.00 27.27 ? 98  GLU A C   1 
ATOM   737  O O   . GLU A 1 98  ? 7.167   5.404   11.782  1.00 26.73 ? 98  GLU A O   1 
ATOM   738  C CB  . GLU A 1 98  ? 5.515   7.087   9.560   1.00 28.86 ? 98  GLU A CB  1 
ATOM   739  C CG  . GLU A 1 98  ? 4.281   6.969   8.670   1.00 29.95 ? 98  GLU A CG  1 
ATOM   740  C CD  . GLU A 1 98  ? 3.827   5.524   8.463   1.00 31.31 ? 98  GLU A CD  1 
ATOM   741  O OE1 . GLU A 1 98  ? 2.680   5.322   8.012   1.00 32.56 ? 98  GLU A OE1 1 
ATOM   742  O OE2 . GLU A 1 98  ? 4.607   4.591   8.743   1.00 31.39 ? 98  GLU A OE2 1 
ATOM   743  N N   . LEU A 1 99  ? 7.189   7.605   12.231  1.00 25.93 ? 99  LEU A N   1 
ATOM   744  C CA  . LEU A 1 99  ? 8.466   7.532   12.931  1.00 25.32 ? 99  LEU A CA  1 
ATOM   745  C C   . LEU A 1 99  ? 8.310   6.715   14.209  1.00 23.94 ? 99  LEU A C   1 
ATOM   746  O O   . LEU A 1 99  ? 9.158   5.885   14.524  1.00 23.14 ? 99  LEU A O   1 
ATOM   747  C CB  . LEU A 1 99  ? 8.976   8.934   13.277  1.00 26.56 ? 99  LEU A CB  1 
ATOM   748  C CG  . LEU A 1 99  ? 9.424   9.749   12.062  1.00 27.37 ? 99  LEU A CG  1 
ATOM   749  C CD1 . LEU A 1 99  ? 9.824   11.150  12.495  1.00 28.60 ? 99  LEU A CD1 1 
ATOM   750  C CD2 . LEU A 1 99  ? 10.582  9.037   11.383  1.00 28.06 ? 99  LEU A CD2 1 
ATOM   751  N N   . GLN A 1 100 ? 7.223   6.946   14.939  1.00 22.96 ? 100 GLN A N   1 
ATOM   752  C CA  . GLN A 1 100 ? 6.993   6.205   16.170  1.00 22.72 ? 100 GLN A CA  1 
ATOM   753  C C   . GLN A 1 100 ? 6.920   4.706   15.869  1.00 22.17 ? 100 GLN A C   1 
ATOM   754  O O   . GLN A 1 100 ? 7.594   3.911   16.510  1.00 21.29 ? 100 GLN A O   1 
ATOM   755  C CB  . GLN A 1 100 ? 5.700   6.660   16.868  1.00 23.20 ? 100 GLN A CB  1 
ATOM   756  C CG  . GLN A 1 100 ? 5.596   6.115   18.301  1.00 23.92 ? 100 GLN A CG  1 
ATOM   757  C CD  . GLN A 1 100 ? 4.233   6.322   18.963  1.00 24.80 ? 100 GLN A CD  1 
ATOM   758  O OE1 . GLN A 1 100 ? 4.019   5.893   20.105  1.00 24.46 ? 100 GLN A OE1 1 
ATOM   759  N NE2 . GLN A 1 100 ? 3.313   6.973   18.258  1.00 24.24 ? 100 GLN A NE2 1 
ATOM   760  N N   . MET A 1 101 ? 6.112   4.325   14.880  1.00 22.39 ? 101 MET A N   1 
ATOM   761  C CA  . MET A 1 101 ? 5.969   2.912   14.511  1.00 22.28 ? 101 MET A CA  1 
ATOM   762  C C   . MET A 1 101 ? 7.261   2.271   14.015  1.00 21.43 ? 101 MET A C   1 
ATOM   763  O O   . MET A 1 101 ? 7.533   1.100   14.299  1.00 20.57 ? 101 MET A O   1 
ATOM   764  C CB  . MET A 1 101 ? 4.896   2.747   13.434  1.00 24.00 ? 101 MET A CB  1 
ATOM   765  C CG  . MET A 1 101 ? 3.491   3.046   13.925  1.00 27.24 ? 101 MET A CG  1 
ATOM   766  S SD  . MET A 1 101 ? 2.240   2.427   12.780  1.00 31.35 ? 101 MET A SD  1 
ATOM   767  C CE  . MET A 1 101 ? 2.323   3.704   11.499  1.00 29.48 ? 101 MET A CE  1 
ATOM   768  N N   . ALA A 1 102 ? 8.048   3.035   13.261  1.00 20.14 ? 102 ALA A N   1 
ATOM   769  C CA  . ALA A 1 102 ? 9.314   2.544   12.727  1.00 19.58 ? 102 ALA A CA  1 
ATOM   770  C C   . ALA A 1 102 ? 10.256  2.177   13.864  1.00 19.35 ? 102 ALA A C   1 
ATOM   771  O O   . ALA A 1 102 ? 10.877  1.119   13.860  1.00 19.07 ? 102 ALA A O   1 
ATOM   772  C CB  . ALA A 1 102 ? 9.957   3.611   11.840  1.00 19.27 ? 102 ALA A CB  1 
ATOM   773  N N   . GLN A 1 103 ? 10.364  3.053   14.848  1.00 19.40 ? 103 GLN A N   1 
ATOM   774  C CA  . GLN A 1 103 ? 11.243  2.772   15.967  1.00 19.85 ? 103 GLN A CA  1 
ATOM   775  C C   . GLN A 1 103 ? 10.703  1.677   16.881  1.00 19.61 ? 103 GLN A C   1 
ATOM   776  O O   . GLN A 1 103 ? 11.471  0.886   17.423  1.00 19.31 ? 103 GLN A O   1 
ATOM   777  C CB  . GLN A 1 103 ? 11.526  4.064   16.712  1.00 20.51 ? 103 GLN A CB  1 
ATOM   778  C CG  . GLN A 1 103 ? 12.570  4.871   15.951  1.00 22.49 ? 103 GLN A CG  1 
ATOM   779  C CD  . GLN A 1 103 ? 12.746  6.245   16.485  1.00 23.35 ? 103 GLN A CD  1 
ATOM   780  O OE1 . GLN A 1 103 ? 13.769  6.888   16.235  1.00 23.90 ? 103 GLN A OE1 1 
ATOM   781  N NE2 . GLN A 1 103 ? 11.748  6.728   17.220  1.00 23.40 ? 103 GLN A NE2 1 
ATOM   782  N N   . MET A 1 104 ? 9.386   1.620   17.033  1.00 19.61 ? 104 MET A N   1 
ATOM   783  C CA  . MET A 1 104 ? 8.768   0.580   17.850  1.00 19.52 ? 104 MET A CA  1 
ATOM   784  C C   . MET A 1 104 ? 9.075   -0.752  17.168  1.00 19.87 ? 104 MET A C   1 
ATOM   785  O O   . MET A 1 104 ? 9.468   -1.723  17.819  1.00 19.94 ? 104 MET A O   1 
ATOM   786  C CB  . MET A 1 104 ? 7.254   0.792   17.923  1.00 19.79 ? 104 MET A CB  1 
ATOM   787  C CG  . MET A 1 104 ? 6.483   -0.312  18.666  1.00 19.74 ? 104 MET A CG  1 
ATOM   788  S SD  . MET A 1 104 ? 7.032   -0.542  20.377  1.00 21.01 ? 104 MET A SD  1 
ATOM   789  C CE  . MET A 1 104 ? 6.038   0.693   21.233  1.00 21.01 ? 104 MET A CE  1 
ATOM   790  N N   . ASN A 1 105 ? 8.908   -0.778  15.849  1.00 20.06 ? 105 ASN A N   1 
ATOM   791  C CA  . ASN A 1 105 ? 9.157   -1.977  15.058  1.00 20.58 ? 105 ASN A CA  1 
ATOM   792  C C   . ASN A 1 105 ? 10.614  -2.425  15.080  1.00 20.96 ? 105 ASN A C   1 
ATOM   793  O O   . ASN A 1 105 ? 10.907  -3.622  15.056  1.00 21.12 ? 105 ASN A O   1 
ATOM   794  C CB  . ASN A 1 105 ? 8.695   -1.763  13.617  1.00 20.19 ? 105 ASN A CB  1 
ATOM   795  C CG  . ASN A 1 105 ? 7.187   -1.830  13.478  1.00 20.30 ? 105 ASN A CG  1 
ATOM   796  O OD1 . ASN A 1 105 ? 6.505   -2.429  14.311  1.00 20.40 ? 105 ASN A OD1 1 
ATOM   797  N ND2 . ASN A 1 105 ? 6.662   -1.235  12.414  1.00 19.54 ? 105 ASN A ND2 1 
ATOM   798  N N   . LYS A 1 106 ? 11.527  -1.464  15.111  1.00 21.25 ? 106 LYS A N   1 
ATOM   799  C CA  . LYS A 1 106 ? 12.948  -1.772  15.174  1.00 21.67 ? 106 LYS A CA  1 
ATOM   800  C C   . LYS A 1 106 ? 13.201  -2.388  16.552  1.00 21.75 ? 106 LYS A C   1 
ATOM   801  O O   . LYS A 1 106 ? 13.869  -3.414  16.693  1.00 21.11 ? 106 LYS A O   1 
ATOM   802  C CB  . LYS A 1 106 ? 13.758  -0.490  15.038  1.00 22.35 ? 106 LYS A CB  1 
ATOM   803  C CG  . LYS A 1 106 ? 14.811  -0.523  13.955  1.00 24.44 ? 106 LYS A CG  1 
ATOM   804  C CD  . LYS A 1 106 ? 15.904  -1.491  14.285  1.00 24.77 ? 106 LYS A CD  1 
ATOM   805  C CE  . LYS A 1 106 ? 16.989  -1.431  13.248  1.00 25.40 ? 106 LYS A CE  1 
ATOM   806  N NZ  . LYS A 1 106 ? 18.152  -2.210  13.695  1.00 25.20 ? 106 LYS A NZ  1 
ATOM   807  N N   . HIS A 1 107 ? 12.641  -1.747  17.569  1.00 21.69 ? 107 HIS A N   1 
ATOM   808  C CA  . HIS A 1 107 ? 12.792  -2.204  18.946  1.00 22.19 ? 107 HIS A CA  1 
ATOM   809  C C   . HIS A 1 107 ? 12.313  -3.626  19.217  1.00 22.32 ? 107 HIS A C   1 
ATOM   810  O O   . HIS A 1 107 ? 13.018  -4.412  19.850  1.00 22.69 ? 107 HIS A O   1 
ATOM   811  C CB  . HIS A 1 107 ? 12.053  -1.263  19.899  1.00 22.66 ? 107 HIS A CB  1 
ATOM   812  C CG  . HIS A 1 107 ? 12.024  -1.754  21.312  1.00 22.86 ? 107 HIS A CG  1 
ATOM   813  N ND1 . HIS A 1 107 ? 13.118  -1.682  22.146  1.00 22.39 ? 107 HIS A ND1 1 
ATOM   814  C CD2 . HIS A 1 107 ? 11.052  -2.385  22.017  1.00 22.99 ? 107 HIS A CD2 1 
ATOM   815  C CE1 . HIS A 1 107 ? 12.824  -2.250  23.304  1.00 22.75 ? 107 HIS A CE1 1 
ATOM   816  N NE2 . HIS A 1 107 ? 11.576  -2.685  23.252  1.00 22.51 ? 107 HIS A NE2 1 
ATOM   817  N N   . ILE A 1 108 ? 11.122  -3.965  18.744  1.00 22.30 ? 108 ILE A N   1 
ATOM   818  C CA  . ILE A 1 108 ? 10.578  -5.289  19.011  1.00 22.94 ? 108 ILE A CA  1 
ATOM   819  C C   . ILE A 1 108 ? 11.008  -6.421  18.087  1.00 23.53 ? 108 ILE A C   1 
ATOM   820  O O   . ILE A 1 108 ? 10.996  -7.582  18.498  1.00 23.28 ? 108 ILE A O   1 
ATOM   821  C CB  . ILE A 1 108 ? 9.031   -5.263  19.042  1.00 22.98 ? 108 ILE A CB  1 
ATOM   822  C CG1 . ILE A 1 108 ? 8.474   -4.895  17.667  1.00 22.79 ? 108 ILE A CG1 1 
ATOM   823  C CG2 . ILE A 1 108 ? 8.550   -4.264  20.090  1.00 22.64 ? 108 ILE A CG2 1 
ATOM   824  C CD1 . ILE A 1 108 ? 6.958   -4.820  17.637  1.00 23.44 ? 108 ILE A CD1 1 
ATOM   825  N N   . ALA A 1 109 ? 11.408  -6.106  16.857  1.00 23.62 ? 109 ALA A N   1 
ATOM   826  C CA  . ALA A 1 109 ? 11.778  -7.165  15.927  1.00 24.23 ? 109 ALA A CA  1 
ATOM   827  C C   . ALA A 1 109 ? 13.039  -6.938  15.102  1.00 24.51 ? 109 ALA A C   1 
ATOM   828  O O   . ALA A 1 109 ? 13.372  -7.770  14.263  1.00 24.39 ? 109 ALA A O   1 
ATOM   829  C CB  . ALA A 1 109 ? 10.608  -7.449  14.994  1.00 24.08 ? 109 ALA A CB  1 
ATOM   830  N N   . GLY A 1 110 ? 13.736  -5.829  15.336  1.00 24.54 ? 110 GLY A N   1 
ATOM   831  C CA  . GLY A 1 110 ? 14.943  -5.547  14.578  1.00 24.85 ? 110 GLY A CA  1 
ATOM   832  C C   . GLY A 1 110 ? 14.662  -5.218  13.119  1.00 25.40 ? 110 GLY A C   1 
ATOM   833  O O   . GLY A 1 110 ? 15.572  -5.218  12.284  1.00 25.53 ? 110 GLY A O   1 
ATOM   834  N N   . VAL A 1 111 ? 13.406  -4.925  12.804  1.00 25.13 ? 111 VAL A N   1 
ATOM   835  C CA  . VAL A 1 111 ? 13.022  -4.609  11.433  1.00 25.21 ? 111 VAL A CA  1 
ATOM   836  C C   . VAL A 1 111 ? 13.219  -3.134  11.078  1.00 24.96 ? 111 VAL A C   1 
ATOM   837  O O   . VAL A 1 111 ? 12.775  -2.244  11.800  1.00 24.61 ? 111 VAL A O   1 
ATOM   838  C CB  . VAL A 1 111 ? 11.547  -5.012  11.176  1.00 25.71 ? 111 VAL A CB  1 
ATOM   839  C CG1 . VAL A 1 111 ? 11.109  -4.579  9.779   1.00 26.13 ? 111 VAL A CG1 1 
ATOM   840  C CG2 . VAL A 1 111 ? 11.396  -6.516  11.331  1.00 25.56 ? 111 VAL A CG2 1 
ATOM   841  N N   . ASP A 1 112 ? 13.905  -2.897  9.961   1.00 24.77 ? 112 ASP A N   1 
ATOM   842  C CA  . ASP A 1 112 ? 14.189  -1.557  9.455   1.00 24.84 ? 112 ASP A CA  1 
ATOM   843  C C   . ASP A 1 112 ? 13.026  -1.053  8.615   1.00 24.27 ? 112 ASP A C   1 
ATOM   844  O O   . ASP A 1 112 ? 12.329  -1.843  7.974   1.00 23.94 ? 112 ASP A O   1 
ATOM   845  C CB  . ASP A 1 112 ? 15.416  -1.575  8.535   1.00 26.12 ? 112 ASP A CB  1 
ATOM   846  C CG  . ASP A 1 112 ? 16.723  -1.615  9.280   1.00 27.50 ? 112 ASP A CG  1 
ATOM   847  O OD1 . ASP A 1 112 ? 17.679  -2.232  8.744   1.00 28.54 ? 112 ASP A OD1 1 
ATOM   848  O OD2 . ASP A 1 112 ? 16.809  -1.017  10.375  1.00 28.45 ? 112 ASP A OD2 1 
ATOM   849  N N   . THR A 1 113 ? 12.840  0.264   8.599   1.00 23.31 ? 113 THR A N   1 
ATOM   850  C CA  . THR A 1 113 ? 11.794  0.878   7.790   1.00 22.97 ? 113 THR A CA  1 
ATOM   851  C C   . THR A 1 113 ? 12.434  1.976   6.940   1.00 23.24 ? 113 THR A C   1 
ATOM   852  O O   . THR A 1 113 ? 13.051  2.898   7.472   1.00 23.08 ? 113 THR A O   1 
ATOM   853  C CB  . THR A 1 113 ? 10.674  1.497   8.662   1.00 22.63 ? 113 THR A CB  1 
ATOM   854  O OG1 . THR A 1 113 ? 10.027  0.465   9.416   1.00 22.15 ? 113 THR A OG1 1 
ATOM   855  C CG2 . THR A 1 113 ? 9.636   2.182   7.788   1.00 21.87 ? 113 THR A CG2 1 
ATOM   856  N N   . PHE A 1 114 ? 12.308  1.856   5.620   1.00 23.00 ? 114 PHE A N   1 
ATOM   857  C CA  . PHE A 1 114 ? 12.855  2.854   4.706   1.00 23.67 ? 114 PHE A CA  1 
ATOM   858  C C   . PHE A 1 114 ? 11.699  3.648   4.118   1.00 23.84 ? 114 PHE A C   1 
ATOM   859  O O   . PHE A 1 114 ? 10.741  3.071   3.603   1.00 23.83 ? 114 PHE A O   1 
ATOM   860  C CB  . PHE A 1 114 ? 13.648  2.195   3.573   1.00 23.88 ? 114 PHE A CB  1 
ATOM   861  C CG  . PHE A 1 114 ? 14.896  1.491   4.028   1.00 24.63 ? 114 PHE A CG  1 
ATOM   862  C CD1 . PHE A 1 114 ? 14.827  0.259   4.667   1.00 24.62 ? 114 PHE A CD1 1 
ATOM   863  C CD2 . PHE A 1 114 ? 16.146  2.067   3.820   1.00 25.10 ? 114 PHE A CD2 1 
ATOM   864  C CE1 . PHE A 1 114 ? 15.985  -0.393  5.097   1.00 25.28 ? 114 PHE A CE1 1 
ATOM   865  C CE2 . PHE A 1 114 ? 17.317  1.423   4.244   1.00 25.38 ? 114 PHE A CE2 1 
ATOM   866  C CZ  . PHE A 1 114 ? 17.236  0.192   4.884   1.00 25.51 ? 114 PHE A CZ  1 
ATOM   867  N N   . PHE A 1 115 ? 11.784  4.970   4.220   1.00 23.67 ? 115 PHE A N   1 
ATOM   868  C CA  . PHE A 1 115 ? 10.744  5.850   3.704   1.00 23.78 ? 115 PHE A CA  1 
ATOM   869  C C   . PHE A 1 115 ? 11.175  6.492   2.383   1.00 23.98 ? 115 PHE A C   1 
ATOM   870  O O   . PHE A 1 115 ? 12.352  6.773   2.174   1.00 24.00 ? 115 PHE A O   1 
ATOM   871  C CB  . PHE A 1 115 ? 10.449  6.953   4.720   1.00 23.65 ? 115 PHE A CB  1 
ATOM   872  C CG  . PHE A 1 115 ? 9.962   6.450   6.048   1.00 23.61 ? 115 PHE A CG  1 
ATOM   873  C CD1 . PHE A 1 115 ? 8.665   5.963   6.193   1.00 23.90 ? 115 PHE A CD1 1 
ATOM   874  C CD2 . PHE A 1 115 ? 10.793  6.484   7.166   1.00 23.40 ? 115 PHE A CD2 1 
ATOM   875  C CE1 . PHE A 1 115 ? 8.199   5.518   7.439   1.00 23.43 ? 115 PHE A CE1 1 
ATOM   876  C CE2 . PHE A 1 115 ? 10.338  6.042   8.413   1.00 23.06 ? 115 PHE A CE2 1 
ATOM   877  C CZ  . PHE A 1 115 ? 9.048   5.561   8.551   1.00 22.69 ? 115 PHE A CZ  1 
ATOM   878  N N   . VAL A 1 116 ? 10.216  6.718   1.497   1.00 24.04 ? 116 VAL A N   1 
ATOM   879  C CA  . VAL A 1 116 ? 10.508  7.347   0.221   1.00 24.20 ? 116 VAL A CA  1 
ATOM   880  C C   . VAL A 1 116 ? 9.401   8.351   -0.087  1.00 24.26 ? 116 VAL A C   1 
ATOM   881  O O   . VAL A 1 116 ? 8.222   8.069   0.137   1.00 24.18 ? 116 VAL A O   1 
ATOM   882  C CB  . VAL A 1 116 ? 10.595  6.294   -0.906  1.00 24.36 ? 116 VAL A CB  1 
ATOM   883  C CG1 . VAL A 1 116 ? 9.221   5.679   -1.167  1.00 24.77 ? 116 VAL A CG1 1 
ATOM   884  C CG2 . VAL A 1 116 ? 11.138  6.933   -2.165  1.00 25.11 ? 116 VAL A CG2 1 
ATOM   885  N N   . ALA A 1 117 ? 9.764   9.530   -0.583  1.00 23.85 ? 117 ALA A N   1 
ATOM   886  C CA  . ALA A 1 117 ? 8.739   10.526  -0.897  1.00 24.07 ? 117 ALA A CA  1 
ATOM   887  C C   . ALA A 1 117 ? 8.000   10.096  -2.162  1.00 24.39 ? 117 ALA A C   1 
ATOM   888  O O   . ALA A 1 117 ? 8.620   9.582   -3.097  1.00 23.79 ? 117 ALA A O   1 
ATOM   889  C CB  . ALA A 1 117 ? 9.380   11.900  -1.094  1.00 24.42 ? 117 ALA A CB  1 
ATOM   890  N N   . THR A 1 118 ? 6.679   10.277  -2.191  1.00 24.71 ? 118 THR A N   1 
ATOM   891  C CA  . THR A 1 118 ? 5.920   9.895   -3.382  1.00 25.36 ? 118 THR A CA  1 
ATOM   892  C C   . THR A 1 118 ? 6.184   10.944  -4.444  1.00 25.05 ? 118 THR A C   1 
ATOM   893  O O   . THR A 1 118 ? 6.624   12.050  -4.133  1.00 25.55 ? 118 THR A O   1 
ATOM   894  C CB  . THR A 1 118 ? 4.386   9.875   -3.159  1.00 25.86 ? 118 THR A CB  1 
ATOM   895  O OG1 . THR A 1 118 ? 3.933   11.209  -2.892  1.00 26.63 ? 118 THR A OG1 1 
ATOM   896  C CG2 . THR A 1 118 ? 4.003   8.948   -2.009  1.00 25.89 ? 118 THR A CG2 1 
ATOM   897  N N   . ALA A 1 119 ? 5.913   10.591  -5.693  1.00 24.98 ? 119 ALA A N   1 
ATOM   898  C CA  . ALA A 1 119 ? 6.097   11.513  -6.799  1.00 25.35 ? 119 ALA A CA  1 
ATOM   899  C C   . ALA A 1 119 ? 5.220   12.735  -6.533  1.00 25.68 ? 119 ALA A C   1 
ATOM   900  O O   . ALA A 1 119 ? 4.097   12.616  -6.040  1.00 25.70 ? 119 ALA A O   1 
ATOM   901  C CB  . ALA A 1 119 ? 5.693   10.847  -8.104  1.00 25.40 ? 119 ALA A CB  1 
ATOM   902  N N   . PRO A 1 120 ? 5.724   13.932  -6.857  1.00 25.91 ? 120 PRO A N   1 
ATOM   903  C CA  . PRO A 1 120 ? 4.957   15.163  -6.637  1.00 26.21 ? 120 PRO A CA  1 
ATOM   904  C C   . PRO A 1 120 ? 3.505   15.101  -7.105  1.00 26.76 ? 120 PRO A C   1 
ATOM   905  O O   . PRO A 1 120 ? 2.606   15.544  -6.392  1.00 26.83 ? 120 PRO A O   1 
ATOM   906  C CB  . PRO A 1 120 ? 5.759   16.205  -7.406  1.00 25.91 ? 120 PRO A CB  1 
ATOM   907  C CG  . PRO A 1 120 ? 7.162   15.725  -7.233  1.00 25.86 ? 120 PRO A CG  1 
ATOM   908  C CD  . PRO A 1 120 ? 7.038   14.230  -7.455  1.00 25.78 ? 120 PRO A CD  1 
ATOM   909  N N   . ARG A 1 121 ? 3.286   14.542  -8.291  1.00 27.47 ? 121 ARG A N   1 
ATOM   910  C CA  . ARG A 1 121 ? 1.953   14.446  -8.887  1.00 28.76 ? 121 ARG A CA  1 
ATOM   911  C C   . ARG A 1 121 ? 0.946   13.571  -8.142  1.00 28.94 ? 121 ARG A C   1 
ATOM   912  O O   . ARG A 1 121 ? -0.261  13.724  -8.321  1.00 28.43 ? 121 ARG A O   1 
ATOM   913  C CB  . ARG A 1 121 ? 2.066   13.943  -10.325 1.00 29.86 ? 121 ARG A CB  1 
ATOM   914  C CG  . ARG A 1 121 ? 2.571   12.522  -10.421 1.00 32.00 ? 121 ARG A CG  1 
ATOM   915  C CD  . ARG A 1 121 ? 2.853   12.125  -11.848 1.00 34.34 ? 121 ARG A CD  1 
ATOM   916  N NE  . ARG A 1 121 ? 3.571   10.855  -11.895 1.00 37.22 ? 121 ARG A NE  1 
ATOM   917  C CZ  . ARG A 1 121 ? 3.989   10.273  -13.012 1.00 38.68 ? 121 ARG A CZ  1 
ATOM   918  N NH1 . ARG A 1 121 ? 3.761   10.852  -14.188 1.00 39.33 ? 121 ARG A NH1 1 
ATOM   919  N NH2 . ARG A 1 121 ? 4.630   9.110   -12.955 1.00 39.62 ? 121 ARG A NH2 1 
ATOM   920  N N   . TYR A 1 122 ? 1.440   12.643  -7.328  1.00 29.24 ? 122 TYR A N   1 
ATOM   921  C CA  . TYR A 1 122 ? 0.568   11.748  -6.575  1.00 29.49 ? 122 TYR A CA  1 
ATOM   922  C C   . TYR A 1 122 ? 0.644   12.063  -5.081  1.00 29.36 ? 122 TYR A C   1 
ATOM   923  O O   . TYR A 1 122 ? 0.127   11.315  -4.253  1.00 30.41 ? 122 TYR A O   1 
ATOM   924  C CB  . TYR A 1 122 ? 0.978   10.290  -6.836  1.00 29.59 ? 122 TYR A CB  1 
ATOM   925  C CG  . TYR A 1 122 ? 0.828   9.869   -8.282  1.00 30.09 ? 122 TYR A CG  1 
ATOM   926  C CD1 . TYR A 1 122 ? 1.796   9.084   -8.905  1.00 30.48 ? 122 TYR A CD1 1 
ATOM   927  C CD2 . TYR A 1 122 ? -0.264  10.289  -9.040  1.00 30.57 ? 122 TYR A CD2 1 
ATOM   928  C CE1 . TYR A 1 122 ? 1.685   8.735   -10.253 1.00 30.84 ? 122 TYR A CE1 1 
ATOM   929  C CE2 . TYR A 1 122 ? -0.386  9.948   -10.379 1.00 31.15 ? 122 TYR A CE2 1 
ATOM   930  C CZ  . TYR A 1 122 ? 0.595   9.172   -10.982 1.00 31.33 ? 122 TYR A CZ  1 
ATOM   931  O OH  . TYR A 1 122 ? 0.483   8.856   -12.320 1.00 32.02 ? 122 TYR A OH  1 
ATOM   932  N N   . SER A 1 123 ? 1.262   13.192  -4.751  1.00 29.29 ? 123 SER A N   1 
ATOM   933  C CA  . SER A 1 123 ? 1.454   13.619  -3.365  1.00 28.69 ? 123 SER A CA  1 
ATOM   934  C C   . SER A 1 123 ? 0.199   13.954  -2.555  1.00 27.92 ? 123 SER A C   1 
ATOM   935  O O   . SER A 1 123 ? 0.242   13.958  -1.322  1.00 27.90 ? 123 SER A O   1 
ATOM   936  C CB  . SER A 1 123 ? 2.398   14.827  -3.322  1.00 28.96 ? 123 SER A CB  1 
ATOM   937  O OG  . SER A 1 123 ? 1.721   16.036  -3.652  1.00 30.07 ? 123 SER A OG  1 
ATOM   938  N N   . PHE A 1 124 ? -0.914  14.239  -3.223  1.00 26.79 ? 124 PHE A N   1 
ATOM   939  C CA  . PHE A 1 124 ? -2.132  14.584  -2.493  1.00 25.48 ? 124 PHE A CA  1 
ATOM   940  C C   . PHE A 1 124 ? -3.191  13.487  -2.531  1.00 25.51 ? 124 PHE A C   1 
ATOM   941  O O   . PHE A 1 124 ? -4.306  13.671  -2.029  1.00 25.25 ? 124 PHE A O   1 
ATOM   942  C CB  . PHE A 1 124 ? -2.730  15.888  -3.036  1.00 24.03 ? 124 PHE A CB  1 
ATOM   943  C CG  . PHE A 1 124 ? -3.052  15.843  -4.501  1.00 22.20 ? 124 PHE A CG  1 
ATOM   944  C CD1 . PHE A 1 124 ? -2.091  16.180  -5.449  1.00 21.73 ? 124 PHE A CD1 1 
ATOM   945  C CD2 . PHE A 1 124 ? -4.308  15.437  -4.933  1.00 21.40 ? 124 PHE A CD2 1 
ATOM   946  C CE1 . PHE A 1 124 ? -2.380  16.111  -6.812  1.00 21.10 ? 124 PHE A CE1 1 
ATOM   947  C CE2 . PHE A 1 124 ? -4.610  15.365  -6.284  1.00 20.98 ? 124 PHE A CE2 1 
ATOM   948  C CZ  . PHE A 1 124 ? -3.652  15.700  -7.228  1.00 20.82 ? 124 PHE A CZ  1 
ATOM   949  N N   . VAL A 1 125 ? -2.860  12.347  -3.126  1.00 25.43 ? 125 VAL A N   1 
ATOM   950  C CA  . VAL A 1 125 ? -3.830  11.265  -3.184  1.00 25.51 ? 125 VAL A CA  1 
ATOM   951  C C   . VAL A 1 125 ? -3.645  10.309  -2.011  1.00 24.97 ? 125 VAL A C   1 
ATOM   952  O O   . VAL A 1 125 ? -2.527  10.038  -1.578  1.00 25.04 ? 125 VAL A O   1 
ATOM   953  C CB  . VAL A 1 125 ? -3.731  10.470  -4.524  1.00 26.27 ? 125 VAL A CB  1 
ATOM   954  C CG1 . VAL A 1 125 ? -2.443  9.680   -4.587  1.00 26.42 ? 125 VAL A CG1 1 
ATOM   955  C CG2 . VAL A 1 125 ? -4.920  9.531   -4.656  1.00 26.97 ? 125 VAL A CG2 1 
ATOM   956  N N   . SER A 1 126 ? -4.761  9.828   -1.482  1.00 24.35 ? 126 SER A N   1 
ATOM   957  C CA  . SER A 1 126 ? -4.765  8.874   -0.381  1.00 23.46 ? 126 SER A CA  1 
ATOM   958  C C   . SER A 1 126 ? -6.013  8.049   -0.636  1.00 23.04 ? 126 SER A C   1 
ATOM   959  O O   . SER A 1 126 ? -6.955  8.540   -1.251  1.00 22.50 ? 126 SER A O   1 
ATOM   960  C CB  . SER A 1 126 ? -4.867  9.584   0.978   1.00 23.36 ? 126 SER A CB  1 
ATOM   961  O OG  . SER A 1 126 ? -6.116  10.246  1.133   1.00 23.55 ? 126 SER A OG  1 
ATOM   962  N N   . SER A 1 127 ? -6.021  6.799   -0.192  1.00 22.64 ? 127 SER A N   1 
ATOM   963  C CA  . SER A 1 127 ? -7.180  5.947   -0.405  1.00 23.25 ? 127 SER A CA  1 
ATOM   964  C C   . SER A 1 127 ? -8.415  6.602   0.186   1.00 23.76 ? 127 SER A C   1 
ATOM   965  O O   . SER A 1 127 ? -9.482  6.629   -0.431  1.00 23.69 ? 127 SER A O   1 
ATOM   966  C CB  . SER A 1 127 ? -6.958  4.581   0.252   1.00 22.85 ? 127 SER A CB  1 
ATOM   967  O OG  . SER A 1 127 ? -5.863  3.921   -0.351  1.00 23.61 ? 127 SER A OG  1 
ATOM   968  N N   . SER A 1 128 ? -8.253  7.151   1.385   1.00 24.39 ? 128 SER A N   1 
ATOM   969  C CA  . SER A 1 128 ? -9.356  7.791   2.079   1.00 25.16 ? 128 SER A CA  1 
ATOM   970  C C   . SER A 1 128 ? -9.938  8.994   1.345   1.00 24.99 ? 128 SER A C   1 
ATOM   971  O O   . SER A 1 128 ? -11.153 9.077   1.156   1.00 25.01 ? 128 SER A O   1 
ATOM   972  C CB  . SER A 1 128 ? -8.916  8.211   3.477   1.00 26.09 ? 128 SER A CB  1 
ATOM   973  O OG  . SER A 1 128 ? -10.010 8.775   4.173   1.00 28.43 ? 128 SER A OG  1 
ATOM   974  N N   . LEU A 1 129 ? -9.086  9.921   0.923   1.00 24.29 ? 129 LEU A N   1 
ATOM   975  C CA  . LEU A 1 129 ? -9.585  11.109  0.229   1.00 24.24 ? 129 LEU A CA  1 
ATOM   976  C C   . LEU A 1 129 ? -10.142 10.787  -1.156  1.00 24.17 ? 129 LEU A C   1 
ATOM   977  O O   . LEU A 1 129 ? -11.099 11.418  -1.604  1.00 23.97 ? 129 LEU A O   1 
ATOM   978  C CB  . LEU A 1 129 ? -8.490  12.175  0.128   1.00 23.41 ? 129 LEU A CB  1 
ATOM   979  C CG  . LEU A 1 129 ? -8.966  13.564  -0.315  1.00 23.66 ? 129 LEU A CG  1 
ATOM   980  C CD1 . LEU A 1 129 ? -10.027 14.088  0.650   1.00 23.49 ? 129 LEU A CD1 1 
ATOM   981  C CD2 . LEU A 1 129 ? -7.779  14.516  -0.359  1.00 23.25 ? 129 LEU A CD2 1 
ATOM   982  N N   . ALA A 1 130 ? -9.546  9.809   -1.829  1.00 24.41 ? 130 ALA A N   1 
ATOM   983  C CA  . ALA A 1 130 ? -10.017 9.393   -3.145  1.00 24.73 ? 130 ALA A CA  1 
ATOM   984  C C   . ALA A 1 130 ? -11.449 8.858   -3.007  1.00 25.22 ? 130 ALA A C   1 
ATOM   985  O O   . ALA A 1 130 ? -12.321 9.159   -3.826  1.00 25.03 ? 130 ALA A O   1 
ATOM   986  C CB  . ALA A 1 130 ? -9.100  8.312   -3.715  1.00 24.01 ? 130 ALA A CB  1 
ATOM   987  N N   . LYS A 1 131 ? -11.687 8.059   -1.969  1.00 25.63 ? 131 LYS A N   1 
ATOM   988  C CA  . LYS A 1 131 ? -13.016 7.506   -1.730  1.00 26.54 ? 131 LYS A CA  1 
ATOM   989  C C   . LYS A 1 131 ? -14.010 8.607   -1.385  1.00 27.64 ? 131 LYS A C   1 
ATOM   990  O O   . LYS A 1 131 ? -15.106 8.646   -1.933  1.00 27.94 ? 131 LYS A O   1 
ATOM   991  C CB  . LYS A 1 131 ? -12.989 6.479   -0.590  1.00 25.90 ? 131 LYS A CB  1 
ATOM   992  C CG  . LYS A 1 131 ? -12.406 5.124   -0.979  1.00 26.11 ? 131 LYS A CG  1 
ATOM   993  C CD  . LYS A 1 131 ? -12.474 4.121   0.170   1.00 25.74 ? 131 LYS A CD  1 
ATOM   994  C CE  . LYS A 1 131 ? -11.606 4.549   1.344   1.00 25.99 ? 131 LYS A CE  1 
ATOM   995  N NZ  . LYS A 1 131 ? -11.421 3.431   2.316   1.00 26.36 ? 131 LYS A NZ  1 
ATOM   996  N N   . GLU A 1 132 ? -13.629 9.496   -0.472  1.00 28.94 ? 132 GLU A N   1 
ATOM   997  C CA  . GLU A 1 132 ? -14.507 10.590  -0.066  1.00 30.72 ? 132 GLU A CA  1 
ATOM   998  C C   . GLU A 1 132 ? -14.947 11.427  -1.257  1.00 30.60 ? 132 GLU A C   1 
ATOM   999  O O   . GLU A 1 132 ? -16.124 11.755  -1.399  1.00 30.79 ? 132 GLU A O   1 
ATOM   1000 C CB  . GLU A 1 132 ? -13.804 11.505  0.940   1.00 32.60 ? 132 GLU A CB  1 
ATOM   1001 C CG  . GLU A 1 132 ? -14.423 11.494  2.324   1.00 35.88 ? 132 GLU A CG  1 
ATOM   1002 C CD  . GLU A 1 132 ? -13.817 10.436  3.222   1.00 37.51 ? 132 GLU A CD  1 
ATOM   1003 O OE1 . GLU A 1 132 ? -12.646 10.609  3.630   1.00 38.68 ? 132 GLU A OE1 1 
ATOM   1004 O OE2 . GLU A 1 132 ? -14.507 9.431   3.514   1.00 39.16 ? 132 GLU A OE2 1 
ATOM   1005 N N   . VAL A 1 133 ? -13.989 11.782  -2.104  1.00 30.37 ? 133 VAL A N   1 
ATOM   1006 C CA  . VAL A 1 133 ? -14.272 12.582  -3.281  1.00 30.41 ? 133 VAL A CA  1 
ATOM   1007 C C   . VAL A 1 133 ? -15.112 11.779  -4.270  1.00 31.07 ? 133 VAL A C   1 
ATOM   1008 O O   . VAL A 1 133 ? -16.092 12.285  -4.805  1.00 30.70 ? 133 VAL A O   1 
ATOM   1009 C CB  . VAL A 1 133 ? -12.966 13.051  -3.950  1.00 29.65 ? 133 VAL A CB  1 
ATOM   1010 C CG1 . VAL A 1 133 ? -13.266 13.759  -5.253  1.00 29.04 ? 133 VAL A CG1 1 
ATOM   1011 C CG2 . VAL A 1 133 ? -12.224 13.985  -3.012  1.00 29.05 ? 133 VAL A CG2 1 
ATOM   1012 N N   . ALA A 1 134 ? -14.732 10.525  -4.498  1.00 31.81 ? 134 ALA A N   1 
ATOM   1013 C CA  . ALA A 1 134 ? -15.465 9.659   -5.417  1.00 33.12 ? 134 ALA A CA  1 
ATOM   1014 C C   . ALA A 1 134 ? -16.917 9.519   -4.962  1.00 33.84 ? 134 ALA A C   1 
ATOM   1015 O O   . ALA A 1 134 ? -17.837 9.596   -5.768  1.00 34.49 ? 134 ALA A O   1 
ATOM   1016 C CB  . ALA A 1 134 ? -14.803 8.286   -5.486  1.00 32.99 ? 134 ALA A CB  1 
ATOM   1017 N N   . MET A 1 135 ? -17.111 9.320   -3.664  1.00 34.85 ? 135 MET A N   1 
ATOM   1018 C CA  . MET A 1 135 ? -18.443 9.173   -3.088  1.00 35.72 ? 135 MET A CA  1 
ATOM   1019 C C   . MET A 1 135 ? -19.331 10.377  -3.383  1.00 35.49 ? 135 MET A C   1 
ATOM   1020 O O   . MET A 1 135 ? -20.507 10.222  -3.722  1.00 35.77 ? 135 MET A O   1 
ATOM   1021 C CB  . MET A 1 135 ? -18.342 9.005   -1.573  1.00 37.00 ? 135 MET A CB  1 
ATOM   1022 C CG  . MET A 1 135 ? -17.599 7.765   -1.128  1.00 39.49 ? 135 MET A CG  1 
ATOM   1023 S SD  . MET A 1 135 ? -18.636 6.310   -1.178  1.00 42.96 ? 135 MET A SD  1 
ATOM   1024 C CE  . MET A 1 135 ? -18.846 6.002   0.588   1.00 41.94 ? 135 MET A CE  1 
ATOM   1025 N N   . LEU A 1 136 ? -18.766 11.572  -3.242  1.00 34.67 ? 136 LEU A N   1 
ATOM   1026 C CA  . LEU A 1 136 ? -19.510 12.806  -3.460  1.00 33.98 ? 136 LEU A CA  1 
ATOM   1027 C C   . LEU A 1 136 ? -19.603 13.260  -4.908  1.00 33.43 ? 136 LEU A C   1 
ATOM   1028 O O   . LEU A 1 136 ? -20.038 14.376  -5.177  1.00 33.40 ? 136 LEU A O   1 
ATOM   1029 C CB  . LEU A 1 136 ? -18.916 13.930  -2.614  1.00 33.95 ? 136 LEU A CB  1 
ATOM   1030 C CG  . LEU A 1 136 ? -19.034 13.753  -1.102  1.00 34.22 ? 136 LEU A CG  1 
ATOM   1031 C CD1 . LEU A 1 136 ? -18.364 14.916  -0.400  1.00 34.51 ? 136 LEU A CD1 1 
ATOM   1032 C CD2 . LEU A 1 136 ? -20.505 13.659  -0.710  1.00 34.72 ? 136 LEU A CD2 1 
ATOM   1033 N N   . GLY A 1 137 ? -19.183 12.408  -5.836  1.00 33.09 ? 137 GLY A N   1 
ATOM   1034 C CA  . GLY A 1 137 ? -19.274 12.764  -7.242  1.00 32.37 ? 137 GLY A CA  1 
ATOM   1035 C C   . GLY A 1 137 ? -18.024 13.251  -7.950  1.00 32.30 ? 137 GLY A C   1 
ATOM   1036 O O   . GLY A 1 137 ? -18.067 13.492  -9.156  1.00 32.42 ? 137 GLY A O   1 
ATOM   1037 N N   . GLY A 1 138 ? -16.918 13.402  -7.226  1.00 31.72 ? 138 GLY A N   1 
ATOM   1038 C CA  . GLY A 1 138 ? -15.693 13.869  -7.851  1.00 31.46 ? 138 GLY A CA  1 
ATOM   1039 C C   . GLY A 1 138 ? -14.967 12.809  -8.665  1.00 31.21 ? 138 GLY A C   1 
ATOM   1040 O O   . GLY A 1 138 ? -14.992 11.626  -8.323  1.00 31.27 ? 138 GLY A O   1 
ATOM   1041 N N   . ASP A 1 139 ? -14.318 13.233  -9.745  1.00 31.03 ? 139 ASP A N   1 
ATOM   1042 C CA  . ASP A 1 139 ? -13.576 12.321  -10.612 1.00 30.92 ? 139 ASP A CA  1 
ATOM   1043 C C   . ASP A 1 139 ? -12.105 12.246  -10.216 1.00 30.36 ? 139 ASP A C   1 
ATOM   1044 O O   . ASP A 1 139 ? -11.340 13.187  -10.439 1.00 30.57 ? 139 ASP A O   1 
ATOM   1045 C CB  . ASP A 1 139 ? -13.704 12.766  -12.077 1.00 31.71 ? 139 ASP A CB  1 
ATOM   1046 C CG  . ASP A 1 139 ? -12.729 12.047  -13.004 1.00 32.59 ? 139 ASP A CG  1 
ATOM   1047 O OD1 . ASP A 1 139 ? -12.406 10.871  -12.748 1.00 32.96 ? 139 ASP A OD1 1 
ATOM   1048 O OD2 . ASP A 1 139 ? -12.292 12.659  -14.006 1.00 33.94 ? 139 ASP A OD2 1 
ATOM   1049 N N   . VAL A 1 140 ? -11.719 11.117  -9.629  1.00 29.66 ? 140 VAL A N   1 
ATOM   1050 C CA  . VAL A 1 140 ? -10.339 10.895  -9.192  1.00 28.97 ? 140 VAL A CA  1 
ATOM   1051 C C   . VAL A 1 140 ? -9.662  9.821   -10.044 1.00 28.43 ? 140 VAL A C   1 
ATOM   1052 O O   . VAL A 1 140 ? -8.667  9.230   -9.631  1.00 27.65 ? 140 VAL A O   1 
ATOM   1053 C CB  . VAL A 1 140 ? -10.293 10.434  -7.719  1.00 29.11 ? 140 VAL A CB  1 
ATOM   1054 C CG1 . VAL A 1 140 ? -10.769 11.557  -6.799  1.00 28.93 ? 140 VAL A CG1 1 
ATOM   1055 C CG2 . VAL A 1 140 ? -11.170 9.201   -7.543  1.00 28.34 ? 140 VAL A CG2 1 
ATOM   1056 N N   . SER A 1 141 ? -10.195 9.591   -11.241 1.00 27.84 ? 141 SER A N   1 
ATOM   1057 C CA  . SER A 1 141 ? -9.667  8.569   -12.143 1.00 27.46 ? 141 SER A CA  1 
ATOM   1058 C C   . SER A 1 141 ? -8.201  8.729   -12.529 1.00 27.02 ? 141 SER A C   1 
ATOM   1059 O O   . SER A 1 141 ? -7.522  7.742   -12.804 1.00 26.86 ? 141 SER A O   1 
ATOM   1060 C CB  . SER A 1 141 ? -10.520 8.502   -13.415 1.00 27.85 ? 141 SER A CB  1 
ATOM   1061 O OG  . SER A 1 141 ? -10.427 9.713   -14.141 1.00 28.66 ? 141 SER A OG  1 
ATOM   1062 N N   . GLU A 1 142 ? -7.706  9.959   -12.558 1.00 26.76 ? 142 GLU A N   1 
ATOM   1063 C CA  . GLU A 1 142 ? -6.311  10.190  -12.924 1.00 26.62 ? 142 GLU A CA  1 
ATOM   1064 C C   . GLU A 1 142 ? -5.336  9.886   -11.788 1.00 25.75 ? 142 GLU A C   1 
ATOM   1065 O O   . GLU A 1 142 ? -4.120  9.936   -11.973 1.00 25.54 ? 142 GLU A O   1 
ATOM   1066 C CB  . GLU A 1 142 ? -6.109  11.639  -13.368 1.00 27.99 ? 142 GLU A CB  1 
ATOM   1067 C CG  . GLU A 1 142 ? -6.833  12.006  -14.638 1.00 30.19 ? 142 GLU A CG  1 
ATOM   1068 C CD  . GLU A 1 142 ? -6.612  13.453  -15.022 1.00 31.42 ? 142 GLU A CD  1 
ATOM   1069 O OE1 . GLU A 1 142 ? -5.448  13.845  -15.240 1.00 32.54 ? 142 GLU A OE1 1 
ATOM   1070 O OE2 . GLU A 1 142 ? -7.606  14.201  -15.103 1.00 33.01 ? 142 GLU A OE2 1 
ATOM   1071 N N   . LEU A 1 143 ? -5.866  9.558   -10.620 1.00 25.10 ? 143 LEU A N   1 
ATOM   1072 C CA  . LEU A 1 143 ? -5.017  9.284   -9.462  1.00 25.01 ? 143 LEU A CA  1 
ATOM   1073 C C   . LEU A 1 143 ? -5.059  7.825   -9.037  1.00 24.64 ? 143 LEU A C   1 
ATOM   1074 O O   . LEU A 1 143 ? -4.412  7.436   -8.065  1.00 24.33 ? 143 LEU A O   1 
ATOM   1075 C CB  . LEU A 1 143 ? -5.467  10.162  -8.297  1.00 25.00 ? 143 LEU A CB  1 
ATOM   1076 C CG  . LEU A 1 143 ? -5.729  11.623  -8.674  1.00 25.42 ? 143 LEU A CG  1 
ATOM   1077 C CD1 . LEU A 1 143 ? -6.316  12.359  -7.485  1.00 25.87 ? 143 LEU A CD1 1 
ATOM   1078 C CD2 . LEU A 1 143 ? -4.438  12.272  -9.135  1.00 25.38 ? 143 LEU A CD2 1 
ATOM   1079 N N   . LEU A 1 144 ? -5.825  7.021   -9.769  1.00 24.53 ? 144 LEU A N   1 
ATOM   1080 C CA  . LEU A 1 144 ? -5.974  5.608   -9.453  1.00 24.37 ? 144 LEU A CA  1 
ATOM   1081 C C   . LEU A 1 144 ? -5.733  4.745   -10.683 1.00 24.84 ? 144 LEU A C   1 
ATOM   1082 O O   . LEU A 1 144 ? -5.987  5.167   -11.814 1.00 24.50 ? 144 LEU A O   1 
ATOM   1083 C CB  . LEU A 1 144 ? -7.390  5.343   -8.927  1.00 24.02 ? 144 LEU A CB  1 
ATOM   1084 C CG  . LEU A 1 144 ? -7.894  6.224   -7.776  1.00 23.95 ? 144 LEU A CG  1 
ATOM   1085 C CD1 . LEU A 1 144 ? -9.387  5.952   -7.543  1.00 24.01 ? 144 LEU A CD1 1 
ATOM   1086 C CD2 . LEU A 1 144 ? -7.091  5.948   -6.512  1.00 22.97 ? 144 LEU A CD2 1 
ATOM   1087 N N   . PRO A 1 145 ? -5.222  3.524   -10.483 1.00 24.95 ? 145 PRO A N   1 
ATOM   1088 C CA  . PRO A 1 145 ? -4.985  2.665   -11.645 1.00 25.70 ? 145 PRO A CA  1 
ATOM   1089 C C   . PRO A 1 145 ? -6.335  2.296   -12.256 1.00 26.16 ? 145 PRO A C   1 
ATOM   1090 O O   . PRO A 1 145 ? -7.359  2.331   -11.572 1.00 26.13 ? 145 PRO A O   1 
ATOM   1091 C CB  . PRO A 1 145 ? -4.229  1.472   -11.050 1.00 25.22 ? 145 PRO A CB  1 
ATOM   1092 C CG  . PRO A 1 145 ? -4.677  1.444   -9.628  1.00 25.83 ? 145 PRO A CG  1 
ATOM   1093 C CD  . PRO A 1 145 ? -4.735  2.900   -9.243  1.00 25.09 ? 145 PRO A CD  1 
ATOM   1094 N N   . GLU A 1 146 ? -6.349  1.957   -13.540 1.00 27.10 ? 146 GLU A N   1 
ATOM   1095 C CA  . GLU A 1 146 ? -7.609  1.629   -14.207 1.00 27.88 ? 146 GLU A CA  1 
ATOM   1096 C C   . GLU A 1 146 ? -8.355  0.449   -13.580 1.00 27.82 ? 146 GLU A C   1 
ATOM   1097 O O   . GLU A 1 146 ? -9.586  0.440   -13.535 1.00 27.72 ? 146 GLU A O   1 
ATOM   1098 C CB  . GLU A 1 146 ? -7.366  1.381   -15.700 1.00 29.07 ? 146 GLU A CB  1 
ATOM   1099 C CG  . GLU A 1 146 ? -8.643  1.411   -16.543 1.00 30.85 ? 146 GLU A CG  1 
ATOM   1100 C CD  . GLU A 1 146 ? -9.547  2.588   -16.200 1.00 31.82 ? 146 GLU A CD  1 
ATOM   1101 O OE1 . GLU A 1 146 ? -9.033  3.712   -15.993 1.00 31.85 ? 146 GLU A OE1 1 
ATOM   1102 O OE2 . GLU A 1 146 ? -10.781 2.388   -16.144 1.00 33.28 ? 146 GLU A OE2 1 
ATOM   1103 N N   . PRO A 1 147 ? -7.624  -0.564  -13.084 1.00 27.78 ? 147 PRO A N   1 
ATOM   1104 C CA  . PRO A 1 147 ? -8.341  -1.687  -12.478 1.00 27.64 ? 147 PRO A CA  1 
ATOM   1105 C C   . PRO A 1 147 ? -9.180  -1.218  -11.294 1.00 27.50 ? 147 PRO A C   1 
ATOM   1106 O O   . PRO A 1 147 ? -10.182 -1.839  -10.946 1.00 27.88 ? 147 PRO A O   1 
ATOM   1107 C CB  . PRO A 1 147 ? -7.214  -2.630  -12.056 1.00 27.97 ? 147 PRO A CB  1 
ATOM   1108 C CG  . PRO A 1 147 ? -6.160  -2.367  -13.085 1.00 28.20 ? 147 PRO A CG  1 
ATOM   1109 C CD  . PRO A 1 147 ? -6.184  -0.858  -13.192 1.00 27.85 ? 147 PRO A CD  1 
ATOM   1110 N N   . VAL A 1 148 ? -8.760  -0.122  -10.672 1.00 27.08 ? 148 VAL A N   1 
ATOM   1111 C CA  . VAL A 1 148 ? -9.478  0.432   -9.528  1.00 26.46 ? 148 VAL A CA  1 
ATOM   1112 C C   . VAL A 1 148 ? -10.638 1.314   -9.990  1.00 26.74 ? 148 VAL A C   1 
ATOM   1113 O O   . VAL A 1 148 ? -11.722 1.263   -9.414  1.00 26.00 ? 148 VAL A O   1 
ATOM   1114 C CB  . VAL A 1 148 ? -8.538  1.279   -8.630  1.00 26.48 ? 148 VAL A CB  1 
ATOM   1115 C CG1 . VAL A 1 148 ? -9.340  1.943   -7.508  1.00 26.05 ? 148 VAL A CG1 1 
ATOM   1116 C CG2 . VAL A 1 148 ? -7.434  0.395   -8.052  1.00 25.20 ? 148 VAL A CG2 1 
ATOM   1117 N N   . ASN A 1 149 ? -10.403 2.126   -11.022 1.00 27.14 ? 149 ASN A N   1 
ATOM   1118 C CA  . ASN A 1 149 ? -11.444 3.007   -11.550 1.00 28.17 ? 149 ASN A CA  1 
ATOM   1119 C C   . ASN A 1 149 ? -12.609 2.172   -12.066 1.00 29.49 ? 149 ASN A C   1 
ATOM   1120 O O   . ASN A 1 149 ? -13.776 2.513   -11.865 1.00 29.77 ? 149 ASN A O   1 
ATOM   1121 C CB  . ASN A 1 149 ? -10.899 3.869   -12.691 1.00 27.02 ? 149 ASN A CB  1 
ATOM   1122 C CG  . ASN A 1 149 ? -9.870  4.882   -12.219 1.00 26.18 ? 149 ASN A CG  1 
ATOM   1123 O OD1 . ASN A 1 149 ? -10.000 5.453   -11.137 1.00 25.58 ? 149 ASN A OD1 1 
ATOM   1124 N ND2 . ASN A 1 149 ? -8.854  5.122   -13.039 1.00 25.13 ? 149 ASN A ND2 1 
ATOM   1125 N N   . ARG A 1 150 ? -12.278 1.074   -12.732 1.00 30.93 ? 150 ARG A N   1 
ATOM   1126 C CA  . ARG A 1 150 ? -13.284 0.169   -13.273 1.00 32.98 ? 150 ARG A CA  1 
ATOM   1127 C C   . ARG A 1 150 ? -14.223 -0.266  -12.147 1.00 33.25 ? 150 ARG A C   1 
ATOM   1128 O O   . ARG A 1 150 ? -15.441 -0.138  -12.250 1.00 33.43 ? 150 ARG A O   1 
ATOM   1129 C CB  . ARG A 1 150 ? -12.589 -1.053  -13.867 1.00 34.04 ? 150 ARG A CB  1 
ATOM   1130 C CG  . ARG A 1 150 ? -13.353 -1.760  -14.961 1.00 36.37 ? 150 ARG A CG  1 
ATOM   1131 C CD  . ARG A 1 150 ? -12.524 -2.938  -15.455 1.00 38.19 ? 150 ARG A CD  1 
ATOM   1132 N NE  . ARG A 1 150 ? -11.171 -2.514  -15.818 1.00 39.70 ? 150 ARG A NE  1 
ATOM   1133 C CZ  . ARG A 1 150 ? -10.062 -3.170  -15.479 1.00 40.23 ? 150 ARG A CZ  1 
ATOM   1134 N NH1 . ARG A 1 150 ? -10.137 -4.289  -14.765 1.00 40.18 ? 150 ARG A NH1 1 
ATOM   1135 N NH2 . ARG A 1 150 ? -8.876  -2.697  -15.847 1.00 40.51 ? 150 ARG A NH2 1 
ATOM   1136 N N   . ARG A 1 151 ? -13.638 -0.767  -11.063 1.00 33.81 ? 151 ARG A N   1 
ATOM   1137 C CA  . ARG A 1 151 ? -14.412 -1.234  -9.918  1.00 34.60 ? 151 ARG A CA  1 
ATOM   1138 C C   . ARG A 1 151 ? -15.115 -0.119  -9.155  1.00 35.17 ? 151 ARG A C   1 
ATOM   1139 O O   . ARG A 1 151 ? -16.224 -0.304  -8.654  1.00 35.30 ? 151 ARG A O   1 
ATOM   1140 C CB  . ARG A 1 151 ? -13.510 -2.010  -8.961  1.00 34.49 ? 151 ARG A CB  1 
ATOM   1141 C CG  . ARG A 1 151 ? -12.930 -3.281  -9.553  1.00 34.64 ? 151 ARG A CG  1 
ATOM   1142 C CD  . ARG A 1 151 ? -12.143 -4.034  -8.506  1.00 34.44 ? 151 ARG A CD  1 
ATOM   1143 N NE  . ARG A 1 151 ? -11.781 -5.377  -8.940  1.00 35.02 ? 151 ARG A NE  1 
ATOM   1144 C CZ  . ARG A 1 151 ? -10.945 -5.654  -9.934  1.00 34.86 ? 151 ARG A CZ  1 
ATOM   1145 N NH1 . ARG A 1 151 ? -10.364 -4.679  -10.617 1.00 34.81 ? 151 ARG A NH1 1 
ATOM   1146 N NH2 . ARG A 1 151 ? -10.692 -6.917  -10.246 1.00 35.48 ? 151 ARG A NH2 1 
ATOM   1147 N N   . LEU A 1 152 ? -14.466 1.037   -9.068  1.00 36.06 ? 152 LEU A N   1 
ATOM   1148 C CA  . LEU A 1 152 ? -15.025 2.181   -8.358  1.00 37.35 ? 152 LEU A CA  1 
ATOM   1149 C C   . LEU A 1 152 ? -16.266 2.686   -9.091  1.00 38.56 ? 152 LEU A C   1 
ATOM   1150 O O   . LEU A 1 152 ? -17.274 3.027   -8.467  1.00 38.34 ? 152 LEU A O   1 
ATOM   1151 C CB  . LEU A 1 152 ? -13.971 3.287   -8.259  1.00 36.89 ? 152 LEU A CB  1 
ATOM   1152 C CG  . LEU A 1 152 ? -14.151 4.386   -7.211  1.00 36.87 ? 152 LEU A CG  1 
ATOM   1153 C CD1 . LEU A 1 152 ? -14.324 3.773   -5.827  1.00 36.29 ? 152 LEU A CD1 1 
ATOM   1154 C CD2 . LEU A 1 152 ? -12.931 5.307   -7.247  1.00 36.40 ? 152 LEU A CD2 1 
ATOM   1155 N N   . ARG A 1 153 ? -16.190 2.728   -10.416 1.00 40.08 ? 153 ARG A N   1 
ATOM   1156 C CA  . ARG A 1 153 ? -17.318 3.174   -11.225 1.00 42.10 ? 153 ARG A CA  1 
ATOM   1157 C C   . ARG A 1 153 ? -18.484 2.206   -11.065 1.00 43.35 ? 153 ARG A C   1 
ATOM   1158 O O   . ARG A 1 153 ? -19.643 2.618   -11.008 1.00 43.32 ? 153 ARG A O   1 
ATOM   1159 C CB  . ARG A 1 153 ? -16.914 3.262   -12.699 1.00 42.28 ? 153 ARG A CB  1 
ATOM   1160 C CG  . ARG A 1 153 ? -15.983 4.429   -13.001 1.00 42.75 ? 153 ARG A CG  1 
ATOM   1161 C CD  . ARG A 1 153 ? -15.314 4.296   -14.363 1.00 42.95 ? 153 ARG A CD  1 
ATOM   1162 N NE  . ARG A 1 153 ? -14.288 5.319   -14.541 1.00 43.13 ? 153 ARG A NE  1 
ATOM   1163 C CZ  . ARG A 1 153 ? -13.205 5.174   -15.297 1.00 43.48 ? 153 ARG A CZ  1 
ATOM   1164 N NH1 . ARG A 1 153 ? -12.330 6.167   -15.393 1.00 43.51 ? 153 ARG A NH1 1 
ATOM   1165 N NH2 . ARG A 1 153 ? -12.988 4.037   -15.951 1.00 43.36 ? 153 ARG A NH2 1 
ATOM   1166 N N   . ASP A 1 154 ? -18.169 0.918   -10.981 1.00 44.84 ? 154 ASP A N   1 
ATOM   1167 C CA  . ASP A 1 154 ? -19.197 -0.103  -10.836 1.00 46.68 ? 154 ASP A CA  1 
ATOM   1168 C C   . ASP A 1 154 ? -19.853 -0.060  -9.462  1.00 47.92 ? 154 ASP A C   1 
ATOM   1169 O O   . ASP A 1 154 ? -21.056 -0.278  -9.346  1.00 47.86 ? 154 ASP A O   1 
ATOM   1170 C CB  . ASP A 1 154 ? -18.608 -1.492  -11.088 1.00 46.70 ? 154 ASP A CB  1 
ATOM   1171 C CG  . ASP A 1 154 ? -19.668 -2.575  -11.120 1.00 47.06 ? 154 ASP A CG  1 
ATOM   1172 O OD1 . ASP A 1 154 ? -20.574 -2.498  -11.977 0.00 46.89 ? 154 ASP A OD1 1 
ATOM   1173 O OD2 . ASP A 1 154 ? -19.596 -3.503  -10.287 0.00 46.89 ? 154 ASP A OD2 1 
ATOM   1174 N N   . ARG A 1 155 ? -19.064 0.210   -8.421  1.00 49.60 ? 155 ARG A N   1 
ATOM   1175 C CA  . ARG A 1 155 ? -19.604 0.290   -7.065  1.00 51.34 ? 155 ARG A CA  1 
ATOM   1176 C C   . ARG A 1 155 ? -20.716 1.318   -7.066  1.00 52.34 ? 155 ARG A C   1 
ATOM   1177 O O   . ARG A 1 155 ? -21.825 1.050   -6.598  1.00 52.68 ? 155 ARG A O   1 
ATOM   1178 C CB  . ARG A 1 155 ? -18.527 0.708   -6.065  1.00 51.78 ? 155 ARG A CB  1 
ATOM   1179 C CG  . ARG A 1 155 ? -17.508 -0.369  -5.775  1.00 52.44 ? 155 ARG A CG  1 
ATOM   1180 C CD  . ARG A 1 155 ? -17.404 -0.611  -4.281  1.00 53.16 ? 155 ARG A CD  1 
ATOM   1181 N NE  . ARG A 1 155 ? -18.646 -1.138  -3.721  1.00 53.48 ? 155 ARG A NE  1 
ATOM   1182 C CZ  . ARG A 1 155 ? -18.855 -1.329  -2.422  1.00 53.92 ? 155 ARG A CZ  1 
ATOM   1183 N NH1 . ARG A 1 155 ? -17.906 -1.034  -1.544  1.00 53.94 ? 155 ARG A NH1 1 
ATOM   1184 N NH2 . ARG A 1 155 ? -20.011 -1.823  -1.999  1.00 54.33 ? 155 ARG A NH2 1 
ATOM   1185 N N   . LEU A 1 156 ? -20.410 2.502   -7.586  1.00 53.33 ? 156 LEU A N   1 
ATOM   1186 C CA  . LEU A 1 156 ? -21.409 3.551   -7.693  1.00 54.46 ? 156 LEU A CA  1 
ATOM   1187 C C   . LEU A 1 156 ? -22.345 3.057   -8.796  1.00 55.13 ? 156 LEU A C   1 
ATOM   1188 O O   . LEU A 1 156 ? -22.463 1.851   -9.005  1.00 55.49 ? 156 LEU A O   1 
ATOM   1189 C CB  . LEU A 1 156 ? -20.752 4.880   -8.083  1.00 54.76 ? 156 LEU A CB  1 
ATOM   1190 C CG  . LEU A 1 156 ? -19.912 5.595   -7.013  1.00 54.93 ? 156 LEU A CG  1 
ATOM   1191 C CD1 . LEU A 1 156 ? -18.718 4.751   -6.592  1.00 55.09 ? 156 LEU A CD1 1 
ATOM   1192 C CD2 . LEU A 1 156 ? -19.441 6.928   -7.568  1.00 55.35 ? 156 LEU A CD2 1 
ATOM   1193 N N   . ASN A 1 157 ? -23.005 3.959   -9.512  1.00 55.69 ? 157 ASN A N   1 
ATOM   1194 C CA  . ASN A 1 157 ? -23.910 3.520   -10.572 1.00 56.23 ? 157 ASN A CA  1 
ATOM   1195 C C   . ASN A 1 157 ? -24.924 2.511   -10.025 1.00 56.41 ? 157 ASN A C   1 
ATOM   1196 O O   . ASN A 1 157 ? -25.029 2.381   -8.784  1.00 56.48 ? 157 ASN A O   1 
ATOM   1197 C CB  . ASN A 1 157 ? -23.119 2.870   -11.715 1.00 56.46 ? 157 ASN A CB  1 
ATOM   1198 C CG  . ASN A 1 157 ? -22.163 3.838   -12.391 1.00 56.86 ? 157 ASN A CG  1 
ATOM   1199 O OD1 . ASN A 1 157 ? -21.332 4.468   -11.733 1.00 57.24 ? 157 ASN A OD1 1 
ATOM   1200 N ND2 . ASN A 1 157 ? -22.271 3.952   -13.712 1.00 56.68 ? 157 ASN A ND2 1 
ATOM   1201 O OXT . ASN A 1 157 ? -25.605 1.862   -10.847 1.00 56.46 ? 157 ASN A OXT 1 
HETATM 1202 O O   . HOH B 2 .   ? -19.804 16.781  -10.867 0.5  10.00 ? 158 HOH A O   1 
HETATM 1203 O O   . HOH B 2 .   ? -3.247  6.076   1.277   1.00 12.03 ? 159 HOH A O   1 
HETATM 1204 O O   . HOH B 2 .   ? 7.374   0.620   10.231  1.00 14.97 ? 160 HOH A O   1 
HETATM 1205 O O   . HOH B 2 .   ? 5.788   13.711  -10.394 1.00 18.47 ? 161 HOH A O   1 
HETATM 1206 O O   . HOH B 2 .   ? -1.951  6.925   -1.904  1.00 18.52 ? 162 HOH A O   1 
HETATM 1207 O O   . HOH B 2 .   ? 14.115  1.811   18.121  1.00 19.13 ? 163 HOH A O   1 
HETATM 1208 O O   . HOH B 2 .   ? 11.473  -0.032  11.569  1.00 19.39 ? 164 HOH A O   1 
HETATM 1209 O O   . HOH B 2 .   ? -6.499  -2.587  -3.572  1.00 20.04 ? 165 HOH A O   1 
HETATM 1210 O O   . HOH B 2 .   ? 13.559  1.902   11.310  1.00 21.17 ? 166 HOH A O   1 
HETATM 1211 O O   . HOH B 2 .   ? 4.758   -4.301  13.567  1.00 21.49 ? 167 HOH A O   1 
HETATM 1212 O O   . HOH B 2 .   ? 3.565   -1.089  11.617  1.00 21.70 ? 168 HOH A O   1 
HETATM 1213 O O   . HOH B 2 .   ? 15.200  -7.345  4.179   1.00 21.84 ? 169 HOH A O   1 
HETATM 1214 O O   . HOH B 2 .   ? 1.911   -3.644  13.014  1.00 22.96 ? 170 HOH A O   1 
HETATM 1215 O O   . HOH B 2 .   ? 6.454   3.323   10.037  1.00 23.15 ? 171 HOH A O   1 
HETATM 1216 O O   . HOH B 2 .   ? 14.603  9.954   19.990  0.5  23.39 ? 172 HOH A O   1 
HETATM 1217 O O   . HOH B 2 .   ? 4.844   -0.315  9.241   1.00 23.89 ? 173 HOH A O   1 
HETATM 1218 O O   . HOH B 2 .   ? 18.487  -4.252  -1.947  0.5  24.82 ? 174 HOH A O   1 
HETATM 1219 O O   . HOH B 2 .   ? -2.733  1.268   1.981   1.00 24.93 ? 175 HOH A O   1 
HETATM 1220 O O   . HOH B 2 .   ? 7.733   4.680   -10.154 1.00 25.21 ? 176 HOH A O   1 
HETATM 1221 O O   . HOH B 2 .   ? -15.019 16.248  -10.294 1.00 25.69 ? 177 HOH A O   1 
HETATM 1222 O O   . HOH B 2 .   ? 19.232  -1.339  -5.125  1.00 27.17 ? 178 HOH A O   1 
HETATM 1223 O O   . HOH B 2 .   ? -5.890  6.810   3.313   1.00 27.40 ? 179 HOH A O   1 
HETATM 1224 O O   . HOH B 2 .   ? 14.708  3.400   13.611  1.00 27.75 ? 180 HOH A O   1 
HETATM 1225 O O   . HOH B 2 .   ? -4.178  3.359   2.181   1.00 28.23 ? 181 HOH A O   1 
HETATM 1226 O O   . HOH B 2 .   ? -9.046  12.701  -11.690 1.00 28.36 ? 182 HOH A O   1 
HETATM 1227 O O   . HOH B 2 .   ? 7.282   -14.000 13.073  1.00 29.18 ? 183 HOH A O   1 
HETATM 1228 O O   . HOH B 2 .   ? 14.739  -7.043  21.764  1.00 29.77 ? 184 HOH A O   1 
HETATM 1229 O O   . HOH B 2 .   ? 13.668  9.464   17.553  1.00 29.82 ? 185 HOH A O   1 
HETATM 1230 O O   . HOH B 2 .   ? 12.476  10.111  -1.275  1.00 29.97 ? 186 HOH A O   1 
HETATM 1231 O O   . HOH B 2 .   ? -8.637  3.738   3.604   1.00 29.98 ? 187 HOH A O   1 
HETATM 1232 O O   . HOH B 2 .   ? -6.470  2.201   2.192   1.00 30.24 ? 188 HOH A O   1 
HETATM 1233 O O   . HOH B 2 .   ? 15.927  2.587   15.707  1.00 30.74 ? 189 HOH A O   1 
HETATM 1234 O O   . HOH B 2 .   ? 2.223   5.135   -10.435 1.00 30.87 ? 190 HOH A O   1 
HETATM 1235 O O   . HOH B 2 .   ? 5.364   13.194  -1.939  1.00 31.21 ? 191 HOH A O   1 
HETATM 1236 O O   . HOH B 2 .   ? -4.039  1.849   -15.045 1.00 31.39 ? 192 HOH A O   1 
HETATM 1237 O O   . HOH B 2 .   ? 6.147   15.580  6.298   1.00 31.47 ? 193 HOH A O   1 
HETATM 1238 O O   . HOH B 2 .   ? 3.360   3.465   1.274   1.00 31.94 ? 194 HOH A O   1 
HETATM 1239 O O   . HOH B 2 .   ? 19.252  -3.672  10.063  1.00 31.96 ? 195 HOH A O   1 
HETATM 1240 O O   . HOH B 2 .   ? 0.115   9.186   -2.500  1.00 32.38 ? 196 HOH A O   1 
HETATM 1241 O O   . HOH B 2 .   ? 1.789   -10.752 14.939  1.00 33.34 ? 197 HOH A O   1 
HETATM 1242 O O   . HOH B 2 .   ? 3.747   14.884  9.346   1.00 33.49 ? 198 HOH A O   1 
HETATM 1243 O O   . HOH B 2 .   ? 3.973   0.513   1.792   1.00 33.67 ? 199 HOH A O   1 
HETATM 1244 O O   . HOH B 2 .   ? -13.948 9.087   -9.890  1.00 33.79 ? 200 HOH A O   1 
HETATM 1245 O O   . HOH B 2 .   ? 14.090  -11.844 8.925   1.00 33.93 ? 201 HOH A O   1 
HETATM 1246 O O   . HOH B 2 .   ? 2.664   15.191  5.734   1.00 33.98 ? 202 HOH A O   1 
HETATM 1247 O O   . HOH B 2 .   ? 18.630  -6.714  9.377   1.00 33.99 ? 203 HOH A O   1 
HETATM 1248 O O   . HOH B 2 .   ? 1.565   -8.758  -8.636  1.00 34.01 ? 204 HOH A O   1 
HETATM 1249 O O   . HOH B 2 .   ? 16.151  -9.657  3.343   1.00 34.22 ? 205 HOH A O   1 
HETATM 1250 O O   . HOH B 2 .   ? -10.559 0.962   4.781   1.00 34.58 ? 206 HOH A O   1 
HETATM 1251 O O   . HOH B 2 .   ? -13.248 -8.995  3.240   1.00 35.06 ? 207 HOH A O   1 
HETATM 1252 O O   . HOH B 2 .   ? -1.063  0.686   -12.304 1.00 35.63 ? 208 HOH A O   1 
HETATM 1253 O O   . HOH B 2 .   ? 4.137   -0.328  15.361  1.00 35.64 ? 209 HOH A O   1 
HETATM 1254 O O   . HOH B 2 .   ? -13.840 -4.281  5.119   1.00 36.04 ? 210 HOH A O   1 
HETATM 1255 O O   . HOH B 2 .   ? -14.238 3.181   3.550   1.00 36.29 ? 211 HOH A O   1 
HETATM 1256 O O   . HOH B 2 .   ? -5.164  5.718   -14.326 1.00 38.07 ? 212 HOH A O   1 
HETATM 1257 O O   . HOH B 2 .   ? 13.314  -14.215 8.880   1.00 38.58 ? 213 HOH A O   1 
HETATM 1258 O O   . HOH B 2 .   ? -2.223  18.232  -9.705  1.00 38.79 ? 214 HOH A O   1 
HETATM 1259 O O   . HOH B 2 .   ? 4.738   14.190  4.415   1.00 38.94 ? 215 HOH A O   1 
HETATM 1260 O O   . HOH B 2 .   ? -8.717  -11.661 -5.381  1.00 38.99 ? 216 HOH A O   1 
HETATM 1261 O O   . HOH B 2 .   ? -12.698 -11.053 0.407   1.00 39.33 ? 217 HOH A O   1 
HETATM 1262 O O   . HOH B 2 .   ? 10.525  -7.141  21.744  1.00 39.35 ? 218 HOH A O   1 
HETATM 1263 O O   . HOH B 2 .   ? 5.129   16.032  -11.112 1.00 39.64 ? 219 HOH A O   1 
HETATM 1264 O O   . HOH B 2 .   ? 20.771  -1.978  13.124  1.00 39.75 ? 220 HOH A O   1 
HETATM 1265 O O   . HOH B 2 .   ? 2.783   1.502   -0.489  1.00 39.92 ? 221 HOH A O   1 
HETATM 1266 O O   . HOH B 2 .   ? 11.027  -3.469  -11.459 1.00 40.06 ? 222 HOH A O   1 
HETATM 1267 O O   . HOH B 2 .   ? -2.269  9.467   -13.853 1.00 40.44 ? 223 HOH A O   1 
HETATM 1268 O O   . HOH B 2 .   ? 8.300   0.424   -13.119 1.00 40.44 ? 224 HOH A O   1 
HETATM 1269 O O   . HOH B 2 .   ? -12.949 7.626   3.164   1.00 40.49 ? 225 HOH A O   1 
HETATM 1270 O O   . HOH B 2 .   ? -17.010 -2.996  -8.385  1.00 40.54 ? 226 HOH A O   1 
HETATM 1271 O O   . HOH B 2 .   ? 13.704  -5.077  -10.354 1.00 40.74 ? 227 HOH A O   1 
HETATM 1272 O O   . HOH B 2 .   ? 17.090  -13.459 2.985   1.00 40.92 ? 228 HOH A O   1 
HETATM 1273 O O   . HOH B 2 .   ? -10.250 6.305   -16.903 1.00 41.11 ? 229 HOH A O   1 
HETATM 1274 O O   . HOH B 2 .   ? -17.824 11.958  1.021   1.00 41.37 ? 230 HOH A O   1 
HETATM 1275 O O   . HOH B 2 .   ? -0.990  15.724  -10.060 1.00 41.65 ? 231 HOH A O   1 
HETATM 1276 O O   . HOH B 2 .   ? 12.539  -5.838  22.615  1.00 41.86 ? 232 HOH A O   1 
HETATM 1277 O O   . HOH B 2 .   ? -2.798  -0.202  -14.193 1.00 41.87 ? 233 HOH A O   1 
HETATM 1278 O O   . HOH B 2 .   ? -15.018 2.073   -16.493 1.00 42.06 ? 234 HOH A O   1 
HETATM 1279 O O   . HOH B 2 .   ? 3.513   -8.598  -10.349 1.00 42.33 ? 235 HOH A O   1 
HETATM 1280 O O   . HOH B 2 .   ? -3.741  3.997   4.714   1.00 42.72 ? 236 HOH A O   1 
HETATM 1281 O O   . HOH B 2 .   ? 10.396  -0.833  -11.041 1.00 42.81 ? 237 HOH A O   1 
HETATM 1282 O O   . HOH B 2 .   ? -2.290  -13.804 -2.681  1.00 43.06 ? 238 HOH A O   1 
HETATM 1283 O O   . HOH B 2 .   ? -17.454 9.814   -8.094  1.00 43.37 ? 239 HOH A O   1 
HETATM 1284 O O   . HOH B 2 .   ? -21.367 2.463   -18.354 1.00 43.55 ? 240 HOH A O   1 
HETATM 1285 O O   . HOH B 2 .   ? 0.172   -9.018  -10.943 1.00 43.90 ? 241 HOH A O   1 
HETATM 1286 O O   . HOH B 2 .   ? -16.488 0.355   -15.300 1.00 44.67 ? 242 HOH A O   1 
HETATM 1287 O O   . HOH B 2 .   ? -1.788  -14.441 0.985   1.00 44.71 ? 243 HOH A O   1 
HETATM 1288 O O   . HOH B 2 .   ? 15.410  -1.216  20.986  1.00 44.82 ? 244 HOH A O   1 
HETATM 1289 O O   . HOH B 2 .   ? -18.755 16.354  -8.697  1.00 44.87 ? 245 HOH A O   1 
HETATM 1290 O O   . HOH B 2 .   ? 21.827  -3.197  10.997  1.00 45.02 ? 246 HOH A O   1 
HETATM 1291 O O   . HOH B 2 .   ? 3.929   -11.054 -11.595 1.00 45.16 ? 247 HOH A O   1 
HETATM 1292 O O   . HOH B 2 .   ? -13.367 -7.152  -7.425  1.00 45.17 ? 248 HOH A O   1 
HETATM 1293 O O   . HOH B 2 .   ? 0.299   -3.235  -14.675 1.00 45.31 ? 249 HOH A O   1 
HETATM 1294 O O   . HOH B 2 .   ? -6.502  -11.873 -7.286  1.00 45.38 ? 250 HOH A O   1 
HETATM 1295 O O   . HOH B 2 .   ? 14.297  -16.710 13.469  1.00 45.55 ? 251 HOH A O   1 
HETATM 1296 O O   . HOH B 2 .   ? -21.060 15.151  -9.773  1.00 45.74 ? 252 HOH A O   1 
HETATM 1297 O O   . HOH B 2 .   ? -4.041  -6.049  -15.137 1.00 45.92 ? 253 HOH A O   1 
HETATM 1298 O O   . HOH B 2 .   ? 0.821   2.448   2.729   1.00 46.21 ? 254 HOH A O   1 
HETATM 1299 O O   . HOH B 2 .   ? -2.369  12.567  -6.057  1.00 46.25 ? 255 HOH A O   1 
HETATM 1300 O O   . HOH B 2 .   ? -3.257  1.553   5.635   1.00 46.38 ? 256 HOH A O   1 
HETATM 1301 O O   . HOH B 2 .   ? 2.048   -12.395 10.372  1.00 47.27 ? 257 HOH A O   1 
HETATM 1302 O O   . HOH B 2 .   ? -1.376  -2.028  15.113  1.00 47.28 ? 258 HOH A O   1 
HETATM 1303 O O   . HOH B 2 .   ? 2.990   5.588   4.521   1.00 47.35 ? 259 HOH A O   1 
HETATM 1304 O O   . HOH B 2 .   ? 8.757   -10.460 15.031  1.00 47.66 ? 260 HOH A O   1 
HETATM 1305 O O   . HOH B 2 .   ? -24.100 -1.522  -8.602  1.00 47.68 ? 261 HOH A O   1 
HETATM 1306 O O   . HOH B 2 .   ? -6.931  5.055   -16.438 1.00 47.92 ? 262 HOH A O   1 
HETATM 1307 O O   . HOH B 2 .   ? 2.425   -16.436 4.307   1.00 48.53 ? 263 HOH A O   1 
HETATM 1308 O O   . HOH B 2 .   ? -1.478  3.173   18.388  1.00 48.81 ? 264 HOH A O   1 
HETATM 1309 O O   . HOH B 2 .   ? -12.779 10.827  -16.154 1.00 48.96 ? 265 HOH A O   1 
HETATM 1310 O O   . HOH B 2 .   ? 1.152   -12.328 -5.692  1.00 51.08 ? 266 HOH A O   1 
HETATM 1311 O O   . HOH B 2 .   ? -8.797  -6.009  3.591   1.00 51.45 ? 267 HOH A O   1 
HETATM 1312 O O   . HOH B 2 .   ? -3.696  -9.781  -12.970 1.00 51.47 ? 268 HOH A O   1 
HETATM 1313 O O   . HOH B 2 .   ? -2.299  4.345   -14.781 1.00 51.83 ? 269 HOH A O   1 
HETATM 1314 O O   . HOH B 2 .   ? 20.387  -15.088 0.148   1.00 52.39 ? 270 HOH A O   1 
HETATM 1315 O O   . HOH B 2 .   ? 14.452  -11.751 -1.224  1.00 52.58 ? 271 HOH A O   1 
HETATM 1316 O O   . HOH B 2 .   ? -16.025 8.880   -11.430 1.00 52.71 ? 272 HOH A O   1 
HETATM 1317 O O   . HOH B 2 .   ? -19.643 3.640   -16.395 1.00 54.61 ? 273 HOH A O   1 
HETATM 1318 O O   . HOH B 2 .   ? 11.933  -14.927 12.101  1.00 55.61 ? 274 HOH A O   1 
HETATM 1319 O O   . HOH B 2 .   ? 4.517   5.397   -11.549 1.00 56.10 ? 275 HOH A O   1 
HETATM 1320 O O   . HOH B 2 .   ? 1.334   7.239   7.007   1.00 56.35 ? 276 HOH A O   1 
HETATM 1321 O O   . HOH B 2 .   ? 3.872   -5.624  -18.420 1.00 56.93 ? 277 HOH A O   1 
HETATM 1322 O O   . HOH B 2 .   ? -20.286 10.975  1.528   1.00 57.48 ? 278 HOH A O   1 
HETATM 1323 O O   . HOH B 2 .   ? -12.490 6.664   -10.864 1.00 57.51 ? 279 HOH A O   1 
HETATM 1324 O O   . HOH B 2 .   ? 7.986   -12.569 -6.756  1.00 57.82 ? 280 HOH A O   1 
HETATM 1325 O O   . HOH B 2 .   ? -4.571  12.394  5.401   1.00 58.25 ? 281 HOH A O   1 
HETATM 1326 O O   . HOH B 2 .   ? 0.865   7.768   2.199   1.00 58.29 ? 282 HOH A O   1 
HETATM 1327 O O   . HOH B 2 .   ? 1.070   -0.197  8.169   1.00 58.71 ? 283 HOH A O   1 
HETATM 1328 O O   . HOH B 2 .   ? -12.703 -11.640 3.594   1.00 61.01 ? 284 HOH A O   1 
HETATM 1329 O O   . HOH B 2 .   ? 1.206   -2.034  15.254  1.00 61.02 ? 285 HOH A O   1 
HETATM 1330 O O   . HOH B 2 .   ? 15.578  -8.402  17.108  1.00 61.23 ? 286 HOH A O   1 
HETATM 1331 O O   . HOH B 2 .   ? -8.557  -8.804  -15.794 1.00 64.01 ? 287 HOH A O   1 
HETATM 1332 O O   . HOH B 2 .   ? -0.864  8.149   8.267   1.00 64.11 ? 288 HOH A O   1 
HETATM 1333 O O   . HOH B 2 .   ? -8.085  -13.768 5.256   1.00 64.62 ? 289 HOH A O   1 
# 
